data_9C82
#
_entry.id   9C82
#
_cell.length_a   1.00
_cell.length_b   1.00
_cell.length_c   1.00
_cell.angle_alpha   90.00
_cell.angle_beta   90.00
_cell.angle_gamma   90.00
#
_symmetry.space_group_name_H-M   'P 1'
#
loop_
_entity.id
_entity.type
_entity.pdbx_description
1 polymer 'Phosphoinositide 3-kinase regulatory subunit 4'
2 polymer 'Phosphatidylinositol 3-kinase catalytic subunit type 3'
3 polymer 'Beclin 1-associated autophagy-related key regulator'
4 polymer Beclin-1
5 polymer 'RB1-inducible coiled-coil protein 1'
#
loop_
_entity_poly.entity_id
_entity_poly.type
_entity_poly.pdbx_seq_one_letter_code
_entity_poly.pdbx_strand_id
1 'polypeptide(L)'
;MGNQLAGIAPSQILSVESYFSDIHDFEYDKSLGSTRFFKVARAKHREGLVVVKVFAIQDPTLPLTSYKQELEELKIRLNS
AQNCLPFQKASEKASEKAAMLFRQYVRDNLYDRISTRPFLNNIEKRWIAFQILTAVDQAHKSGVRHGDIKTENVMVTSWN
WVLLTDFASFKPTYLPEDNPADFNYFFDTSRRRTCYIAPERFVDGGMFATELEYMRDPSTPLVDLNSNQRTRGELKRAMD
IFSAGCVIAELFTEGVPLFDLSQLLAYRNGHFFPEQVLNKIEDHSIRELVTQMIHREPDKRLEAEDYLKQQRGNAFPEIF
YTFLQPYMAQFAKETFLSADERILVIRKDLGNIIHNLCGHDLPEKAEGEPKENGLVILVSVITSCLQTLKYCDSKLAALE
LILHLAPRLSVEILLDRITPYLLHFSNDSVPRVRAEALRTLTKVLALVKEVPRNDINIYPEYILPGIAHLAQDDATIVRL
AYAENIALLAETALRFLELVQLKNLNMENDPNNEEIDEVTHPNGNYDTELQALHEMVQQKVVTLLSDPENIVKQTLMENG
ITRLCVFFGRQKANDVLLSHMITFLNDKNDWHLRGAFFDSIVGVAAYVGWQSSSILKPLLQQGLSDAEEFVIVKALYALT
CMCQLGLLQKPHVYEFASDIAPFLCHPNLWIRYGAVGFITVVARQISTADVYCKLMPYLDPYITQPIIQIERKLVLLSVL
KEPVSRSIFDYALRSKDITSLFRHLHMRQKKRNGSLPDCPPPEDPAIAQLLKKLLSQGMTEEEEDKLLALKDFMMKSNKA
KANIVDQSHLHDSSQKGVIDLAALGITGRQVDLVKTKQEPDDKRARKHVKQDSNVNEEWKSMFGSLDPPNMPQALPKGSD
QEVIQTGKPPRSESSAGICVPLSTSSQVPEVTTVQNKKPVIPVLSSTILPSTYQIRITTCKTELQQLIQQKREQCNAERI
AKQMMENAEWESKPPPPGWRPKGLLVAHLHEHKSAVNRIRVSDEHSLFATCSNDGTVKIWNSQKMEGKTTTTRSILTYSR
IGGRVKTLTFCQGSHYLAIASDNGAVQLLGIEASKLPKSPKIHPLQSRILDQKEDGCVVDMHHFNSGAQSVLAYATVNGS
LVGWDLRSSSNAWTLKHDLKSGLITSFAVDIHQCWLCIGTSSGTMACWDMRFQLPISSHCHPSRARIRRLSMHPLYQSWV
IAAVQGNNEVSMWDMETGDRRFTLWASSAPPLSELQPSPHSVHGIYCSPADGNPILLTAGSDMKIRFWDLAYPERSYVVA
GSTSSPSVSYYRKIIEGTEVVQEIQNKQKVGPSDDTPRRGPESLPVGHHDIITDVATFQTTQGFIVTASRDGIVKVWK
;
A
2 'polypeptide(L)'
;MGEAEKFHYIYSCDLDINVQLKIGSLEGKREQKSYKAVLEDPMLKFSGLYQETCSDLYVTCQVFAEGKPLALPVRTSYKA
FSTRWNWNEWLKLPVKYPDLPRNAQVALTIWDVYGPGKAVPVGGTTVSLFGKYGMFRQGMHDLKVWPNVEADGSEPTKTP
GRTSSTLSEDQMSRLAKLTKAHRQGHMVKVDWLDRLTFREIEMINESEKRSSNFMYLMVEFRCVKCDDKEYGIVYYEKDG
DESSPILTSFELVKVPDPQMSMENLVESKHHKLARSLRSGPSDHDLKPNAATRDQLNIIVSYPPTKQLTYEEQDLVWKFR
YYLTNQEKALTKFLKCVNWDLPQEAKQALELLGKWKPMDVEDSLELLSSHYTNPTVRRYAVARLRQADDEDLLMYLLQLV
QALKYENFDDIKNGLEPTKKDSQSSVSENVSNSGINSAEIDSSQIITSPLPSVSSPPPASKTKEVPDGENLEQDLCTFLI
SRACKNSTLANYLYWYVIVECEDQDTQQRDPKTHEMYLNVMRRFSQALLKGDKSVRVMRSLLAAQQTFVDRLVHLMKAVQ
RESGNRKKKNERLQALLGDNEKMNLSDVELIPLPLEPQVKIRGIIPETATLFKSALMPAQLFFKTEDGGKYPVIFKHGDD
LRQDQLILQIISLMDKLLRKENLDLKLTPYKVLATSTKHGFMQFIQSVPVAEVLDTEGSIQNFFRKYAPSENGPNGISAE
VMDTYVKSCAGYCVITYILGVGDRHLDNLLLTKTGKLFHIDFGYILGRDPKPLPPPMKLNKEMVEGMGGTQSEQYQEFRK
QCYTAFLHLRRYSNLILNLFSLMVDANIPDIALEPDKTVKKVQDKFRLDLSDEEAVHYMQSLIDESVHALFAAVVEQIHK
FAQYWRK
;
B
3 'polypeptide(L)'
;MASPSGKGARALEAPGCGPRPLARDLVDSVDDAEGLYVAVERCPLCNTTRRRLTCAKCVQSGDFVYFDGRDRERFIDKKE
RLSRLKSKQEEFQKEVLKAMEGKWITDQLRWKIMSCKMRIEQLKQTICKGNEEMEKNSEGLLKTKEKNQKLYSRAQRHQE
KKEKIQRHNRKLGDLVEKKTIDLRSHYERLANLRRSHILELTSVIFPIEEVKTGVRDPADVSSESDSAMTSSTVSKLAEA
RRTTYLSGRWVCDDHNGDTSISITGPWISLPNNGDYSAYYSWVEEKKTTQGPDMEQSNPAYTISAALCYATQLVNILSHI
LDVNLPKKLCNSEFCGENLSKQKFTRAVKKLNANILYLCFSQHVNLDQLQPLHTLRNLMYLVSPSSEHLGRSGPFEVRAD
LEESMEFVDPGVAGESDESGDERVSDEETDLGTDWENLPSPRFCDIPSQSVEVSQSQSTQASPPIASSSAGGMISSAAAS
VTSWFKAYTGHR
;
C
4 'polypeptide(L)'
;MEGSKTSNNSTMQVSFVCQRCSQPLKLDTSFKILDRVTIQELTAPLLTTAQAKPGETQEEETNSGEEPFIETPRQDGVSR
RFIPPARMMSTESANSFTLIGEASDGGTMENLSRRLKVTGDLFDIMSGQTDVDHPLCEECTDTLLDQLDTQLNVTENECQ
NYKRCLEILEQMNEDDSEQLQMELKELALEEERLIQELEDVEKNRKIVAENLEKVQAEAERLDQEEAQYQREYSEFKRQQ
LELDDELKSVENQMRYAQTQLDKLKKTNVFNATFHIWHSGQFGTINNFRLGRLPSVPVEWNEINAAWGQTVLLLHALANK
MGLKFQRYRLVPYGNHSYLESLTDKSKELPLYCSGGLRFFWDNKFDHAMVAFLDCVQQFKEEVEKGETRFCLPYRMDVEK
GKIEDTGGSGGSYSIKTQFNSEEQWTKALKFMLTNLKWGLAWVSSQFYNK
;
D
5 'polypeptide(L)'
;MKLYVFLVNTGTTLTFDTELTVQTVADLKHAIQSKYKIAIQHQVLVVNGGECMAADRRVCTYSAGTDTNPIFLFNKEMIL
CDRPPAIPKTTFSTENDMEIKVEESLMMPAVFHTVASRTQLALEMYEVAKKLCSFCEGLVHDEHLQHQGWAAIMANLEDC
SNSYQKLLFKFESIYSNYLQSIEDIKLKLTHLGTAVSVMAKIPLLECLTRHSYRECLGRLDSLPEHEDSEKAEMKRSTEL
VLSPDMPRTTNESLLTSFPKSVEHVSPDTADAESGKEIRESCQSTVHQQDETTIDTKDGDLPFFNVSLLDWINVQDRPND
VESLVRKCFDSMSRLDPRIIRPFIAECRQTIAKLDNQNMKAIKGLEDRLYALDQMIASCGRLVNEQKELAQGFLANQKRA
ENLKDASVLPDLCLSHANQLMIMLQNHRKLLDIKQKCTTAKQELANNLHVRLKWCCFVMLHADQDGEKLQALLRLVIELL
ERVKIVEALSTVPQMYCLAVVEVVRRKMFIKHYREWAGALVKDGKRLYEAEKSKRESFGKLFRKSFLRNRLFRGLDSWPP
SFCTQKPRKFDCELPDISLKDLQFLQSFCPSEVQPFLRVPLLCDFEPLHQHVLALHNLVKAAQSLDEMSQTITDLLSEQK
;
F
#
# COMPACT_ATOMS: atom_id res chain seq x y z
N LEU A 64 -73.29 -8.53 -0.31
CA LEU A 64 -71.91 -8.85 -0.66
C LEU A 64 -71.03 -7.62 -0.54
N THR A 65 -71.57 -6.45 -0.93
CA THR A 65 -70.80 -5.22 -0.84
C THR A 65 -70.42 -4.90 0.59
N SER A 66 -71.32 -5.14 1.55
CA SER A 66 -70.97 -4.97 2.96
C SER A 66 -69.80 -5.88 3.33
N TYR A 67 -69.85 -7.13 2.87
CA TYR A 67 -68.70 -8.01 3.04
C TYR A 67 -67.44 -7.43 2.40
N LYS A 68 -67.59 -6.57 1.39
CA LYS A 68 -66.41 -5.91 0.82
C LYS A 68 -65.76 -4.97 1.82
N GLN A 69 -66.54 -4.15 2.49
CA GLN A 69 -65.99 -3.28 3.53
C GLN A 69 -65.44 -4.10 4.69
N GLU A 70 -66.12 -5.19 5.04
CA GLU A 70 -65.62 -6.08 6.09
C GLU A 70 -64.25 -6.63 5.72
N LEU A 71 -64.09 -7.07 4.47
CA LEU A 71 -62.81 -7.60 4.02
C LEU A 71 -61.75 -6.52 3.96
N GLU A 72 -62.12 -5.30 3.58
CA GLU A 72 -61.16 -4.20 3.59
C GLU A 72 -60.66 -3.94 5.00
N GLU A 73 -61.57 -3.93 5.98
CA GLU A 73 -61.16 -3.75 7.36
C GLU A 73 -60.30 -4.92 7.84
N LEU A 74 -60.65 -6.14 7.46
CA LEU A 74 -59.85 -7.30 7.84
C LEU A 74 -58.46 -7.22 7.23
N LYS A 75 -58.35 -6.73 6.00
CA LYS A 75 -57.05 -6.56 5.37
C LYS A 75 -56.24 -5.48 6.10
N ILE A 76 -56.89 -4.38 6.44
CA ILE A 76 -56.19 -3.33 7.19
C ILE A 76 -55.66 -3.91 8.50
N ARG A 77 -56.47 -4.71 9.17
CA ARG A 77 -56.05 -5.34 10.41
C ARG A 77 -54.88 -6.30 10.19
N LEU A 78 -55.02 -7.19 9.20
CA LEU A 78 -54.00 -8.21 8.95
C LEU A 78 -52.72 -7.62 8.36
N ASN A 79 -52.73 -6.33 7.99
CA ASN A 79 -51.50 -5.68 7.57
C ASN A 79 -50.32 -6.12 8.43
N SER A 80 -50.54 -6.25 9.74
CA SER A 80 -49.51 -6.80 10.62
C SER A 80 -49.20 -8.24 10.25
N ALA A 81 -50.17 -8.94 9.68
CA ALA A 81 -50.00 -10.34 9.28
C ALA A 81 -49.16 -10.43 8.01
N GLN A 82 -47.84 -10.47 8.16
CA GLN A 82 -46.97 -10.59 6.99
C GLN A 82 -47.28 -11.87 6.22
N ASN A 83 -47.90 -12.84 6.86
CA ASN A 83 -48.29 -14.09 6.22
C ASN A 83 -49.59 -13.96 5.42
N CYS A 84 -49.98 -12.74 5.06
CA CYS A 84 -51.17 -12.50 4.27
C CYS A 84 -50.80 -11.76 3.00
N LEU A 85 -51.50 -12.10 1.91
CA LEU A 85 -51.28 -11.49 0.60
C LEU A 85 -52.62 -11.05 0.01
N PRO A 86 -53.20 -9.97 0.56
CA PRO A 86 -54.50 -9.47 0.10
C PRO A 86 -54.41 -8.79 -1.27
N TYR A 105 -49.07 -9.95 -9.38
CA TYR A 105 -49.33 -11.38 -9.19
C TYR A 105 -48.24 -12.04 -8.35
N VAL A 106 -48.56 -13.19 -7.78
CA VAL A 106 -47.60 -13.99 -7.00
C VAL A 106 -47.37 -15.28 -7.77
N ARG A 107 -46.50 -16.13 -7.24
CA ARG A 107 -46.22 -17.40 -7.90
C ARG A 107 -47.53 -18.15 -8.20
N ASP A 108 -48.26 -18.53 -7.17
CA ASP A 108 -49.49 -19.28 -7.34
C ASP A 108 -50.10 -19.52 -5.96
N ASN A 109 -51.24 -20.19 -5.96
CA ASN A 109 -51.84 -20.68 -4.71
C ASN A 109 -51.12 -21.94 -4.25
N LEU A 110 -51.34 -22.30 -2.98
CA LEU A 110 -50.70 -23.49 -2.43
C LEU A 110 -51.10 -24.73 -3.23
N TYR A 111 -52.39 -24.86 -3.56
CA TYR A 111 -52.81 -25.92 -4.45
C TYR A 111 -52.28 -25.73 -5.86
N ASP A 112 -52.17 -24.48 -6.32
CA ASP A 112 -51.55 -24.22 -7.62
C ASP A 112 -50.09 -24.65 -7.61
N ARG A 113 -49.37 -24.35 -6.52
CA ARG A 113 -48.01 -24.86 -6.38
C ARG A 113 -47.99 -26.38 -6.36
N ILE A 114 -49.03 -26.99 -5.79
CA ILE A 114 -49.19 -28.44 -5.90
C ILE A 114 -49.24 -28.83 -7.38
N SER A 115 -49.95 -28.03 -8.17
CA SER A 115 -50.06 -28.30 -9.60
C SER A 115 -48.85 -27.78 -10.35
N THR A 116 -48.91 -26.52 -10.76
CA THR A 116 -47.80 -25.92 -11.51
C THR A 116 -46.58 -25.70 -10.63
N ARG A 117 -45.40 -25.69 -11.23
CA ARG A 117 -44.17 -25.46 -10.48
C ARG A 117 -44.08 -26.37 -9.25
N PRO A 118 -44.16 -27.68 -9.48
CA PRO A 118 -44.69 -28.61 -8.48
C PRO A 118 -43.62 -29.10 -7.51
N PHE A 119 -42.61 -28.27 -7.26
CA PHE A 119 -41.53 -28.64 -6.36
C PHE A 119 -41.92 -28.39 -4.91
N LEU A 120 -42.87 -29.16 -4.40
CA LEU A 120 -43.29 -29.01 -3.02
C LEU A 120 -42.38 -29.82 -2.11
N ASN A 121 -41.21 -29.28 -1.81
CA ASN A 121 -40.25 -30.00 -0.98
C ASN A 121 -40.79 -30.20 0.43
N ASN A 122 -40.33 -31.26 1.10
CA ASN A 122 -40.75 -31.50 2.47
C ASN A 122 -40.36 -30.31 3.34
N ILE A 123 -39.17 -29.78 3.12
CA ILE A 123 -38.74 -28.61 3.87
C ILE A 123 -39.66 -27.47 3.55
N GLU A 124 -39.98 -27.29 2.27
CA GLU A 124 -40.89 -26.24 1.87
C GLU A 124 -42.26 -26.48 2.48
N LYS A 125 -42.69 -27.73 2.49
CA LYS A 125 -43.98 -28.08 3.08
C LYS A 125 -44.05 -27.61 4.52
N ARG A 126 -43.10 -28.05 5.34
CA ARG A 126 -43.07 -27.61 6.73
C ARG A 126 -43.07 -26.09 6.82
N TRP A 127 -42.28 -25.43 5.98
CA TRP A 127 -42.26 -23.97 5.96
C TRP A 127 -43.62 -23.41 5.57
N ILE A 128 -44.27 -24.04 4.58
CA ILE A 128 -45.60 -23.58 4.16
C ILE A 128 -46.60 -23.76 5.30
N ALA A 129 -46.51 -24.87 6.02
CA ALA A 129 -47.40 -25.09 7.15
C ALA A 129 -47.20 -24.06 8.25
N PHE A 130 -45.94 -23.76 8.56
CA PHE A 130 -45.65 -22.73 9.55
C PHE A 130 -46.20 -21.38 9.08
N GLN A 131 -45.98 -21.05 7.81
CA GLN A 131 -46.47 -19.80 7.25
C GLN A 131 -47.98 -19.72 7.32
N ILE A 132 -48.66 -20.85 7.05
CA ILE A 132 -50.12 -20.85 7.04
C ILE A 132 -50.67 -20.68 8.45
N LEU A 133 -50.08 -21.42 9.41
CA LEU A 133 -50.52 -21.24 10.80
C LEU A 133 -50.31 -19.81 11.25
N THR A 134 -49.16 -19.22 10.90
CA THR A 134 -48.90 -17.84 11.25
C THR A 134 -49.88 -16.88 10.57
N ALA A 135 -50.21 -17.13 9.30
CA ALA A 135 -51.15 -16.25 8.59
C ALA A 135 -52.53 -16.30 9.24
N VAL A 136 -52.99 -17.50 9.56
CA VAL A 136 -54.30 -17.64 10.20
C VAL A 136 -54.30 -16.95 11.56
N ASP A 137 -53.27 -17.20 12.38
CA ASP A 137 -53.23 -16.59 13.71
C ASP A 137 -53.15 -15.07 13.61
N GLN A 138 -52.37 -14.56 12.65
CA GLN A 138 -52.20 -13.12 12.53
C GLN A 138 -53.48 -12.46 12.01
N ALA A 139 -54.17 -13.09 11.06
CA ALA A 139 -55.45 -12.57 10.62
C ALA A 139 -56.44 -12.53 11.77
N HIS A 140 -56.50 -13.61 12.55
CA HIS A 140 -57.42 -13.65 13.69
C HIS A 140 -57.10 -12.54 14.69
N LYS A 141 -55.84 -12.45 15.12
CA LYS A 141 -55.44 -11.44 16.09
C LYS A 141 -55.70 -10.04 15.56
N SER A 142 -55.33 -9.80 14.30
CA SER A 142 -55.64 -8.54 13.66
C SER A 142 -57.13 -8.30 13.58
N GLY A 143 -57.94 -9.36 13.65
CA GLY A 143 -59.37 -9.24 13.50
C GLY A 143 -59.82 -9.68 12.13
N VAL A 144 -59.23 -10.77 11.64
CA VAL A 144 -59.59 -11.37 10.36
C VAL A 144 -59.82 -12.86 10.58
N ARG A 145 -60.96 -13.35 10.13
CA ARG A 145 -61.27 -14.78 10.20
C ARG A 145 -61.39 -15.29 8.77
N HIS A 146 -60.60 -16.34 8.46
CA HIS A 146 -60.54 -16.86 7.09
C HIS A 146 -61.78 -17.72 6.82
N GLY A 147 -62.01 -18.72 7.66
CA GLY A 147 -63.19 -19.56 7.53
C GLY A 147 -63.04 -20.64 6.49
N ASP A 148 -62.48 -20.28 5.33
CA ASP A 148 -62.36 -21.18 4.19
C ASP A 148 -60.90 -21.29 3.73
N ILE A 149 -59.97 -21.33 4.68
CA ILE A 149 -58.58 -21.58 4.36
C ILE A 149 -58.45 -22.94 3.68
N LYS A 150 -57.71 -22.98 2.58
CA LYS A 150 -57.48 -24.20 1.82
C LYS A 150 -56.18 -24.07 1.04
N THR A 151 -55.66 -25.23 0.61
CA THR A 151 -54.45 -25.22 -0.20
C THR A 151 -54.62 -24.34 -1.44
N GLU A 152 -55.78 -24.40 -2.08
CA GLU A 152 -56.06 -23.49 -3.19
C GLU A 152 -56.11 -22.04 -2.69
N ASN A 153 -56.60 -21.84 -1.48
CA ASN A 153 -56.69 -20.50 -0.90
C ASN A 153 -55.39 -20.00 -0.31
N VAL A 154 -54.35 -20.83 -0.27
CA VAL A 154 -53.06 -20.44 0.31
C VAL A 154 -52.19 -19.87 -0.81
N MET A 155 -51.72 -18.64 -0.61
CA MET A 155 -50.96 -17.93 -1.63
C MET A 155 -49.46 -18.13 -1.40
N VAL A 156 -48.72 -18.30 -2.49
CA VAL A 156 -47.27 -18.47 -2.44
C VAL A 156 -46.65 -17.53 -3.48
N THR A 157 -45.43 -17.08 -3.20
CA THR A 157 -44.69 -16.21 -4.10
C THR A 157 -43.62 -17.03 -4.81
N SER A 158 -42.85 -16.35 -5.66
CA SER A 158 -41.80 -17.01 -6.43
C SER A 158 -40.82 -17.75 -5.53
N TRP A 159 -40.88 -17.48 -4.22
CA TRP A 159 -40.04 -18.15 -3.25
C TRP A 159 -40.86 -18.97 -2.26
N ASN A 160 -42.07 -19.37 -2.64
CA ASN A 160 -42.93 -20.22 -1.80
C ASN A 160 -43.41 -19.47 -0.57
N TRP A 161 -43.77 -18.20 -0.74
CA TRP A 161 -44.27 -17.38 0.36
C TRP A 161 -45.73 -17.72 0.61
N VAL A 162 -45.96 -18.65 1.53
CA VAL A 162 -47.32 -19.11 1.86
C VAL A 162 -47.98 -18.04 2.71
N LEU A 163 -48.80 -17.21 2.07
CA LEU A 163 -49.49 -16.12 2.74
C LEU A 163 -50.99 -16.30 2.59
N LEU A 164 -51.70 -16.24 3.71
CA LEU A 164 -53.16 -16.33 3.70
C LEU A 164 -53.76 -15.08 3.08
N THR A 165 -54.87 -15.25 2.38
CA THR A 165 -55.57 -14.12 1.77
C THR A 165 -56.97 -14.58 1.38
N ASP A 166 -57.73 -13.68 0.75
CA ASP A 166 -59.08 -13.98 0.28
C ASP A 166 -59.99 -14.48 1.41
N PHE A 167 -59.89 -13.84 2.58
CA PHE A 167 -60.76 -14.20 3.70
C PHE A 167 -62.22 -14.17 3.26
N ALA A 168 -62.91 -15.30 3.39
CA ALA A 168 -64.26 -15.41 2.85
C ALA A 168 -65.27 -14.72 3.76
N SER A 169 -65.11 -13.42 3.97
CA SER A 169 -66.10 -12.66 4.73
C SER A 169 -67.46 -12.73 4.04
N PHE A 170 -67.48 -12.96 2.73
CA PHE A 170 -68.73 -13.16 2.02
C PHE A 170 -69.32 -14.53 2.26
N LYS A 171 -68.48 -15.54 2.57
CA LYS A 171 -69.03 -16.86 2.82
C LYS A 171 -69.52 -16.98 4.26
N PRO A 172 -70.54 -17.81 4.50
CA PRO A 172 -71.08 -17.94 5.86
C PRO A 172 -70.05 -18.55 6.81
N THR A 173 -70.08 -18.08 8.06
CA THR A 173 -69.27 -18.67 9.11
C THR A 173 -69.69 -20.12 9.33
N TYR A 174 -70.95 -20.33 9.71
CA TYR A 174 -71.57 -21.64 9.70
C TYR A 174 -72.34 -21.77 8.38
N LEU A 175 -71.68 -22.30 7.37
CA LEU A 175 -72.21 -22.27 6.01
C LEU A 175 -73.50 -23.08 5.91
N PRO A 176 -74.60 -22.47 5.50
CA PRO A 176 -75.83 -23.23 5.29
C PRO A 176 -75.66 -24.27 4.19
N GLU A 177 -76.30 -25.42 4.38
CA GLU A 177 -76.32 -26.48 3.39
C GLU A 177 -77.48 -26.34 2.39
N ASP A 178 -78.01 -25.12 2.23
CA ASP A 178 -79.20 -24.94 1.40
C ASP A 178 -78.95 -25.35 -0.04
N ASN A 179 -77.86 -24.88 -0.64
CA ASN A 179 -77.61 -25.15 -2.04
C ASN A 179 -76.19 -25.68 -2.24
N PRO A 180 -76.03 -26.92 -2.71
CA PRO A 180 -74.69 -27.43 -2.99
C PRO A 180 -74.15 -26.92 -4.31
N ALA A 181 -75.05 -26.54 -5.23
CA ALA A 181 -74.61 -25.97 -6.50
C ALA A 181 -73.85 -24.67 -6.26
N ASP A 182 -74.39 -23.78 -5.43
CA ASP A 182 -73.67 -22.57 -5.08
C ASP A 182 -72.41 -22.88 -4.27
N PHE A 183 -72.45 -23.92 -3.44
CA PHE A 183 -71.26 -24.30 -2.69
C PHE A 183 -70.12 -24.67 -3.61
N ASN A 184 -70.41 -25.43 -4.67
CA ASN A 184 -69.38 -25.75 -5.66
C ASN A 184 -68.99 -24.53 -6.48
N TYR A 185 -69.95 -23.67 -6.82
CA TYR A 185 -69.64 -22.51 -7.65
C TYR A 185 -68.77 -21.49 -6.92
N PHE A 186 -68.87 -21.41 -5.60
CA PHE A 186 -68.15 -20.39 -4.84
C PHE A 186 -67.03 -20.96 -3.97
N PHE A 187 -67.34 -21.91 -3.11
CA PHE A 187 -66.34 -22.41 -2.15
C PHE A 187 -65.19 -23.12 -2.85
N ASP A 188 -65.50 -23.97 -3.83
CA ASP A 188 -64.47 -24.75 -4.50
C ASP A 188 -64.06 -24.07 -5.80
N THR A 189 -62.76 -23.81 -5.95
CA THR A 189 -62.20 -23.26 -7.18
C THR A 189 -61.15 -24.17 -7.80
N SER A 190 -60.92 -25.35 -7.23
CA SER A 190 -59.91 -26.28 -7.73
C SER A 190 -60.53 -27.47 -8.46
N ARG A 191 -61.86 -27.62 -8.41
CA ARG A 191 -62.60 -28.73 -9.01
C ARG A 191 -62.53 -29.99 -8.17
N ARG A 192 -61.74 -30.01 -7.10
CA ARG A 192 -61.71 -31.16 -6.19
C ARG A 192 -62.77 -31.08 -5.12
N ARG A 193 -63.58 -30.02 -5.10
CA ARG A 193 -64.66 -29.85 -4.12
C ARG A 193 -64.13 -29.89 -2.69
N THR A 194 -62.86 -29.55 -2.49
CA THR A 194 -62.27 -29.57 -1.16
C THR A 194 -63.12 -28.75 -0.20
N CYS A 195 -63.49 -29.35 0.94
CA CYS A 195 -64.39 -28.73 1.90
C CYS A 195 -63.62 -28.51 3.20
N TYR A 196 -63.05 -27.32 3.34
CA TYR A 196 -62.34 -26.94 4.56
C TYR A 196 -63.26 -26.16 5.49
N ILE A 197 -64.28 -26.85 5.98
CA ILE A 197 -65.30 -26.25 6.84
C ILE A 197 -65.59 -27.21 7.99
N ALA A 198 -65.70 -26.68 9.19
CA ALA A 198 -66.05 -27.48 10.36
C ALA A 198 -67.42 -28.12 10.17
N PRO A 199 -67.59 -29.39 10.54
CA PRO A 199 -68.92 -29.98 10.45
C PRO A 199 -69.95 -29.24 11.28
N GLU A 200 -69.52 -28.54 12.33
CA GLU A 200 -70.41 -27.66 13.07
C GLU A 200 -70.82 -26.43 12.26
N ARG A 201 -70.18 -26.20 11.12
CA ARG A 201 -70.59 -25.13 10.22
C ARG A 201 -71.78 -25.58 9.39
N PHE A 202 -72.46 -26.63 9.84
CA PHE A 202 -73.62 -27.17 9.18
C PHE A 202 -74.88 -26.79 9.94
N VAL A 203 -76.04 -27.15 9.37
CA VAL A 203 -77.30 -26.79 9.98
C VAL A 203 -77.42 -27.42 11.36
N ASP A 204 -78.18 -26.75 12.23
CA ASP A 204 -78.41 -27.24 13.59
C ASP A 204 -79.41 -28.39 13.59
N GLY A 233 -73.93 -10.45 10.24
CA GLY A 233 -73.02 -11.34 10.93
C GLY A 233 -71.57 -11.12 10.56
N GLU A 234 -70.68 -11.93 11.14
CA GLU A 234 -69.26 -11.83 10.88
C GLU A 234 -68.67 -13.23 10.90
N LEU A 235 -67.45 -13.35 10.40
CA LEU A 235 -66.79 -14.65 10.35
C LEU A 235 -66.45 -15.13 11.75
N LYS A 236 -65.99 -16.37 11.83
CA LYS A 236 -65.62 -16.96 13.11
C LYS A 236 -64.28 -17.64 12.97
N ARG A 237 -63.49 -17.57 14.04
CA ARG A 237 -62.19 -18.23 14.04
C ARG A 237 -62.33 -19.74 14.02
N ALA A 238 -63.49 -20.27 14.41
CA ALA A 238 -63.72 -21.70 14.36
C ALA A 238 -63.72 -22.23 12.92
N MET A 239 -64.52 -21.61 12.05
CA MET A 239 -64.53 -22.04 10.65
C MET A 239 -63.17 -21.81 10.01
N ASP A 240 -62.51 -20.70 10.35
CA ASP A 240 -61.18 -20.44 9.83
C ASP A 240 -60.20 -21.54 10.23
N ILE A 241 -60.24 -21.94 11.49
CA ILE A 241 -59.31 -22.98 11.97
C ILE A 241 -59.63 -24.32 11.32
N PHE A 242 -60.93 -24.63 11.17
CA PHE A 242 -61.30 -25.86 10.49
C PHE A 242 -60.78 -25.87 9.06
N SER A 243 -60.97 -24.76 8.34
CA SER A 243 -60.48 -24.66 6.98
C SER A 243 -58.97 -24.77 6.93
N ALA A 244 -58.27 -24.16 7.90
CA ALA A 244 -56.82 -24.22 7.92
C ALA A 244 -56.31 -25.64 8.17
N GLY A 245 -56.92 -26.34 9.12
CA GLY A 245 -56.56 -27.73 9.34
C GLY A 245 -56.83 -28.58 8.11
N CYS A 246 -57.94 -28.30 7.43
CA CYS A 246 -58.25 -29.01 6.19
C CYS A 246 -57.19 -28.72 5.13
N VAL A 247 -56.73 -27.48 5.04
CA VAL A 247 -55.71 -27.12 4.07
C VAL A 247 -54.39 -27.79 4.39
N ILE A 248 -54.04 -27.87 5.67
CA ILE A 248 -52.83 -28.57 6.08
C ILE A 248 -52.91 -30.05 5.70
N ALA A 249 -54.05 -30.68 6.00
CA ALA A 249 -54.23 -32.07 5.62
C ALA A 249 -54.17 -32.25 4.11
N GLU A 250 -54.72 -31.31 3.36
CA GLU A 250 -54.65 -31.39 1.90
C GLU A 250 -53.21 -31.30 1.42
N LEU A 251 -52.46 -30.33 1.95
CA LEU A 251 -51.03 -30.25 1.64
C LEU A 251 -50.34 -31.58 1.95
N PHE A 252 -50.81 -32.26 2.99
CA PHE A 252 -50.35 -33.61 3.27
C PHE A 252 -50.78 -34.60 2.19
N THR A 253 -51.95 -34.39 1.59
CA THR A 253 -52.46 -35.28 0.53
C THR A 253 -52.55 -34.59 -0.83
N GLU A 254 -52.24 -33.29 -0.91
CA GLU A 254 -52.27 -32.52 -2.14
C GLU A 254 -53.58 -32.69 -2.90
N GLY A 255 -53.57 -33.54 -3.93
CA GLY A 255 -54.76 -33.69 -4.75
C GLY A 255 -55.96 -34.19 -3.98
N VAL A 256 -55.73 -35.11 -3.04
CA VAL A 256 -56.81 -35.78 -2.32
C VAL A 256 -57.55 -34.80 -1.43
N PRO A 257 -58.77 -34.40 -1.78
CA PRO A 257 -59.58 -33.64 -0.83
C PRO A 257 -60.14 -34.56 0.25
N LEU A 258 -59.77 -34.27 1.50
CA LEU A 258 -60.21 -35.12 2.60
C LEU A 258 -61.72 -35.33 2.57
N PHE A 259 -62.47 -34.25 2.34
CA PHE A 259 -63.91 -34.34 2.16
C PHE A 259 -64.34 -33.30 1.16
N ASP A 260 -64.79 -33.76 -0.01
CA ASP A 260 -65.30 -32.85 -1.01
C ASP A 260 -66.67 -32.33 -0.59
N LEU A 261 -67.31 -31.57 -1.48
CA LEU A 261 -68.67 -31.11 -1.20
C LEU A 261 -69.56 -32.28 -0.82
N SER A 262 -69.52 -33.34 -1.63
CA SER A 262 -70.28 -34.55 -1.30
C SER A 262 -69.71 -35.24 -0.08
N GLN A 263 -68.38 -35.36 0.00
CA GLN A 263 -67.77 -36.05 1.14
C GLN A 263 -68.05 -35.29 2.44
N LEU A 264 -67.85 -33.97 2.44
CA LEU A 264 -68.11 -33.19 3.64
C LEU A 264 -69.59 -33.20 3.98
N LEU A 265 -70.46 -33.17 2.97
CA LEU A 265 -71.90 -33.24 3.23
C LEU A 265 -72.26 -34.57 3.91
N ALA A 266 -71.68 -35.67 3.42
CA ALA A 266 -71.92 -36.96 4.05
C ALA A 266 -71.40 -36.98 5.48
N TYR A 267 -70.22 -36.42 5.70
CA TYR A 267 -69.67 -36.38 7.05
C TYR A 267 -70.60 -35.62 7.99
N ARG A 268 -71.09 -34.45 7.55
CA ARG A 268 -72.03 -33.69 8.37
C ARG A 268 -73.31 -34.48 8.60
N ASN A 269 -73.81 -35.12 7.55
CA ASN A 269 -74.99 -35.98 7.69
C ASN A 269 -74.64 -37.36 8.22
N GLY A 270 -73.36 -37.70 8.29
CA GLY A 270 -72.94 -38.98 8.81
C GLY A 270 -72.85 -40.07 7.77
N HIS A 271 -72.17 -39.79 6.66
CA HIS A 271 -71.97 -40.77 5.60
C HIS A 271 -70.55 -40.82 5.06
N PHE A 272 -69.67 -39.90 5.44
CA PHE A 272 -68.31 -39.88 4.91
C PHE A 272 -67.32 -39.71 6.05
N PHE A 273 -66.19 -40.39 5.94
CA PHE A 273 -65.10 -40.31 6.92
C PHE A 273 -63.79 -40.10 6.19
N PRO A 274 -62.96 -39.15 6.66
CA PRO A 274 -61.72 -38.84 5.93
C PRO A 274 -60.58 -39.81 6.22
N GLU A 275 -60.83 -40.88 6.97
CA GLU A 275 -59.80 -41.85 7.31
C GLU A 275 -58.89 -42.15 6.11
N GLN A 276 -59.49 -42.43 4.96
CA GLN A 276 -58.71 -42.71 3.76
C GLN A 276 -57.84 -41.53 3.37
N VAL A 277 -58.45 -40.36 3.17
CA VAL A 277 -57.70 -39.18 2.76
C VAL A 277 -56.58 -38.90 3.74
N LEU A 278 -56.86 -39.07 5.04
CA LEU A 278 -55.81 -38.97 6.05
C LEU A 278 -54.65 -39.92 5.71
N ASN A 279 -54.97 -41.13 5.29
CA ASN A 279 -53.93 -42.07 4.91
C ASN A 279 -53.05 -41.52 3.79
N LYS A 280 -53.57 -40.57 3.02
CA LYS A 280 -52.76 -39.93 1.99
C LYS A 280 -51.56 -39.23 2.61
N ILE A 281 -51.78 -38.53 3.72
CA ILE A 281 -50.68 -37.89 4.43
C ILE A 281 -49.71 -38.95 4.92
N GLU A 282 -48.41 -38.64 4.86
CA GLU A 282 -47.37 -39.59 5.29
C GLU A 282 -47.07 -39.43 6.77
N ASP A 283 -46.69 -38.21 7.19
CA ASP A 283 -46.29 -37.98 8.57
C ASP A 283 -47.44 -38.28 9.52
N HIS A 284 -47.19 -39.16 10.49
CA HIS A 284 -48.24 -39.54 11.42
C HIS A 284 -48.64 -38.38 12.32
N SER A 285 -47.64 -37.72 12.93
CA SER A 285 -47.95 -36.64 13.86
C SER A 285 -48.61 -35.47 13.16
N ILE A 286 -48.12 -35.12 11.96
CA ILE A 286 -48.69 -34.00 11.22
C ILE A 286 -50.15 -34.27 10.90
N ARG A 287 -50.45 -35.48 10.42
CA ARG A 287 -51.82 -35.85 10.12
C ARG A 287 -52.68 -35.82 11.39
N GLU A 288 -52.14 -36.34 12.50
CA GLU A 288 -52.89 -36.35 13.74
C GLU A 288 -53.27 -34.95 14.17
N LEU A 289 -52.31 -34.02 14.12
CA LEU A 289 -52.61 -32.65 14.52
C LEU A 289 -53.59 -31.99 13.55
N VAL A 290 -53.39 -32.18 12.24
CA VAL A 290 -54.28 -31.58 11.27
C VAL A 290 -55.70 -32.07 11.46
N THR A 291 -55.87 -33.37 11.76
CA THR A 291 -57.20 -33.90 12.00
C THR A 291 -57.79 -33.40 13.31
N GLN A 292 -56.99 -33.38 14.38
CA GLN A 292 -57.48 -32.81 15.63
C GLN A 292 -58.01 -31.40 15.41
N MET A 293 -57.34 -30.63 14.56
CA MET A 293 -57.91 -29.37 14.11
C MET A 293 -59.20 -29.61 13.34
N ILE A 294 -59.21 -30.63 12.49
CA ILE A 294 -60.31 -30.89 11.56
C ILE A 294 -61.28 -31.91 12.16
N HIS A 295 -62.32 -31.42 12.79
CA HIS A 295 -63.40 -32.27 13.30
C HIS A 295 -64.66 -31.43 13.37
N ARG A 296 -65.75 -32.02 13.85
CA ARG A 296 -66.97 -31.26 14.09
C ARG A 296 -66.68 -30.24 15.18
N GLU A 297 -67.00 -28.97 14.92
CA GLU A 297 -66.45 -27.94 15.79
C GLU A 297 -67.54 -27.19 16.53
N PRO A 298 -68.41 -27.89 17.27
CA PRO A 298 -69.26 -27.19 18.24
C PRO A 298 -68.44 -26.40 19.25
N ASP A 299 -67.30 -26.94 19.68
CA ASP A 299 -66.32 -26.21 20.47
C ASP A 299 -65.28 -25.66 19.51
N LYS A 300 -65.19 -24.33 19.42
CA LYS A 300 -64.39 -23.67 18.39
C LYS A 300 -62.92 -23.67 18.79
N ARG A 301 -62.07 -24.29 17.96
CA ARG A 301 -60.63 -24.11 18.07
C ARG A 301 -60.25 -22.86 17.30
N LEU A 302 -60.56 -21.69 17.85
CA LEU A 302 -60.59 -20.46 17.07
C LEU A 302 -59.26 -20.17 16.39
N GLU A 303 -58.14 -20.33 17.09
CA GLU A 303 -56.85 -19.89 16.60
C GLU A 303 -55.91 -21.06 16.38
N ALA A 304 -54.88 -20.81 15.57
CA ALA A 304 -53.84 -21.79 15.28
C ALA A 304 -52.59 -21.60 16.11
N GLU A 305 -52.64 -20.74 17.12
CA GLU A 305 -51.44 -20.45 17.91
C GLU A 305 -50.94 -21.70 18.64
N ASP A 306 -51.85 -22.49 19.21
CA ASP A 306 -51.43 -23.71 19.89
C ASP A 306 -50.77 -24.68 18.92
N TYR A 307 -51.33 -24.82 17.72
CA TYR A 307 -50.70 -25.66 16.71
C TYR A 307 -49.34 -25.11 16.32
N LEU A 308 -49.23 -23.79 16.18
CA LEU A 308 -47.95 -23.18 15.87
C LEU A 308 -46.93 -23.50 16.95
N LYS A 309 -47.34 -23.42 18.22
CA LYS A 309 -46.44 -23.74 19.32
C LYS A 309 -46.04 -25.21 19.30
N GLN A 310 -46.97 -26.10 18.96
CA GLN A 310 -46.64 -27.52 18.88
C GLN A 310 -45.65 -27.79 17.77
N GLN A 311 -45.79 -27.11 16.63
CA GLN A 311 -44.90 -27.32 15.49
C GLN A 311 -43.53 -26.68 15.67
N ARG A 312 -43.46 -25.52 16.35
CA ARG A 312 -42.16 -24.86 16.52
C ARG A 312 -41.21 -25.70 17.36
N GLY A 313 -41.73 -26.53 18.26
CA GLY A 313 -40.87 -27.41 19.02
C GLY A 313 -40.09 -28.36 18.12
N ASN A 314 -40.79 -29.01 17.19
CA ASN A 314 -40.16 -29.93 16.26
C ASN A 314 -40.35 -29.50 14.80
N ALA A 315 -41.58 -29.19 14.39
CA ALA A 315 -41.85 -28.92 12.99
C ALA A 315 -41.31 -27.55 12.57
N PHE A 316 -41.91 -26.48 13.07
CA PHE A 316 -41.49 -25.15 12.66
C PHE A 316 -40.10 -24.86 13.22
N PRO A 317 -39.29 -24.12 12.44
CA PRO A 317 -37.98 -23.88 13.05
C PRO A 317 -38.13 -23.07 14.32
N GLU A 318 -37.63 -23.59 15.44
CA GLU A 318 -37.78 -22.89 16.71
C GLU A 318 -37.09 -21.54 16.70
N ILE A 319 -35.85 -21.50 16.25
CA ILE A 319 -35.09 -20.26 16.24
C ILE A 319 -34.76 -19.80 14.84
N PHE A 320 -34.59 -20.75 13.93
CA PHE A 320 -34.24 -20.39 12.55
C PHE A 320 -35.32 -19.52 11.94
N TYR A 321 -36.58 -19.88 12.14
CA TYR A 321 -37.67 -19.11 11.57
C TYR A 321 -37.67 -17.70 12.12
N THR A 322 -37.48 -17.56 13.42
CA THR A 322 -37.44 -16.24 14.03
C THR A 322 -36.56 -15.34 13.19
N PHE A 323 -35.64 -15.92 12.43
CA PHE A 323 -34.77 -15.14 11.57
C PHE A 323 -35.16 -15.37 10.12
N LEU A 324 -35.43 -16.63 9.77
CA LEU A 324 -35.80 -16.93 8.39
C LEU A 324 -37.11 -16.25 8.01
N GLN A 325 -38.15 -16.45 8.82
CA GLN A 325 -39.45 -15.82 8.59
C GLN A 325 -39.27 -14.31 8.60
N PRO A 326 -38.48 -13.77 9.53
CA PRO A 326 -38.26 -12.31 9.54
C PRO A 326 -37.65 -11.78 8.26
N TYR A 327 -36.53 -12.37 7.81
CA TYR A 327 -35.93 -11.91 6.56
C TYR A 327 -36.86 -12.11 5.39
N MET A 328 -37.61 -13.22 5.37
CA MET A 328 -38.56 -13.46 4.30
C MET A 328 -39.59 -12.35 4.24
N ALA A 329 -40.20 -12.02 5.38
CA ALA A 329 -41.19 -10.96 5.41
C ALA A 329 -40.56 -9.63 5.00
N GLN A 330 -39.36 -9.34 5.50
CA GLN A 330 -38.72 -8.06 5.23
C GLN A 330 -38.47 -7.90 3.73
N PHE A 331 -37.87 -8.90 3.10
CA PHE A 331 -37.54 -8.79 1.69
C PHE A 331 -38.71 -9.20 0.80
N ALA A 332 -39.84 -9.54 1.39
CA ALA A 332 -40.97 -10.10 0.64
C ALA A 332 -41.25 -9.31 -0.63
N LYS A 333 -41.63 -8.04 -0.49
CA LYS A 333 -41.93 -7.21 -1.64
C LYS A 333 -41.91 -5.75 -1.20
N GLU A 334 -41.75 -4.87 -2.18
CA GLU A 334 -41.68 -3.44 -1.91
C GLU A 334 -40.47 -3.12 -1.03
N THR A 335 -39.59 -4.09 -0.83
CA THR A 335 -38.41 -3.88 -0.01
C THR A 335 -37.51 -2.82 -0.64
N PHE A 336 -37.01 -1.92 0.21
CA PHE A 336 -36.17 -0.83 -0.28
C PHE A 336 -34.92 -1.36 -0.97
N LEU A 337 -34.29 -2.38 -0.39
CA LEU A 337 -33.08 -2.95 -0.97
C LEU A 337 -33.41 -3.67 -2.28
N SER A 338 -32.52 -3.50 -3.26
CA SER A 338 -32.72 -4.13 -4.56
C SER A 338 -32.50 -5.64 -4.46
N ALA A 339 -33.00 -6.35 -5.47
CA ALA A 339 -32.80 -7.79 -5.52
C ALA A 339 -31.33 -8.15 -5.42
N ASP A 340 -30.45 -7.35 -6.04
CA ASP A 340 -29.02 -7.55 -5.88
C ASP A 340 -28.57 -7.14 -4.48
N GLU A 341 -29.03 -5.98 -4.01
CA GLU A 341 -28.79 -5.62 -2.63
C GLU A 341 -29.43 -6.62 -1.68
N ARG A 342 -30.65 -7.07 -2.01
CA ARG A 342 -31.27 -8.13 -1.24
C ARG A 342 -30.38 -9.37 -1.22
N ILE A 343 -29.67 -9.62 -2.31
CA ILE A 343 -28.80 -10.80 -2.38
C ILE A 343 -27.58 -10.62 -1.49
N LEU A 344 -26.99 -9.43 -1.49
CA LEU A 344 -25.87 -9.19 -0.58
C LEU A 344 -26.32 -9.33 0.87
N VAL A 345 -27.49 -8.79 1.19
CA VAL A 345 -28.04 -8.97 2.53
C VAL A 345 -28.30 -10.45 2.78
N ILE A 346 -28.70 -11.20 1.76
CA ILE A 346 -28.90 -12.63 1.93
C ILE A 346 -27.59 -13.32 2.26
N ARG A 347 -26.51 -12.86 1.63
CA ARG A 347 -25.19 -13.41 1.95
C ARG A 347 -24.85 -13.14 3.41
N LYS A 348 -25.12 -11.93 3.88
CA LYS A 348 -24.90 -11.61 5.29
C LYS A 348 -25.75 -12.51 6.18
N ASP A 349 -27.04 -12.64 5.86
CA ASP A 349 -27.94 -13.44 6.67
C ASP A 349 -27.55 -14.91 6.64
N LEU A 350 -26.97 -15.36 5.52
CA LEU A 350 -26.49 -16.74 5.43
C LEU A 350 -25.29 -16.94 6.32
N GLY A 351 -24.36 -15.99 6.34
CA GLY A 351 -23.28 -16.06 7.31
C GLY A 351 -23.81 -16.11 8.73
N ASN A 352 -24.85 -15.33 9.01
CA ASN A 352 -25.46 -15.33 10.33
C ASN A 352 -26.06 -16.70 10.65
N ILE A 353 -26.79 -17.28 9.71
CA ILE A 353 -27.40 -18.58 9.92
C ILE A 353 -26.32 -19.65 10.13
N ILE A 354 -25.23 -19.55 9.37
CA ILE A 354 -24.13 -20.48 9.53
C ILE A 354 -23.54 -20.37 10.93
N HIS A 355 -23.33 -19.13 11.40
CA HIS A 355 -22.85 -18.94 12.76
C HIS A 355 -23.83 -19.53 13.77
N ASN A 356 -25.13 -19.39 13.51
CA ASN A 356 -26.13 -19.98 14.38
C ASN A 356 -25.98 -21.49 14.44
N LEU A 357 -25.78 -22.12 13.28
CA LEU A 357 -25.57 -23.57 13.25
C LEU A 357 -24.26 -23.95 13.95
N CYS A 358 -23.21 -23.16 13.74
CA CYS A 358 -21.93 -23.44 14.37
C CYS A 358 -21.94 -23.03 15.84
N GLU A 372 -31.81 -27.56 2.28
CA GLU A 372 -33.09 -27.71 2.96
C GLU A 372 -33.35 -26.56 3.91
N ASN A 373 -34.58 -26.42 4.36
CA ASN A 373 -34.90 -25.36 5.30
C ASN A 373 -34.60 -24.03 4.62
N GLY A 374 -34.03 -23.09 5.38
CA GLY A 374 -33.57 -21.84 4.82
C GLY A 374 -32.84 -22.06 3.51
N LEU A 375 -31.73 -22.79 3.54
CA LEU A 375 -31.04 -23.14 2.32
C LEU A 375 -32.05 -23.52 1.23
N VAL A 376 -33.02 -24.36 1.58
CA VAL A 376 -34.11 -24.63 0.66
C VAL A 376 -34.90 -23.36 0.42
N ILE A 377 -35.48 -22.80 1.48
CA ILE A 377 -36.28 -21.59 1.32
C ILE A 377 -35.42 -20.46 0.78
N LEU A 378 -34.22 -20.31 1.34
CA LEU A 378 -33.30 -19.29 0.84
C LEU A 378 -33.03 -19.48 -0.63
N VAL A 379 -32.75 -20.71 -1.05
CA VAL A 379 -32.58 -21.00 -2.46
C VAL A 379 -33.87 -20.68 -3.22
N SER A 380 -35.01 -20.95 -2.59
CA SER A 380 -36.28 -20.63 -3.21
C SER A 380 -36.36 -19.15 -3.56
N VAL A 381 -35.99 -18.28 -2.60
CA VAL A 381 -36.04 -16.85 -2.84
C VAL A 381 -34.99 -16.44 -3.85
N ILE A 382 -33.82 -17.08 -3.79
CA ILE A 382 -32.77 -16.79 -4.75
C ILE A 382 -33.28 -17.02 -6.16
N THR A 383 -33.93 -18.16 -6.38
CA THR A 383 -34.50 -18.45 -7.69
C THR A 383 -35.60 -17.47 -8.02
N SER A 384 -36.48 -17.19 -7.07
CA SER A 384 -37.56 -16.24 -7.31
C SER A 384 -37.01 -14.94 -7.87
N CYS A 385 -35.99 -14.39 -7.22
CA CYS A 385 -35.36 -13.17 -7.70
C CYS A 385 -34.61 -13.38 -9.00
N LEU A 386 -34.12 -14.60 -9.24
CA LEU A 386 -33.29 -14.87 -10.40
C LEU A 386 -34.02 -14.53 -11.70
N GLN A 387 -35.34 -14.44 -11.66
CA GLN A 387 -36.14 -14.13 -12.84
C GLN A 387 -35.63 -12.88 -13.56
N THR A 388 -35.01 -11.96 -12.83
CA THR A 388 -34.47 -10.73 -13.39
C THR A 388 -32.95 -10.78 -13.40
N LEU A 389 -32.35 -9.93 -14.25
CA LEU A 389 -30.90 -9.90 -14.42
C LEU A 389 -30.22 -8.87 -13.54
N LYS A 390 -30.60 -7.60 -13.69
CA LYS A 390 -29.97 -6.52 -12.93
C LYS A 390 -28.47 -6.54 -13.21
N TYR A 391 -27.66 -6.18 -12.22
CA TYR A 391 -26.22 -6.06 -12.42
C TYR A 391 -25.59 -7.42 -12.70
N CYS A 392 -24.67 -7.44 -13.67
CA CYS A 392 -23.95 -8.66 -14.02
C CYS A 392 -23.11 -9.16 -12.85
N ASP A 393 -22.19 -8.32 -12.36
CA ASP A 393 -21.40 -8.70 -11.20
C ASP A 393 -22.29 -9.08 -10.04
N SER A 394 -23.48 -8.49 -9.96
CA SER A 394 -24.47 -8.95 -8.98
C SER A 394 -24.75 -10.44 -9.16
N LYS A 395 -24.98 -10.86 -10.41
CA LYS A 395 -25.22 -12.27 -10.68
C LYS A 395 -24.01 -13.10 -10.33
N LEU A 396 -22.81 -12.60 -10.65
CA LEU A 396 -21.58 -13.29 -10.32
C LEU A 396 -21.50 -13.58 -8.82
N ALA A 397 -21.72 -12.55 -8.02
CA ALA A 397 -21.73 -12.73 -6.57
C ALA A 397 -22.80 -13.72 -6.15
N ALA A 398 -24.02 -13.56 -6.67
CA ALA A 398 -25.11 -14.45 -6.33
C ALA A 398 -24.71 -15.90 -6.52
N LEU A 399 -24.14 -16.21 -7.68
CA LEU A 399 -23.57 -17.53 -7.90
C LEU A 399 -22.56 -17.86 -6.82
N GLU A 400 -21.63 -16.94 -6.57
CA GLU A 400 -20.64 -17.16 -5.53
C GLU A 400 -21.30 -17.55 -4.21
N LEU A 401 -22.34 -16.81 -3.82
CA LEU A 401 -23.06 -17.15 -2.60
C LEU A 401 -23.86 -18.44 -2.78
N ILE A 402 -24.67 -18.51 -3.84
CA ILE A 402 -25.44 -19.72 -4.10
C ILE A 402 -24.52 -20.93 -4.05
N LEU A 403 -23.26 -20.73 -4.42
CA LEU A 403 -22.28 -21.81 -4.34
C LEU A 403 -22.14 -22.34 -2.93
N HIS A 404 -21.99 -21.46 -1.93
CA HIS A 404 -21.77 -21.92 -0.57
C HIS A 404 -22.97 -22.71 -0.05
N LEU A 405 -24.18 -22.25 -0.35
CA LEU A 405 -25.37 -22.88 0.20
C LEU A 405 -25.50 -24.34 -0.23
N ALA A 406 -25.03 -24.68 -1.43
CA ALA A 406 -25.22 -26.02 -1.96
C ALA A 406 -24.78 -27.13 -1.00
N PRO A 407 -23.83 -26.89 -0.08
CA PRO A 407 -23.35 -28.00 0.77
C PRO A 407 -24.43 -28.95 1.25
N ARG A 408 -25.64 -28.43 1.47
CA ARG A 408 -26.74 -29.29 1.94
C ARG A 408 -27.61 -29.79 0.79
N LEU A 409 -27.91 -28.93 -0.19
CA LEU A 409 -28.85 -29.25 -1.25
C LEU A 409 -28.22 -29.98 -2.42
N SER A 410 -26.94 -30.31 -2.35
CA SER A 410 -26.22 -30.98 -3.43
C SER A 410 -27.07 -32.03 -4.14
N VAL A 411 -27.78 -32.84 -3.35
CA VAL A 411 -28.50 -34.01 -3.87
C VAL A 411 -29.99 -33.71 -3.86
N GLU A 412 -30.35 -32.46 -4.11
CA GLU A 412 -31.68 -31.96 -3.81
C GLU A 412 -32.16 -30.95 -4.84
N ILE A 413 -33.13 -30.13 -4.44
CA ILE A 413 -33.66 -29.07 -5.30
C ILE A 413 -32.51 -28.34 -6.00
N LEU A 414 -31.34 -28.26 -5.35
CA LEU A 414 -30.17 -27.73 -6.05
C LEU A 414 -29.99 -28.40 -7.40
N LEU A 415 -29.70 -29.71 -7.39
CA LEU A 415 -29.61 -30.44 -8.65
C LEU A 415 -30.87 -30.25 -9.47
N ASP A 416 -32.01 -30.12 -8.78
CA ASP A 416 -33.29 -29.95 -9.46
C ASP A 416 -33.27 -28.74 -10.40
N ARG A 417 -32.82 -27.59 -9.90
CA ARG A 417 -32.85 -26.34 -10.64
C ARG A 417 -31.54 -25.57 -10.59
N ILE A 418 -30.64 -25.92 -9.66
CA ILE A 418 -29.33 -25.25 -9.63
C ILE A 418 -28.65 -25.38 -10.98
N THR A 419 -28.71 -26.56 -11.57
CA THR A 419 -28.27 -26.70 -12.95
C THR A 419 -29.09 -25.77 -13.83
N PRO A 420 -30.41 -25.78 -13.69
CA PRO A 420 -31.25 -24.92 -14.56
C PRO A 420 -30.79 -23.47 -14.58
N TYR A 421 -30.71 -22.82 -13.42
CA TYR A 421 -30.31 -21.42 -13.39
C TYR A 421 -28.85 -21.25 -13.76
N LEU A 422 -27.97 -22.08 -13.20
CA LEU A 422 -26.54 -21.98 -13.47
C LEU A 422 -26.28 -21.93 -14.97
N LEU A 423 -26.95 -22.81 -15.71
CA LEU A 423 -26.88 -22.72 -17.17
C LEU A 423 -27.56 -21.46 -17.68
N HIS A 424 -28.78 -21.20 -17.24
CA HIS A 424 -29.46 -19.97 -17.65
C HIS A 424 -28.64 -18.75 -17.27
N PHE A 425 -27.93 -18.82 -16.14
CA PHE A 425 -27.08 -17.71 -15.72
C PHE A 425 -25.81 -17.60 -16.55
N SER A 426 -25.24 -18.73 -16.96
CA SER A 426 -23.97 -18.77 -17.66
C SER A 426 -24.07 -18.39 -19.15
N ASN A 427 -25.15 -17.79 -19.65
CA ASN A 427 -25.29 -17.63 -21.10
C ASN A 427 -24.95 -16.22 -21.58
N ASP A 428 -25.36 -15.20 -20.83
CA ASP A 428 -25.49 -13.84 -21.36
C ASP A 428 -24.14 -13.15 -21.49
N SER A 429 -23.80 -12.78 -22.72
CA SER A 429 -22.77 -11.79 -23.01
C SER A 429 -21.40 -12.10 -22.40
N VAL A 430 -21.13 -11.53 -21.22
CA VAL A 430 -19.79 -11.45 -20.64
C VAL A 430 -19.09 -12.80 -20.74
N PRO A 431 -17.97 -12.89 -21.47
CA PRO A 431 -17.30 -14.19 -21.61
C PRO A 431 -16.78 -14.74 -20.29
N ARG A 432 -15.96 -13.96 -19.56
CA ARG A 432 -15.45 -14.44 -18.28
C ARG A 432 -16.57 -14.63 -17.28
N VAL A 433 -17.61 -13.79 -17.36
CA VAL A 433 -18.76 -13.95 -16.48
C VAL A 433 -19.36 -15.35 -16.66
N ARG A 434 -19.81 -15.65 -17.87
CA ARG A 434 -20.38 -16.96 -18.14
C ARG A 434 -19.37 -18.06 -17.87
N ALA A 435 -18.09 -17.76 -18.04
CA ALA A 435 -17.04 -18.74 -17.76
C ALA A 435 -17.08 -19.17 -16.30
N GLU A 436 -16.92 -18.21 -15.39
CA GLU A 436 -17.02 -18.51 -13.97
C GLU A 436 -18.38 -19.12 -13.65
N ALA A 437 -19.42 -18.70 -14.36
CA ALA A 437 -20.76 -19.21 -14.11
C ALA A 437 -20.82 -20.71 -14.36
N LEU A 438 -20.34 -21.15 -15.51
CA LEU A 438 -20.29 -22.58 -15.80
C LEU A 438 -19.37 -23.30 -14.82
N ARG A 439 -18.22 -22.68 -14.50
CA ARG A 439 -17.29 -23.29 -13.56
C ARG A 439 -18.00 -23.64 -12.25
N THR A 440 -18.76 -22.68 -11.72
CA THR A 440 -19.55 -22.93 -10.52
C THR A 440 -20.61 -24.01 -10.77
N LEU A 441 -21.47 -23.79 -11.77
CA LEU A 441 -22.51 -24.76 -12.09
C LEU A 441 -21.97 -26.18 -12.04
N THR A 442 -20.73 -26.37 -12.50
CA THR A 442 -20.14 -27.70 -12.49
C THR A 442 -19.60 -28.05 -11.11
N LYS A 443 -18.59 -27.29 -10.65
CA LYS A 443 -17.88 -27.67 -9.42
C LYS A 443 -18.85 -27.95 -8.30
N VAL A 444 -19.83 -27.07 -8.11
CA VAL A 444 -20.88 -27.34 -7.14
C VAL A 444 -21.62 -28.61 -7.52
N LEU A 445 -22.01 -28.71 -8.79
CA LEU A 445 -22.67 -29.92 -9.26
C LEU A 445 -21.83 -31.16 -8.99
N ALA A 446 -20.55 -30.97 -8.65
CA ALA A 446 -19.63 -32.11 -8.58
C ALA A 446 -19.81 -32.93 -7.30
N LEU A 447 -19.67 -32.28 -6.15
CA LEU A 447 -19.53 -33.03 -4.88
C LEU A 447 -20.66 -34.01 -4.65
N VAL A 448 -21.75 -33.93 -5.41
CA VAL A 448 -22.88 -34.82 -5.17
C VAL A 448 -22.40 -36.27 -5.19
N LYS A 449 -23.10 -37.12 -4.44
CA LYS A 449 -22.74 -38.53 -4.36
C LYS A 449 -23.96 -39.44 -4.47
N GLU A 450 -25.03 -38.92 -5.05
CA GLU A 450 -26.24 -39.70 -5.33
C GLU A 450 -26.95 -39.03 -6.49
N VAL A 451 -27.74 -39.81 -7.22
CA VAL A 451 -28.34 -39.32 -8.46
C VAL A 451 -29.81 -39.73 -8.58
N PRO A 452 -30.71 -38.78 -8.77
CA PRO A 452 -32.09 -39.15 -9.13
C PRO A 452 -32.17 -39.67 -10.54
N ARG A 453 -33.20 -40.47 -10.81
CA ARG A 453 -33.37 -41.03 -12.14
C ARG A 453 -33.42 -39.93 -13.19
N ASN A 454 -34.27 -38.92 -12.98
CA ASN A 454 -34.24 -37.74 -13.82
C ASN A 454 -32.84 -37.12 -13.82
N ASP A 455 -32.20 -37.08 -12.66
CA ASP A 455 -30.83 -36.57 -12.58
C ASP A 455 -29.86 -37.44 -13.35
N ILE A 456 -29.97 -38.77 -13.23
CA ILE A 456 -29.06 -39.65 -13.96
C ILE A 456 -29.19 -39.40 -15.47
N ASN A 457 -30.43 -39.27 -15.95
CA ASN A 457 -30.65 -39.04 -17.36
C ASN A 457 -30.13 -37.67 -17.80
N ILE A 458 -30.37 -36.63 -17.01
CA ILE A 458 -30.00 -35.28 -17.42
C ILE A 458 -28.49 -35.07 -17.31
N TYR A 459 -27.81 -35.89 -16.52
CA TYR A 459 -26.40 -35.67 -16.26
C TYR A 459 -25.61 -35.54 -17.55
N PRO A 460 -25.51 -36.61 -18.33
CA PRO A 460 -24.78 -36.49 -19.60
C PRO A 460 -25.50 -35.58 -20.58
N GLU A 461 -26.78 -35.86 -20.81
CA GLU A 461 -27.53 -35.13 -21.84
C GLU A 461 -27.38 -33.63 -21.65
N TYR A 462 -27.81 -33.11 -20.50
CA TYR A 462 -27.71 -31.67 -20.29
C TYR A 462 -26.27 -31.23 -20.13
N ILE A 463 -25.45 -31.99 -19.40
CA ILE A 463 -24.08 -31.58 -19.11
C ILE A 463 -23.33 -31.28 -20.40
N LEU A 464 -23.30 -32.25 -21.31
CA LEU A 464 -22.72 -31.98 -22.63
C LEU A 464 -23.50 -30.90 -23.35
N PRO A 465 -24.84 -30.91 -23.35
CA PRO A 465 -25.61 -29.85 -24.02
C PRO A 465 -25.17 -28.45 -23.63
N GLY A 466 -25.20 -28.13 -22.34
CA GLY A 466 -24.80 -26.80 -21.91
C GLY A 466 -23.33 -26.53 -22.17
N ILE A 467 -22.48 -27.50 -21.86
CA ILE A 467 -21.04 -27.32 -22.04
C ILE A 467 -20.74 -26.91 -23.48
N ALA A 468 -21.44 -27.51 -24.44
CA ALA A 468 -21.20 -27.18 -25.83
C ALA A 468 -21.87 -25.86 -26.21
N HIS A 469 -23.16 -25.73 -25.90
CA HIS A 469 -23.93 -24.57 -26.37
C HIS A 469 -23.20 -23.27 -26.02
N LEU A 470 -22.69 -23.16 -24.80
CA LEU A 470 -21.91 -22.00 -24.42
C LEU A 470 -20.43 -22.14 -24.76
N ALA A 471 -19.98 -23.33 -25.13
CA ALA A 471 -18.56 -23.54 -25.40
C ALA A 471 -18.05 -22.55 -26.44
N GLN A 472 -18.88 -22.23 -27.43
CA GLN A 472 -18.49 -21.27 -28.46
C GLN A 472 -18.35 -19.88 -27.87
N ASP A 473 -17.11 -19.43 -27.70
CA ASP A 473 -16.85 -18.13 -27.09
C ASP A 473 -15.52 -17.60 -27.59
N ASP A 474 -15.44 -16.28 -27.74
CA ASP A 474 -14.25 -15.66 -28.31
C ASP A 474 -13.06 -15.73 -27.36
N ALA A 475 -13.29 -15.55 -26.05
CA ALA A 475 -12.20 -15.50 -25.10
C ALA A 475 -11.39 -16.79 -25.14
N THR A 476 -10.10 -16.67 -25.47
CA THR A 476 -9.22 -17.83 -25.45
C THR A 476 -9.06 -18.38 -24.03
N ILE A 477 -8.92 -17.49 -23.06
CA ILE A 477 -8.90 -17.94 -21.67
C ILE A 477 -10.22 -18.60 -21.32
N VAL A 478 -11.32 -18.06 -21.84
CA VAL A 478 -12.62 -18.70 -21.65
C VAL A 478 -12.61 -20.11 -22.19
N ARG A 479 -12.03 -20.30 -23.37
CA ARG A 479 -11.97 -21.63 -23.96
C ARG A 479 -11.10 -22.58 -23.15
N LEU A 480 -9.97 -22.10 -22.65
CA LEU A 480 -9.10 -22.94 -21.83
C LEU A 480 -9.81 -23.35 -20.54
N ALA A 481 -10.51 -22.41 -19.91
CA ALA A 481 -11.31 -22.75 -18.74
C ALA A 481 -12.41 -23.73 -19.11
N TYR A 482 -13.04 -23.54 -20.27
CA TYR A 482 -14.06 -24.45 -20.77
C TYR A 482 -13.48 -25.85 -20.86
N ALA A 483 -12.24 -25.94 -21.32
CA ALA A 483 -11.59 -27.25 -21.43
C ALA A 483 -11.38 -27.88 -20.07
N GLU A 484 -10.79 -27.13 -19.13
CA GLU A 484 -10.52 -27.70 -17.81
C GLU A 484 -11.82 -28.13 -17.14
N ASN A 485 -12.82 -27.26 -17.17
CA ASN A 485 -14.13 -27.59 -16.61
C ASN A 485 -14.80 -28.73 -17.35
N ILE A 486 -14.58 -28.86 -18.66
CA ILE A 486 -15.15 -29.98 -19.40
C ILE A 486 -14.53 -31.27 -18.92
N ALA A 487 -13.22 -31.25 -18.64
CA ALA A 487 -12.60 -32.42 -18.04
C ALA A 487 -13.23 -32.74 -16.70
N LEU A 488 -13.43 -31.71 -15.87
CA LEU A 488 -14.09 -31.94 -14.59
C LEU A 488 -15.47 -32.56 -14.78
N LEU A 489 -16.25 -31.99 -15.70
CA LEU A 489 -17.61 -32.43 -15.97
C LEU A 489 -17.66 -33.81 -16.59
N ALA A 490 -16.63 -34.20 -17.34
CA ALA A 490 -16.54 -35.57 -17.80
C ALA A 490 -16.31 -36.52 -16.64
N GLU A 491 -15.38 -36.17 -15.75
CA GLU A 491 -15.24 -36.95 -14.52
C GLU A 491 -16.57 -37.03 -13.79
N THR A 492 -17.33 -35.94 -13.81
CA THR A 492 -18.63 -35.90 -13.16
C THR A 492 -19.60 -36.89 -13.79
N ALA A 493 -19.81 -36.78 -15.10
CA ALA A 493 -20.70 -37.70 -15.79
C ALA A 493 -20.25 -39.13 -15.60
N LEU A 494 -18.94 -39.34 -15.53
CA LEU A 494 -18.40 -40.68 -15.31
C LEU A 494 -18.80 -41.22 -13.94
N ARG A 495 -18.60 -40.40 -12.91
CA ARG A 495 -19.05 -40.81 -11.58
C ARG A 495 -20.56 -41.02 -11.55
N PHE A 496 -21.31 -40.21 -12.30
CA PHE A 496 -22.75 -40.39 -12.37
C PHE A 496 -23.10 -41.75 -12.94
N LEU A 497 -22.43 -42.14 -14.02
CA LEU A 497 -22.66 -43.45 -14.61
C LEU A 497 -22.26 -44.56 -13.65
N GLU A 498 -21.14 -44.40 -12.95
CA GLU A 498 -20.70 -45.41 -12.01
C GLU A 498 -21.73 -45.58 -10.89
N LEU A 499 -22.24 -44.47 -10.37
CA LEU A 499 -23.27 -44.53 -9.34
C LEU A 499 -24.54 -45.18 -9.85
N VAL A 500 -24.93 -44.86 -11.08
CA VAL A 500 -26.11 -45.49 -11.66
C VAL A 500 -25.92 -47.00 -11.75
N GLN A 501 -24.73 -47.43 -12.20
CA GLN A 501 -24.45 -48.86 -12.29
C GLN A 501 -24.52 -49.52 -10.91
N LEU A 502 -23.92 -48.88 -9.91
CA LEU A 502 -23.97 -49.43 -8.56
C LEU A 502 -25.38 -49.41 -7.98
N LYS A 503 -26.25 -48.53 -8.48
CA LYS A 503 -27.56 -48.37 -7.86
C LYS A 503 -28.63 -49.24 -8.52
N ASN A 504 -28.85 -49.07 -9.81
CA ASN A 504 -29.87 -49.84 -10.52
C ASN A 504 -29.68 -51.33 -10.30
N TYR A 526 -25.36 -52.04 -21.60
CA TYR A 526 -24.77 -51.80 -20.28
C TYR A 526 -23.56 -50.89 -20.39
N ASP A 527 -22.38 -51.45 -20.14
CA ASP A 527 -21.16 -50.66 -20.21
C ASP A 527 -20.95 -50.04 -21.58
N THR A 528 -21.67 -50.54 -22.60
CA THR A 528 -21.56 -49.97 -23.93
C THR A 528 -21.77 -48.46 -23.90
N GLU A 529 -22.75 -48.00 -23.12
CA GLU A 529 -22.90 -46.57 -22.92
C GLU A 529 -21.62 -45.97 -22.37
N LEU A 530 -20.94 -46.68 -21.47
CA LEU A 530 -19.68 -46.20 -20.91
C LEU A 530 -18.63 -46.04 -22.00
N GLN A 531 -18.55 -47.01 -22.91
CA GLN A 531 -17.61 -46.92 -24.02
C GLN A 531 -17.92 -45.72 -24.89
N ALA A 532 -19.21 -45.53 -25.21
CA ALA A 532 -19.60 -44.37 -26.02
C ALA A 532 -19.21 -43.07 -25.33
N LEU A 533 -19.41 -43.00 -24.01
CA LEU A 533 -19.06 -41.80 -23.27
C LEU A 533 -17.56 -41.55 -23.30
N HIS A 534 -16.75 -42.59 -23.10
CA HIS A 534 -15.30 -42.41 -23.12
C HIS A 534 -14.84 -41.96 -24.49
N GLU A 535 -15.44 -42.53 -25.54
CA GLU A 535 -15.15 -42.07 -26.89
C GLU A 535 -15.49 -40.60 -27.05
N MET A 536 -16.67 -40.21 -26.54
CA MET A 536 -17.06 -38.81 -26.59
C MET A 536 -16.06 -37.95 -25.82
N VAL A 537 -15.52 -38.46 -24.73
CA VAL A 537 -14.55 -37.71 -23.93
C VAL A 537 -13.28 -37.46 -24.74
N GLN A 538 -12.75 -38.50 -25.34
CA GLN A 538 -11.58 -38.33 -26.19
C GLN A 538 -11.86 -37.40 -27.36
N GLN A 539 -13.02 -37.54 -28.00
CA GLN A 539 -13.38 -36.68 -29.10
C GLN A 539 -13.51 -35.23 -28.65
N LYS A 540 -14.05 -35.01 -27.45
CA LYS A 540 -14.15 -33.66 -26.93
C LYS A 540 -12.78 -33.08 -26.65
N VAL A 541 -11.88 -33.88 -26.09
CA VAL A 541 -10.51 -33.42 -25.88
C VAL A 541 -9.92 -32.95 -27.20
N VAL A 542 -10.08 -33.77 -28.24
CA VAL A 542 -9.53 -33.42 -29.55
C VAL A 542 -10.18 -32.15 -30.08
N THR A 543 -11.51 -32.08 -30.05
CA THR A 543 -12.21 -30.91 -30.56
C THR A 543 -11.77 -29.64 -29.85
N LEU A 544 -11.56 -29.73 -28.54
CA LEU A 544 -10.99 -28.60 -27.82
C LEU A 544 -9.61 -28.27 -28.37
N LEU A 545 -8.80 -29.29 -28.65
CA LEU A 545 -7.52 -29.07 -29.31
C LEU A 545 -7.66 -28.37 -30.66
N SER A 546 -8.88 -28.24 -31.18
CA SER A 546 -9.09 -27.64 -32.49
C SER A 546 -9.06 -26.11 -32.45
N ASP A 547 -8.97 -25.52 -31.26
CA ASP A 547 -9.05 -24.07 -31.13
C ASP A 547 -7.87 -23.40 -31.83
N PRO A 548 -8.09 -22.24 -32.45
CA PRO A 548 -6.97 -21.56 -33.12
C PRO A 548 -5.96 -20.97 -32.15
N GLU A 549 -6.36 -20.68 -30.92
CA GLU A 549 -5.47 -20.09 -29.91
C GLU A 549 -4.55 -21.19 -29.40
N ASN A 550 -3.57 -21.56 -30.22
CA ASN A 550 -2.62 -22.60 -29.84
C ASN A 550 -1.97 -22.27 -28.51
N ILE A 551 -1.69 -20.99 -28.26
CA ILE A 551 -1.18 -20.59 -26.96
C ILE A 551 -2.16 -20.99 -25.87
N VAL A 552 -3.45 -20.80 -26.14
CA VAL A 552 -4.49 -21.18 -25.18
C VAL A 552 -4.41 -22.67 -24.88
N LYS A 553 -4.33 -23.49 -25.93
CA LYS A 553 -4.28 -24.93 -25.74
C LYS A 553 -3.04 -25.34 -24.96
N GLN A 554 -1.88 -24.79 -25.33
CA GLN A 554 -0.65 -25.12 -24.64
C GLN A 554 -0.73 -24.76 -23.17
N THR A 555 -1.21 -23.55 -22.88
CA THR A 555 -1.32 -23.11 -21.48
C THR A 555 -2.27 -23.99 -20.70
N LEU A 556 -3.45 -24.27 -21.26
CA LEU A 556 -4.43 -25.06 -20.55
C LEU A 556 -3.90 -26.45 -20.26
N MET A 557 -3.28 -27.10 -21.26
CA MET A 557 -2.71 -28.41 -21.04
C MET A 557 -1.63 -28.35 -19.96
N GLU A 558 -0.63 -27.49 -20.16
CA GLU A 558 0.48 -27.42 -19.21
C GLU A 558 0.00 -27.19 -17.79
N ASN A 559 -1.07 -26.41 -17.63
CA ASN A 559 -1.56 -26.10 -16.29
C ASN A 559 -2.36 -27.25 -15.70
N GLY A 560 -3.44 -27.65 -16.37
CA GLY A 560 -4.31 -28.69 -15.83
C GLY A 560 -3.66 -30.05 -15.70
N ILE A 561 -2.92 -30.48 -16.73
CA ILE A 561 -2.36 -31.82 -16.79
C ILE A 561 -3.48 -32.81 -17.12
N THR A 562 -4.54 -32.80 -16.32
CA THR A 562 -5.79 -33.51 -16.63
C THR A 562 -5.52 -34.92 -17.13
N ARG A 563 -4.39 -35.51 -16.75
CA ARG A 563 -3.90 -36.73 -17.36
C ARG A 563 -4.04 -36.66 -18.88
N LEU A 564 -3.72 -35.47 -19.41
CA LEU A 564 -3.73 -35.21 -20.84
C LEU A 564 -5.03 -35.66 -21.50
N CYS A 565 -6.16 -35.41 -20.85
CA CYS A 565 -7.52 -35.77 -21.26
C CYS A 565 -7.81 -37.26 -21.02
N VAL A 566 -6.79 -38.08 -20.76
CA VAL A 566 -6.94 -39.50 -20.39
C VAL A 566 -8.18 -40.12 -21.01
N PHE A 567 -8.42 -39.87 -22.29
CA PHE A 567 -9.64 -40.34 -22.93
C PHE A 567 -9.40 -41.28 -24.11
N PHE A 568 -8.17 -41.38 -24.64
CA PHE A 568 -7.96 -42.24 -25.81
C PHE A 568 -6.75 -43.15 -25.63
N GLY A 569 -5.79 -42.76 -24.78
CA GLY A 569 -4.61 -43.55 -24.53
C GLY A 569 -3.88 -44.01 -25.78
N ARG A 570 -2.96 -44.97 -25.62
CA ARG A 570 -2.17 -45.42 -26.77
C ARG A 570 -3.06 -45.92 -27.89
N GLN A 571 -4.23 -46.47 -27.55
CA GLN A 571 -5.16 -46.94 -28.56
C GLN A 571 -5.48 -45.81 -29.55
N LYS A 572 -5.84 -44.64 -29.03
CA LYS A 572 -6.14 -43.49 -29.86
C LYS A 572 -5.37 -42.23 -29.47
N ALA A 573 -4.95 -42.09 -28.21
CA ALA A 573 -4.22 -40.88 -27.82
C ALA A 573 -2.98 -40.70 -28.69
N ASN A 574 -2.16 -41.74 -28.83
CA ASN A 574 -1.11 -41.67 -29.83
C ASN A 574 -1.75 -41.35 -31.18
N ASP A 575 -2.77 -42.14 -31.55
CA ASP A 575 -3.33 -42.09 -32.89
C ASP A 575 -3.63 -40.67 -33.35
N VAL A 576 -4.54 -40.00 -32.65
CA VAL A 576 -4.96 -38.67 -33.10
C VAL A 576 -4.08 -37.59 -32.52
N LEU A 577 -3.54 -37.81 -31.32
CA LEU A 577 -2.72 -36.85 -30.62
C LEU A 577 -1.43 -36.55 -31.36
N LEU A 578 -0.77 -37.55 -31.96
CA LEU A 578 0.42 -37.27 -32.74
C LEU A 578 0.12 -36.26 -33.84
N SER A 579 -0.94 -36.51 -34.60
CA SER A 579 -1.32 -35.58 -35.66
C SER A 579 -1.66 -34.21 -35.09
N HIS A 580 -2.42 -34.18 -34.00
CA HIS A 580 -2.82 -32.90 -33.42
C HIS A 580 -1.63 -32.07 -32.97
N MET A 581 -0.67 -32.69 -32.29
CA MET A 581 0.54 -31.96 -31.90
C MET A 581 1.35 -31.54 -33.12
N ILE A 582 1.44 -32.42 -34.12
CA ILE A 582 2.22 -32.10 -35.32
C ILE A 582 1.64 -30.87 -36.01
N THR A 583 0.32 -30.76 -36.06
CA THR A 583 -0.28 -29.55 -36.64
C THR A 583 0.22 -28.30 -35.93
N PHE A 584 0.64 -28.45 -34.68
CA PHE A 584 1.23 -27.33 -33.96
C PHE A 584 2.52 -26.85 -34.63
N LEU A 585 3.09 -27.66 -35.52
CA LEU A 585 4.39 -27.33 -36.10
C LEU A 585 4.26 -26.19 -37.09
N ASN A 586 3.77 -25.05 -36.61
CA ASN A 586 3.68 -23.79 -37.35
C ASN A 586 4.81 -22.88 -36.88
N ASP A 587 4.78 -21.62 -37.31
CA ASP A 587 5.78 -20.62 -36.92
C ASP A 587 6.08 -20.67 -35.43
N LYS A 588 7.37 -20.59 -35.07
CA LYS A 588 7.85 -20.77 -33.71
C LYS A 588 7.99 -19.46 -32.95
N ASN A 589 7.05 -18.54 -33.11
CA ASN A 589 7.14 -17.26 -32.41
C ASN A 589 7.27 -17.47 -30.89
N ASP A 590 6.37 -18.25 -30.32
CA ASP A 590 6.39 -18.52 -28.88
C ASP A 590 7.20 -19.79 -28.57
N TRP A 591 8.52 -19.65 -28.68
CA TRP A 591 9.41 -20.78 -28.43
C TRP A 591 9.25 -21.28 -27.00
N HIS A 592 8.89 -20.40 -26.07
CA HIS A 592 8.49 -20.85 -24.75
C HIS A 592 7.33 -21.83 -24.87
N LEU A 593 6.35 -21.48 -25.71
CA LEU A 593 5.31 -22.44 -26.05
C LEU A 593 5.90 -23.69 -26.68
N ARG A 594 7.08 -23.57 -27.31
CA ARG A 594 7.74 -24.76 -27.84
C ARG A 594 8.19 -25.69 -26.72
N GLY A 595 8.82 -25.13 -25.69
CA GLY A 595 9.18 -25.95 -24.54
C GLY A 595 7.96 -26.53 -23.86
N ALA A 596 6.88 -25.74 -23.81
CA ALA A 596 5.62 -26.24 -23.27
C ALA A 596 5.12 -27.43 -24.08
N PHE A 597 5.19 -27.33 -25.40
CA PHE A 597 4.78 -28.44 -26.26
C PHE A 597 5.68 -29.64 -26.07
N PHE A 598 6.97 -29.42 -25.85
CA PHE A 598 7.88 -30.53 -25.55
C PHE A 598 7.45 -31.24 -24.28
N ASP A 599 7.15 -30.47 -23.22
CA ASP A 599 6.67 -31.07 -21.99
C ASP A 599 5.35 -31.81 -22.23
N SER A 600 4.47 -31.22 -23.04
CA SER A 600 3.19 -31.85 -23.33
C SER A 600 3.38 -33.16 -24.07
N ILE A 601 4.33 -33.21 -24.99
CA ILE A 601 4.65 -34.46 -25.68
C ILE A 601 5.17 -35.48 -24.69
N VAL A 602 6.07 -35.06 -23.79
CA VAL A 602 6.57 -35.99 -22.78
C VAL A 602 5.42 -36.58 -21.98
N GLY A 603 4.46 -35.74 -21.61
CA GLY A 603 3.27 -36.25 -20.93
C GLY A 603 2.49 -37.22 -21.80
N VAL A 604 2.25 -36.85 -23.06
CA VAL A 604 1.59 -37.76 -23.99
C VAL A 604 2.40 -39.05 -24.14
N ALA A 605 3.70 -38.96 -23.88
CA ALA A 605 4.53 -40.16 -23.86
C ALA A 605 4.11 -41.13 -22.76
N ALA A 606 3.31 -40.66 -21.79
CA ALA A 606 2.92 -41.53 -20.69
C ALA A 606 2.16 -42.75 -21.18
N TYR A 607 1.25 -42.57 -22.14
CA TYR A 607 0.43 -43.67 -22.63
C TYR A 607 0.22 -43.67 -24.14
N VAL A 608 1.10 -43.04 -24.91
CA VAL A 608 0.92 -42.98 -26.36
C VAL A 608 2.18 -43.31 -27.14
N GLY A 609 3.33 -43.54 -26.48
CA GLY A 609 4.57 -43.60 -27.22
C GLY A 609 5.33 -44.91 -27.24
N TRP A 610 4.74 -46.04 -26.82
CA TRP A 610 5.49 -47.28 -26.73
C TRP A 610 6.23 -47.60 -28.03
N GLN A 611 5.53 -47.47 -29.16
CA GLN A 611 6.14 -47.67 -30.47
C GLN A 611 6.31 -46.39 -31.25
N SER A 612 5.43 -45.40 -31.06
CA SER A 612 5.60 -44.08 -31.66
C SER A 612 6.65 -43.25 -30.93
N SER A 613 7.33 -43.84 -29.95
CA SER A 613 8.42 -43.13 -29.28
C SER A 613 9.41 -42.59 -30.30
N SER A 614 9.76 -43.41 -31.29
CA SER A 614 10.55 -42.89 -32.41
C SER A 614 9.81 -41.82 -33.17
N ILE A 615 8.49 -41.97 -33.34
CA ILE A 615 7.70 -40.90 -33.95
C ILE A 615 7.89 -39.59 -33.19
N LEU A 616 8.17 -39.67 -31.89
CA LEU A 616 8.61 -38.50 -31.15
C LEU A 616 10.07 -38.16 -31.43
N LYS A 617 10.90 -39.17 -31.69
CA LYS A 617 12.29 -38.90 -32.05
C LYS A 617 12.37 -37.91 -33.20
N PRO A 618 11.58 -38.04 -34.27
CA PRO A 618 11.45 -36.93 -35.22
C PRO A 618 10.97 -35.66 -34.55
N LEU A 619 10.01 -35.77 -33.61
CA LEU A 619 9.67 -34.61 -32.79
C LEU A 619 10.87 -34.17 -31.97
N LEU A 620 11.74 -35.10 -31.59
CA LEU A 620 12.97 -34.72 -30.90
C LEU A 620 13.83 -33.82 -31.76
N GLN A 621 14.04 -34.18 -33.02
CA GLN A 621 14.79 -33.33 -33.92
C GLN A 621 14.10 -31.99 -34.12
N GLN A 622 12.77 -32.03 -34.31
CA GLN A 622 12.03 -30.78 -34.48
C GLN A 622 12.24 -29.84 -33.30
N GLY A 623 12.15 -30.37 -32.07
CA GLY A 623 12.43 -29.56 -30.90
C GLY A 623 13.87 -29.09 -30.88
N LEU A 624 14.78 -29.92 -31.36
CA LEU A 624 16.15 -29.46 -31.57
C LEU A 624 16.15 -28.26 -32.51
N SER A 625 15.12 -28.16 -33.35
CA SER A 625 14.94 -27.00 -34.21
C SER A 625 14.19 -25.86 -33.50
N ASP A 626 13.91 -26.02 -32.21
CA ASP A 626 13.16 -25.01 -31.47
C ASP A 626 13.95 -23.72 -31.33
N ALA A 627 13.24 -22.62 -31.11
CA ALA A 627 13.87 -21.30 -31.11
C ALA A 627 14.47 -20.96 -29.76
N GLU A 628 13.72 -21.17 -28.67
CA GLU A 628 14.09 -20.64 -27.36
C GLU A 628 15.14 -21.51 -26.69
N GLU A 629 16.20 -20.87 -26.20
CA GLU A 629 17.16 -21.57 -25.35
C GLU A 629 16.53 -21.93 -24.01
N PHE A 630 15.58 -21.13 -23.53
CA PHE A 630 14.71 -21.58 -22.46
C PHE A 630 13.89 -22.77 -22.93
N VAL A 631 13.41 -22.73 -24.17
CA VAL A 631 12.84 -23.93 -24.76
C VAL A 631 13.87 -25.04 -24.79
N ILE A 632 15.16 -24.70 -24.85
CA ILE A 632 16.20 -25.72 -24.81
C ILE A 632 16.30 -26.35 -23.42
N VAL A 633 16.17 -25.55 -22.36
CA VAL A 633 16.13 -26.11 -21.01
C VAL A 633 14.91 -27.00 -20.85
N LYS A 634 13.76 -26.53 -21.33
CA LYS A 634 12.57 -27.37 -21.36
C LYS A 634 12.82 -28.63 -22.15
N ALA A 635 13.65 -28.54 -23.19
CA ALA A 635 14.01 -29.71 -23.99
C ALA A 635 14.79 -30.72 -23.18
N LEU A 636 15.78 -30.26 -22.42
CA LEU A 636 16.53 -31.17 -21.56
C LEU A 636 15.61 -31.79 -20.51
N TYR A 637 14.69 -31.00 -19.98
CA TYR A 637 13.68 -31.53 -19.07
C TYR A 637 12.91 -32.67 -19.72
N ALA A 638 12.23 -32.38 -20.83
CA ALA A 638 11.46 -33.41 -21.53
C ALA A 638 12.36 -34.56 -21.95
N LEU A 639 13.66 -34.29 -22.12
CA LEU A 639 14.64 -35.32 -22.41
C LEU A 639 14.70 -36.34 -21.29
N THR A 640 14.98 -35.86 -20.08
CA THR A 640 14.94 -36.74 -18.92
C THR A 640 13.57 -37.40 -18.80
N CYS A 641 12.52 -36.64 -19.12
CA CYS A 641 11.16 -37.15 -18.99
C CYS A 641 10.94 -38.36 -19.88
N MET A 642 11.41 -38.28 -21.13
CA MET A 642 11.31 -39.43 -22.02
C MET A 642 12.23 -40.55 -21.57
N CYS A 643 13.45 -40.20 -21.14
CA CYS A 643 14.35 -41.22 -20.59
C CYS A 643 13.61 -42.06 -19.55
N GLN A 644 12.75 -41.41 -18.77
CA GLN A 644 11.80 -42.16 -17.96
C GLN A 644 10.81 -42.91 -18.85
N LEU A 645 10.13 -42.19 -19.74
CA LEU A 645 9.14 -42.81 -20.61
C LEU A 645 9.80 -43.84 -21.54
N GLY A 646 10.69 -43.40 -22.42
CA GLY A 646 11.46 -44.30 -23.22
C GLY A 646 10.76 -44.89 -24.42
N LEU A 647 11.11 -46.14 -24.75
CA LEU A 647 10.45 -46.90 -25.81
C LEU A 647 10.94 -46.55 -27.20
N LEU A 648 11.83 -45.57 -27.33
CA LEU A 648 12.58 -45.35 -28.57
C LEU A 648 14.01 -44.92 -28.28
N GLN A 649 14.59 -45.40 -27.17
CA GLN A 649 15.78 -44.75 -26.62
C GLN A 649 17.05 -45.16 -27.36
N LYS A 650 17.38 -46.46 -27.34
CA LYS A 650 18.72 -46.95 -27.66
C LYS A 650 19.37 -46.13 -28.77
N PRO A 651 18.80 -46.13 -29.97
CA PRO A 651 19.35 -45.26 -31.02
C PRO A 651 19.36 -43.80 -30.64
N HIS A 652 18.18 -43.22 -30.39
CA HIS A 652 18.12 -41.84 -29.95
C HIS A 652 18.89 -41.65 -28.65
N VAL A 653 19.02 -42.73 -27.87
CA VAL A 653 19.78 -42.65 -26.62
C VAL A 653 21.22 -42.28 -26.91
N TYR A 654 21.92 -43.10 -27.69
CA TYR A 654 23.30 -42.78 -28.01
C TYR A 654 23.40 -41.48 -28.81
N GLU A 655 22.40 -41.18 -29.63
CA GLU A 655 22.40 -39.92 -30.39
C GLU A 655 22.45 -38.72 -29.46
N PHE A 656 21.55 -38.68 -28.47
CA PHE A 656 21.57 -37.60 -27.50
C PHE A 656 22.85 -37.61 -26.68
N ALA A 657 23.35 -38.79 -26.32
CA ALA A 657 24.61 -38.84 -25.58
C ALA A 657 25.71 -38.13 -26.35
N SER A 658 25.90 -38.52 -27.61
CA SER A 658 26.93 -37.88 -28.43
C SER A 658 26.67 -36.38 -28.58
N ASP A 659 25.42 -36.01 -28.89
CA ASP A 659 25.10 -34.60 -29.13
C ASP A 659 25.41 -33.74 -27.91
N ILE A 660 25.02 -34.21 -26.72
CA ILE A 660 25.27 -33.45 -25.51
C ILE A 660 26.77 -33.39 -25.22
N ALA A 661 27.48 -34.50 -25.48
CA ALA A 661 28.92 -34.51 -25.25
C ALA A 661 29.59 -33.19 -25.64
N PRO A 662 29.40 -32.67 -26.85
CA PRO A 662 29.92 -31.32 -27.14
C PRO A 662 29.10 -30.24 -26.44
N PHE A 663 27.77 -30.37 -26.43
CA PHE A 663 26.93 -29.40 -25.75
C PHE A 663 27.19 -29.39 -24.25
N LEU A 664 28.11 -30.22 -23.77
CA LEU A 664 28.34 -30.35 -22.34
C LEU A 664 28.63 -29.01 -21.67
N CYS A 665 29.57 -28.24 -22.19
CA CYS A 665 29.93 -26.98 -21.54
C CYS A 665 28.97 -25.86 -21.92
N HIS A 666 27.79 -26.22 -22.43
CA HIS A 666 26.78 -25.28 -22.90
C HIS A 666 26.62 -24.12 -21.92
N PRO A 667 26.91 -22.89 -22.34
CA PRO A 667 26.80 -21.76 -21.42
C PRO A 667 25.39 -21.23 -21.29
N ASN A 668 24.50 -22.03 -20.71
CA ASN A 668 23.16 -21.58 -20.37
C ASN A 668 22.79 -22.18 -19.03
N LEU A 669 22.84 -21.35 -17.99
CA LEU A 669 22.70 -21.85 -16.62
C LEU A 669 21.45 -22.71 -16.49
N TRP A 670 20.31 -22.19 -16.97
CA TRP A 670 19.14 -23.05 -17.09
C TRP A 670 19.44 -24.28 -17.94
N ILE A 671 20.03 -24.07 -19.13
CA ILE A 671 20.32 -25.18 -20.02
C ILE A 671 21.35 -26.11 -19.38
N ARG A 672 22.41 -25.55 -18.79
CA ARG A 672 23.46 -26.38 -18.20
C ARG A 672 22.90 -27.24 -17.07
N TYR A 673 22.16 -26.63 -16.15
CA TYR A 673 21.60 -27.39 -15.04
C TYR A 673 20.60 -28.42 -15.52
N GLY A 674 19.71 -28.05 -16.45
CA GLY A 674 18.73 -29.00 -16.94
C GLY A 674 19.38 -30.13 -17.72
N ALA A 675 20.53 -29.85 -18.33
CA ALA A 675 21.27 -30.90 -19.02
C ALA A 675 21.89 -31.87 -18.02
N VAL A 676 22.49 -31.36 -16.95
CA VAL A 676 23.01 -32.24 -15.92
C VAL A 676 21.88 -33.07 -15.33
N GLY A 677 20.69 -32.48 -15.21
CA GLY A 677 19.56 -33.21 -14.68
C GLY A 677 19.07 -34.30 -15.61
N PHE A 678 18.85 -33.97 -16.88
CA PHE A 678 18.49 -34.99 -17.86
C PHE A 678 19.58 -36.04 -17.94
N ILE A 679 20.82 -35.66 -17.66
CA ILE A 679 21.93 -36.61 -17.66
C ILE A 679 21.78 -37.59 -16.51
N THR A 680 21.49 -37.10 -15.31
CA THR A 680 21.26 -38.02 -14.19
C THR A 680 20.02 -38.89 -14.45
N VAL A 681 18.98 -38.32 -15.04
CA VAL A 681 17.77 -39.08 -15.34
C VAL A 681 18.08 -40.19 -16.33
N VAL A 682 18.84 -39.88 -17.38
CA VAL A 682 19.25 -40.91 -18.33
C VAL A 682 20.14 -41.95 -17.65
N ALA A 683 21.07 -41.48 -16.81
CA ALA A 683 21.92 -42.40 -16.08
C ALA A 683 21.09 -43.39 -15.28
N ARG A 684 19.95 -42.95 -14.77
CA ARG A 684 19.00 -43.89 -14.18
C ARG A 684 18.38 -44.78 -15.25
N GLN A 685 17.88 -44.18 -16.33
CA GLN A 685 17.10 -44.90 -17.32
C GLN A 685 17.89 -45.99 -18.01
N ILE A 686 18.92 -45.62 -18.78
CA ILE A 686 19.79 -46.61 -19.37
C ILE A 686 20.69 -47.24 -18.31
N SER A 687 21.21 -46.41 -17.40
CA SER A 687 22.12 -46.85 -16.35
C SER A 687 23.09 -47.89 -16.85
N THR A 688 23.29 -48.95 -16.06
CA THR A 688 24.09 -50.09 -16.50
C THR A 688 25.49 -49.64 -16.91
N ALA A 689 26.31 -50.59 -17.36
CA ALA A 689 27.57 -50.21 -18.00
C ALA A 689 27.34 -49.45 -19.28
N ASP A 690 26.14 -49.54 -19.86
CA ASP A 690 25.84 -48.76 -21.06
C ASP A 690 26.17 -47.30 -20.85
N VAL A 691 25.89 -46.78 -19.65
CA VAL A 691 26.25 -45.41 -19.33
C VAL A 691 27.73 -45.17 -19.59
N TYR A 692 28.61 -45.96 -18.98
CA TYR A 692 30.04 -45.74 -19.17
C TYR A 692 30.38 -45.63 -20.64
N CYS A 693 30.21 -46.72 -21.39
CA CYS A 693 30.66 -46.75 -22.78
C CYS A 693 30.02 -45.64 -23.61
N LYS A 694 28.69 -45.55 -23.57
CA LYS A 694 28.00 -44.61 -24.45
C LYS A 694 28.29 -43.16 -24.09
N LEU A 695 28.12 -42.79 -22.82
CA LEU A 695 28.20 -41.38 -22.45
C LEU A 695 29.57 -41.02 -21.90
N MET A 696 30.06 -41.76 -20.90
CA MET A 696 31.31 -41.37 -20.24
C MET A 696 32.37 -40.96 -21.25
N PRO A 697 32.49 -41.62 -22.40
CA PRO A 697 33.25 -41.00 -23.49
C PRO A 697 32.68 -39.66 -23.91
N TYR A 698 31.38 -39.60 -24.19
CA TYR A 698 30.73 -38.31 -24.39
C TYR A 698 30.80 -37.44 -23.15
N LEU A 699 30.81 -38.09 -21.97
CA LEU A 699 30.93 -37.35 -20.72
C LEU A 699 32.32 -36.76 -20.55
N ASP A 700 33.36 -37.48 -20.97
CA ASP A 700 34.71 -36.93 -20.94
C ASP A 700 34.80 -35.57 -21.60
N PRO A 701 33.96 -35.23 -22.57
CA PRO A 701 34.06 -33.92 -23.23
C PRO A 701 33.86 -32.75 -22.27
N TYR A 702 33.29 -33.00 -21.10
CA TYR A 702 33.06 -31.94 -20.13
C TYR A 702 33.67 -32.18 -18.76
N ILE A 703 33.70 -33.43 -18.27
CA ILE A 703 34.07 -33.67 -16.88
C ILE A 703 35.53 -33.29 -16.68
N THR A 704 35.77 -32.21 -15.95
CA THR A 704 37.13 -31.85 -15.58
C THR A 704 37.78 -32.98 -14.79
N GLN A 705 36.99 -33.65 -13.95
CA GLN A 705 37.45 -34.81 -13.21
C GLN A 705 36.31 -35.81 -13.16
N PRO A 706 36.62 -37.10 -13.03
CA PRO A 706 35.53 -38.08 -12.89
C PRO A 706 35.00 -38.12 -11.47
N ILE A 707 34.76 -36.93 -10.90
CA ILE A 707 34.24 -36.81 -9.54
C ILE A 707 32.81 -36.30 -9.57
N ILE A 708 31.83 -37.20 -9.59
CA ILE A 708 30.42 -36.83 -9.54
C ILE A 708 29.58 -38.06 -9.24
N GLN A 709 28.45 -37.86 -8.58
CA GLN A 709 27.40 -38.87 -8.48
C GLN A 709 26.51 -38.71 -9.70
N ILE A 710 26.73 -39.54 -10.71
CA ILE A 710 26.05 -39.38 -12.00
C ILE A 710 24.55 -39.53 -11.79
N GLU A 711 24.18 -40.20 -10.70
CA GLU A 711 22.79 -40.17 -10.26
C GLU A 711 22.37 -38.78 -9.82
N ARG A 712 23.34 -37.87 -9.67
CA ARG A 712 23.11 -36.49 -9.29
C ARG A 712 23.63 -35.58 -10.39
N LYS A 713 23.01 -34.40 -10.52
CA LYS A 713 23.38 -33.49 -11.59
C LYS A 713 24.36 -32.42 -11.11
N LEU A 714 24.22 -31.98 -9.85
CA LEU A 714 25.10 -30.94 -9.34
C LEU A 714 26.56 -31.39 -9.30
N VAL A 715 26.83 -32.54 -8.68
CA VAL A 715 28.19 -33.08 -8.69
C VAL A 715 28.62 -33.39 -10.12
N LEU A 716 27.71 -33.96 -10.91
CA LEU A 716 28.02 -34.27 -12.30
C LEU A 716 28.58 -33.05 -13.03
N LEU A 717 27.85 -31.93 -12.97
CA LEU A 717 28.34 -30.69 -13.55
C LEU A 717 29.64 -30.26 -12.89
N SER A 718 29.74 -30.48 -11.57
CA SER A 718 30.98 -30.17 -10.87
C SER A 718 32.16 -30.91 -11.50
N VAL A 719 31.97 -32.17 -11.85
CA VAL A 719 32.99 -32.89 -12.60
C VAL A 719 33.23 -32.22 -13.94
N LEU A 720 32.17 -31.82 -14.63
CA LEU A 720 32.29 -31.24 -15.95
C LEU A 720 33.04 -29.91 -15.90
N LYS A 721 33.70 -29.58 -17.00
CA LYS A 721 34.40 -28.31 -17.10
C LYS A 721 33.42 -27.16 -17.08
N GLU A 722 33.90 -25.99 -16.66
CA GLU A 722 33.04 -24.83 -16.59
C GLU A 722 32.48 -24.52 -17.99
N PRO A 723 31.20 -24.19 -18.10
CA PRO A 723 30.65 -23.87 -19.42
C PRO A 723 31.38 -22.70 -20.05
N VAL A 724 31.64 -22.81 -21.35
CA VAL A 724 32.35 -21.74 -22.04
C VAL A 724 31.49 -20.49 -22.10
N SER A 725 32.12 -19.38 -22.46
CA SER A 725 31.38 -18.14 -22.60
C SER A 725 30.44 -18.21 -23.80
N ARG A 726 29.15 -18.41 -23.54
CA ARG A 726 28.17 -18.37 -24.62
C ARG A 726 28.16 -17.01 -25.28
N SER A 727 28.49 -15.97 -24.53
CA SER A 727 28.49 -14.62 -25.09
C SER A 727 29.49 -14.50 -26.24
N ILE A 728 30.67 -15.09 -26.07
CA ILE A 728 31.71 -14.96 -27.08
C ILE A 728 31.26 -15.59 -28.39
N PHE A 729 30.74 -16.82 -28.35
CA PHE A 729 30.23 -17.43 -29.57
C PHE A 729 28.99 -16.71 -30.09
N ASP A 730 28.21 -16.09 -29.20
CA ASP A 730 27.01 -15.39 -29.62
C ASP A 730 27.36 -14.16 -30.45
N TYR A 731 28.27 -13.33 -29.95
CA TYR A 731 28.83 -12.29 -30.79
C TYR A 731 29.43 -12.91 -32.04
N ALA A 732 30.11 -14.04 -31.87
CA ALA A 732 30.44 -14.87 -33.02
C ALA A 732 29.16 -15.35 -33.71
N LEU A 733 28.17 -15.76 -32.92
CA LEU A 733 26.89 -16.20 -33.46
C LEU A 733 26.23 -15.03 -34.17
N ARG A 734 26.29 -13.84 -33.56
CA ARG A 734 25.70 -12.64 -34.12
C ARG A 734 26.10 -12.43 -35.58
N SER A 735 27.23 -13.00 -35.99
CA SER A 735 27.70 -12.81 -37.35
C SER A 735 26.83 -13.58 -38.34
N LYS A 736 27.16 -13.44 -39.63
CA LYS A 736 26.36 -14.02 -40.70
C LYS A 736 27.08 -15.13 -41.45
N ASP A 737 28.29 -14.87 -41.93
CA ASP A 737 29.02 -15.81 -42.78
C ASP A 737 29.86 -16.81 -41.98
N ILE A 738 29.60 -16.95 -40.69
CA ILE A 738 30.41 -17.86 -39.87
C ILE A 738 30.36 -19.27 -40.43
N THR A 739 29.38 -19.57 -41.29
CA THR A 739 29.30 -20.91 -41.88
C THR A 739 30.60 -21.29 -42.56
N SER A 740 31.10 -20.44 -43.45
CA SER A 740 32.45 -20.65 -43.95
C SER A 740 33.46 -20.46 -42.83
N LEU A 741 33.25 -19.46 -41.98
CA LEU A 741 34.05 -19.33 -40.78
C LEU A 741 34.00 -20.61 -39.95
N PHE A 742 32.87 -21.32 -40.02
CA PHE A 742 32.79 -22.62 -39.37
C PHE A 742 33.78 -23.60 -39.96
N ARG A 743 33.89 -23.65 -41.30
CA ARG A 743 34.88 -24.51 -41.92
C ARG A 743 36.28 -24.09 -41.51
N HIS A 744 36.52 -22.78 -41.43
CA HIS A 744 37.82 -22.30 -40.99
C HIS A 744 38.12 -22.77 -39.57
N LEU A 745 37.12 -22.72 -38.69
CA LEU A 745 37.30 -23.20 -37.33
C LEU A 745 37.59 -24.70 -37.31
N HIS A 746 36.91 -25.46 -38.17
CA HIS A 746 37.22 -26.88 -38.27
C HIS A 746 38.67 -27.09 -38.70
N MET A 747 39.12 -26.31 -39.67
CA MET A 747 40.52 -26.39 -40.09
C MET A 747 41.46 -26.05 -38.94
N ARG A 748 41.10 -25.04 -38.15
CA ARG A 748 41.92 -24.70 -37.00
C ARG A 748 41.98 -25.84 -35.99
N GLN A 749 40.83 -26.47 -35.74
CA GLN A 749 40.82 -27.63 -34.85
C GLN A 749 41.74 -28.71 -35.39
N LYS A 750 41.62 -29.03 -36.68
CA LYS A 750 42.54 -29.97 -37.29
C LYS A 750 43.98 -29.54 -37.07
N LYS A 751 44.23 -28.23 -37.08
CA LYS A 751 45.53 -27.72 -36.69
C LYS A 751 45.86 -28.17 -35.26
N ARG A 752 44.89 -28.05 -34.36
CA ARG A 752 45.04 -28.50 -32.98
C ARG A 752 45.37 -29.98 -32.94
N ASN A 753 44.63 -30.78 -33.70
CA ASN A 753 44.87 -32.21 -33.81
C ASN A 753 44.86 -32.56 -35.30
N GLY A 754 46.02 -32.49 -35.94
CA GLY A 754 46.13 -32.77 -37.36
C GLY A 754 47.41 -32.22 -37.97
N SER A 755 47.28 -31.52 -39.10
CA SER A 755 48.46 -30.95 -39.76
C SER A 755 48.27 -29.52 -40.27
N LEU A 756 47.12 -28.90 -40.09
CA LEU A 756 46.89 -27.58 -40.65
C LEU A 756 47.79 -26.55 -39.97
N PRO A 757 48.87 -26.11 -40.62
CA PRO A 757 49.70 -25.04 -40.03
C PRO A 757 49.29 -23.64 -40.48
N ASP A 758 48.62 -23.53 -41.62
CA ASP A 758 48.42 -22.26 -42.30
C ASP A 758 47.02 -21.72 -42.05
N CYS A 759 46.81 -20.48 -42.49
CA CYS A 759 45.51 -19.82 -42.41
C CYS A 759 44.99 -19.55 -43.81
N PRO A 760 43.93 -20.22 -44.25
CA PRO A 760 43.47 -20.03 -45.64
C PRO A 760 42.98 -18.61 -45.87
N PRO A 761 42.71 -18.24 -47.11
CA PRO A 761 42.28 -16.88 -47.40
C PRO A 761 40.78 -16.73 -47.23
N PRO A 762 40.30 -16.66 -46.00
CA PRO A 762 38.86 -16.44 -45.78
C PRO A 762 38.43 -15.00 -46.07
N GLU A 763 37.18 -14.69 -45.79
CA GLU A 763 36.71 -13.30 -45.86
C GLU A 763 37.43 -12.57 -44.74
N ASP A 764 38.64 -12.12 -45.05
CA ASP A 764 39.63 -11.83 -44.02
C ASP A 764 39.16 -10.88 -42.94
N PRO A 765 38.50 -9.76 -43.24
CA PRO A 765 38.28 -8.76 -42.18
C PRO A 765 37.54 -9.31 -40.96
N ALA A 766 36.29 -9.74 -41.16
CA ALA A 766 35.48 -10.15 -40.02
C ALA A 766 35.97 -11.44 -39.41
N ILE A 767 36.29 -12.43 -40.25
CA ILE A 767 36.73 -13.73 -39.76
C ILE A 767 38.01 -13.58 -38.95
N ALA A 768 39.00 -12.89 -39.51
CA ALA A 768 40.27 -12.70 -38.81
C ALA A 768 40.07 -11.90 -37.54
N GLN A 769 39.27 -10.83 -37.59
CA GLN A 769 39.04 -10.04 -36.39
C GLN A 769 38.46 -10.88 -35.26
N LEU A 770 37.40 -11.63 -35.56
CA LEU A 770 36.76 -12.44 -34.53
C LEU A 770 37.70 -13.53 -34.03
N LEU A 771 38.44 -14.16 -34.95
CA LEU A 771 39.36 -15.23 -34.56
C LEU A 771 40.41 -14.70 -33.60
N LYS A 772 41.02 -13.56 -33.93
CA LYS A 772 42.02 -12.98 -33.04
C LYS A 772 41.41 -12.56 -31.71
N LYS A 773 40.23 -11.94 -31.75
CA LYS A 773 39.58 -11.53 -30.51
C LYS A 773 39.36 -12.73 -29.59
N LEU A 774 38.88 -13.83 -30.16
CA LEU A 774 38.63 -15.03 -29.36
C LEU A 774 39.93 -15.63 -28.85
N LEU A 775 40.91 -15.81 -29.74
CA LEU A 775 42.16 -16.42 -29.34
C LEU A 775 42.82 -15.63 -28.22
N SER A 776 43.00 -14.32 -28.41
CA SER A 776 43.57 -13.50 -27.36
C SER A 776 42.67 -13.50 -26.13
N GLN A 777 41.37 -13.68 -26.32
CA GLN A 777 40.44 -13.73 -25.20
C GLN A 777 40.77 -14.87 -24.25
N GLY A 778 41.50 -15.88 -24.73
CA GLY A 778 41.85 -17.00 -23.90
C GLY A 778 41.34 -18.31 -24.47
N MET A 779 41.14 -18.36 -25.78
CA MET A 779 40.69 -19.58 -26.43
C MET A 779 41.54 -20.77 -25.98
N THR A 780 40.91 -21.72 -25.32
CA THR A 780 41.59 -22.88 -24.74
C THR A 780 41.47 -24.07 -25.68
N GLU A 781 42.15 -25.15 -25.32
CA GLU A 781 42.21 -26.32 -26.20
C GLU A 781 40.84 -26.96 -26.38
N GLU A 782 40.08 -27.10 -25.29
CA GLU A 782 38.91 -27.96 -25.32
C GLU A 782 37.78 -27.37 -26.16
N GLU A 783 37.84 -26.07 -26.47
CA GLU A 783 36.69 -25.40 -27.06
C GLU A 783 36.31 -25.97 -28.43
N GLU A 784 37.26 -26.06 -29.35
CA GLU A 784 36.94 -26.11 -30.78
C GLU A 784 35.92 -27.20 -31.10
N ASP A 785 36.04 -28.38 -30.49
CA ASP A 785 35.16 -29.49 -30.85
C ASP A 785 33.70 -29.20 -30.52
N LYS A 786 33.41 -29.00 -29.23
CA LYS A 786 32.04 -28.67 -28.84
C LYS A 786 31.60 -27.38 -29.51
N LEU A 787 32.54 -26.46 -29.74
CA LEU A 787 32.24 -25.26 -30.50
C LEU A 787 31.66 -25.60 -31.86
N LEU A 788 32.31 -26.50 -32.59
CA LEU A 788 31.85 -26.87 -33.93
C LEU A 788 30.50 -27.59 -33.87
N ALA A 789 30.34 -28.49 -32.90
CA ALA A 789 29.07 -29.18 -32.75
C ALA A 789 27.93 -28.20 -32.52
N LEU A 790 28.02 -27.45 -31.42
CA LEU A 790 26.98 -26.47 -31.14
C LEU A 790 26.96 -25.38 -32.20
N LYS A 791 27.99 -25.31 -33.05
CA LYS A 791 28.02 -24.35 -34.14
C LYS A 791 27.18 -24.83 -35.32
N ASP A 792 27.18 -26.14 -35.57
CA ASP A 792 26.21 -26.69 -36.50
C ASP A 792 24.80 -26.45 -35.96
N PHE A 793 24.62 -26.69 -34.66
CA PHE A 793 23.37 -26.30 -34.02
C PHE A 793 23.07 -24.82 -34.26
N MET A 794 24.10 -23.98 -34.14
CA MET A 794 23.95 -22.56 -34.39
C MET A 794 23.46 -22.34 -35.80
N MET A 795 24.25 -22.74 -36.80
CA MET A 795 23.85 -22.62 -38.19
C MET A 795 22.38 -22.96 -38.35
N LYS A 796 21.92 -24.03 -37.72
CA LYS A 796 20.50 -24.32 -37.70
C LYS A 796 19.70 -23.14 -37.16
N SER A 797 19.97 -22.76 -35.91
CA SER A 797 19.22 -21.69 -35.26
C SER A 797 19.33 -20.37 -36.02
N ASN A 798 20.45 -20.15 -36.69
CA ASN A 798 20.71 -18.91 -37.41
C ASN A 798 19.92 -18.87 -38.71
N LYS A 799 19.87 -19.98 -39.43
CA LYS A 799 18.93 -20.09 -40.54
C LYS A 799 17.52 -19.84 -40.05
N ALA A 800 17.21 -20.36 -38.87
CA ALA A 800 15.90 -20.11 -38.26
C ALA A 800 15.66 -18.61 -38.10
N LYS A 801 16.64 -17.91 -37.52
CA LYS A 801 16.49 -16.47 -37.31
C LYS A 801 16.35 -15.72 -38.63
N ALA A 802 17.16 -16.10 -39.61
CA ALA A 802 17.10 -15.43 -40.91
C ALA A 802 15.72 -15.61 -41.54
N ASN A 803 15.17 -16.83 -41.48
CA ASN A 803 13.81 -17.04 -41.99
C ASN A 803 12.76 -16.30 -41.16
N ILE A 804 12.98 -16.19 -39.85
CA ILE A 804 12.05 -15.43 -39.01
C ILE A 804 12.07 -13.96 -39.41
N VAL A 805 13.21 -13.47 -39.89
CA VAL A 805 13.29 -12.11 -40.39
C VAL A 805 12.29 -11.88 -41.51
N ASP A 806 11.74 -12.95 -42.09
CA ASP A 806 10.76 -12.81 -43.16
C ASP A 806 9.56 -12.00 -42.69
N GLN A 807 9.04 -12.31 -41.51
CA GLN A 807 7.88 -11.60 -40.97
C GLN A 807 8.20 -10.13 -40.76
N TRP A 970 6.81 46.96 -2.12
CA TRP A 970 6.08 46.07 -1.21
C TRP A 970 4.79 46.70 -0.72
N GLU A 971 4.06 47.33 -1.63
CA GLU A 971 2.80 47.97 -1.31
C GLU A 971 1.91 47.99 -2.54
N SER A 972 0.60 47.84 -2.31
CA SER A 972 -0.35 47.80 -3.42
C SER A 972 -0.38 49.15 -4.15
N LYS A 973 -0.56 49.09 -5.46
CA LYS A 973 -0.62 50.29 -6.28
C LYS A 973 0.60 51.16 -6.02
N PRO A 974 1.78 50.77 -6.51
CA PRO A 974 2.98 51.55 -6.23
C PRO A 974 2.77 53.00 -6.61
N PRO A 975 3.15 53.94 -5.74
CA PRO A 975 2.84 55.35 -5.98
C PRO A 975 3.80 55.97 -6.99
N PRO A 976 3.48 57.16 -7.48
CA PRO A 976 4.41 57.87 -8.36
C PRO A 976 5.59 58.40 -7.57
N PRO A 977 6.69 58.75 -8.25
CA PRO A 977 7.88 59.25 -7.54
C PRO A 977 7.62 60.55 -6.80
N GLY A 978 8.55 60.93 -5.92
CA GLY A 978 8.45 62.21 -5.22
C GLY A 978 7.91 62.13 -3.81
N TRP A 979 7.88 60.96 -3.20
CA TRP A 979 7.34 60.82 -1.86
C TRP A 979 8.25 61.49 -0.85
N ARG A 980 7.71 62.42 -0.07
CA ARG A 980 8.43 63.07 1.01
C ARG A 980 7.50 63.19 2.21
N PRO A 981 8.04 63.26 3.42
CA PRO A 981 7.18 63.35 4.60
C PRO A 981 6.89 64.78 5.03
N LYS A 982 6.00 64.96 6.01
CA LYS A 982 5.62 66.27 6.49
C LYS A 982 5.15 66.18 7.94
N GLY A 983 5.03 67.36 8.56
CA GLY A 983 4.79 67.46 9.99
C GLY A 983 3.33 67.53 10.41
N LEU A 984 2.57 66.46 10.18
CA LEU A 984 1.18 66.40 10.61
C LEU A 984 0.93 65.07 11.30
N LEU A 985 -0.06 65.06 12.19
CA LEU A 985 -0.37 63.86 12.97
C LEU A 985 -1.83 63.93 13.40
N VAL A 986 -2.29 62.83 13.98
CA VAL A 986 -3.70 62.73 14.37
C VAL A 986 -3.84 62.67 15.88
N ALA A 987 -3.28 61.64 16.51
CA ALA A 987 -3.42 61.42 17.94
C ALA A 987 -2.20 60.68 18.49
N HIS A 988 -2.04 60.74 19.81
CA HIS A 988 -1.00 60.02 20.52
C HIS A 988 -1.61 59.35 21.75
N LEU A 989 -1.04 58.21 22.14
CA LEU A 989 -1.58 57.44 23.26
C LEU A 989 -0.44 56.86 24.10
N HIS A 990 -0.73 56.63 25.38
CA HIS A 990 0.21 56.00 26.31
C HIS A 990 -0.53 54.98 27.16
N GLU A 991 -1.63 54.44 26.63
CA GLU A 991 -2.47 53.54 27.41
C GLU A 991 -1.73 52.27 27.78
N HIS A 992 -0.91 51.76 26.86
CA HIS A 992 -0.24 50.48 27.08
C HIS A 992 0.71 50.60 28.28
N LYS A 993 0.36 49.94 29.38
CA LYS A 993 1.14 50.07 30.60
C LYS A 993 2.59 49.61 30.42
N SER A 994 2.83 48.68 29.50
CA SER A 994 4.17 48.17 29.28
C SER A 994 4.55 48.45 27.83
N ALA A 995 5.76 48.02 27.45
CA ALA A 995 6.23 48.23 26.10
C ALA A 995 5.32 47.54 25.11
N VAL A 996 5.14 48.18 23.94
CA VAL A 996 4.33 47.64 22.86
C VAL A 996 5.27 47.34 21.70
N ASN A 997 5.28 46.08 21.26
CA ASN A 997 6.17 45.64 20.18
C ASN A 997 5.45 44.71 19.23
N ARG A 998 4.13 44.85 19.14
CA ARG A 998 3.34 44.04 18.22
C ARG A 998 2.05 44.78 17.89
N ILE A 999 1.85 45.05 16.61
CA ILE A 999 0.64 45.72 16.13
C ILE A 999 0.18 45.03 14.85
N ARG A 1000 -1.12 45.11 14.59
CA ARG A 1000 -1.68 44.56 13.36
C ARG A 1000 -2.57 45.63 12.74
N VAL A 1001 -2.48 45.75 11.42
CA VAL A 1001 -3.25 46.74 10.66
C VAL A 1001 -4.32 45.99 9.87
N SER A 1002 -5.59 46.35 10.10
CA SER A 1002 -6.67 45.70 9.40
C SER A 1002 -6.64 46.05 7.92
N ASP A 1003 -7.08 45.09 7.10
CA ASP A 1003 -7.10 45.28 5.64
C ASP A 1003 -8.48 45.69 5.15
N GLU A 1004 -9.51 44.89 5.48
CA GLU A 1004 -10.86 45.20 5.01
C GLU A 1004 -11.42 46.44 5.69
N HIS A 1005 -10.94 46.77 6.88
CA HIS A 1005 -11.48 47.88 7.67
C HIS A 1005 -10.38 48.93 7.88
N SER A 1006 -10.73 49.97 8.64
CA SER A 1006 -9.86 51.11 8.89
C SER A 1006 -9.28 51.10 10.31
N LEU A 1007 -8.96 49.94 10.85
CA LEU A 1007 -8.49 49.83 12.22
C LEU A 1007 -7.15 49.12 12.29
N PHE A 1008 -6.44 49.35 13.39
CA PHE A 1008 -5.17 48.71 13.65
C PHE A 1008 -5.13 48.27 15.11
N ALA A 1009 -4.38 47.22 15.39
CA ALA A 1009 -4.32 46.62 16.71
C ALA A 1009 -3.10 47.11 17.47
N THR A 1010 -3.28 47.28 18.78
CA THR A 1010 -2.20 47.68 19.66
C THR A 1010 -2.10 46.70 20.82
N CYS A 1011 -0.90 46.19 21.04
CA CYS A 1011 -0.63 45.28 22.14
C CYS A 1011 0.62 45.73 22.87
N SER A 1012 0.70 45.40 24.15
CA SER A 1012 1.78 45.90 25.00
C SER A 1012 2.39 44.74 25.77
N ASN A 1013 3.63 44.94 26.21
CA ASN A 1013 4.31 43.97 27.05
C ASN A 1013 3.59 43.69 28.35
N ASP A 1014 2.57 44.48 28.67
CA ASP A 1014 1.72 44.27 29.83
C ASP A 1014 0.80 43.08 29.67
N GLY A 1015 0.96 42.31 28.60
CA GLY A 1015 0.05 41.23 28.31
C GLY A 1015 -1.35 41.67 27.95
N THR A 1016 -1.52 42.93 27.57
CA THR A 1016 -2.81 43.48 27.21
C THR A 1016 -2.73 44.09 25.81
N VAL A 1017 -3.83 44.02 25.08
CA VAL A 1017 -3.90 44.49 23.71
C VAL A 1017 -4.93 45.60 23.62
N LYS A 1018 -4.52 46.73 23.03
CA LYS A 1018 -5.40 47.87 22.84
C LYS A 1018 -5.84 47.90 21.39
N ILE A 1019 -7.14 47.79 21.15
CA ILE A 1019 -7.69 47.87 19.81
C ILE A 1019 -8.08 49.30 19.54
N TRP A 1020 -7.62 49.82 18.40
CA TRP A 1020 -7.87 51.22 18.04
C TRP A 1020 -8.43 51.28 16.64
N ASN A 1021 -9.51 52.04 16.49
CA ASN A 1021 -10.17 52.23 15.21
C ASN A 1021 -9.84 53.62 14.70
N SER A 1022 -9.30 53.70 13.48
CA SER A 1022 -8.93 55.00 12.92
C SER A 1022 -10.14 55.92 12.85
N GLN A 1023 -11.28 55.38 12.40
CA GLN A 1023 -12.47 56.21 12.27
C GLN A 1023 -12.88 56.81 13.60
N LYS A 1024 -12.80 56.02 14.68
CA LYS A 1024 -13.22 56.52 15.98
C LYS A 1024 -12.10 57.24 16.71
N MET A 1025 -10.90 56.65 16.75
CA MET A 1025 -9.82 57.18 17.56
C MET A 1025 -9.32 58.54 17.08
N GLU A 1026 -9.60 58.90 15.82
CA GLU A 1026 -9.03 60.13 15.26
C GLU A 1026 -9.47 61.36 16.04
N GLY A 1027 -10.74 61.44 16.36
CA GLY A 1027 -11.27 62.60 17.06
C GLY A 1027 -12.79 62.68 16.86
N LYS A 1028 -13.31 63.89 17.04
CA LYS A 1028 -14.76 64.12 17.02
C LYS A 1028 -15.50 63.23 18.00
N THR A 1029 -14.81 62.80 19.06
CA THR A 1029 -15.39 61.91 20.05
C THR A 1029 -14.82 62.25 21.42
N THR A 1030 -15.53 61.80 22.46
CA THR A 1030 -15.13 62.15 23.82
C THR A 1030 -13.72 61.67 24.13
N THR A 1031 -13.44 60.40 23.87
CA THR A 1031 -12.14 59.83 24.17
C THR A 1031 -11.76 58.82 23.09
N THR A 1032 -10.47 58.84 22.70
CA THR A 1032 -9.94 57.88 21.74
C THR A 1032 -9.25 56.71 22.43
N ARG A 1033 -10.01 56.00 23.27
CA ARG A 1033 -9.51 54.86 24.00
C ARG A 1033 -9.50 53.61 23.12
N SER A 1034 -8.68 52.64 23.48
CA SER A 1034 -8.62 51.38 22.75
C SER A 1034 -9.99 50.71 22.79
N ILE A 1035 -10.54 50.44 21.60
CA ILE A 1035 -11.88 49.87 21.52
C ILE A 1035 -11.93 48.50 22.17
N LEU A 1036 -11.01 47.61 21.78
CA LEU A 1036 -10.95 46.27 22.33
C LEU A 1036 -9.69 46.13 23.15
N THR A 1037 -9.84 46.17 24.47
CA THR A 1037 -8.75 45.94 25.41
C THR A 1037 -9.02 44.63 26.12
N TYR A 1038 -8.26 43.59 25.75
CA TYR A 1038 -8.43 42.27 26.33
C TYR A 1038 -7.10 41.80 26.89
N SER A 1039 -7.09 41.43 28.16
CA SER A 1039 -5.89 40.95 28.83
C SER A 1039 -6.00 39.51 29.30
N ARG A 1040 -7.07 38.79 28.96
CA ARG A 1040 -7.20 37.40 29.34
C ARG A 1040 -6.05 36.54 28.84
N ILE A 1041 -5.31 37.00 27.85
CA ILE A 1041 -4.15 36.26 27.37
C ILE A 1041 -3.11 36.13 28.46
N GLY A 1042 -2.86 37.20 29.20
CA GLY A 1042 -1.87 37.17 30.26
C GLY A 1042 -0.46 37.33 29.73
N GLY A 1043 0.49 37.18 30.64
CA GLY A 1043 1.88 37.32 30.26
C GLY A 1043 2.14 38.69 29.66
N ARG A 1044 3.00 38.71 28.64
CA ARG A 1044 3.27 39.91 27.86
C ARG A 1044 2.82 39.67 26.44
N VAL A 1045 1.88 40.50 25.96
CA VAL A 1045 1.37 40.39 24.60
C VAL A 1045 2.29 41.22 23.70
N LYS A 1046 3.15 40.53 22.96
CA LYS A 1046 4.11 41.18 22.07
C LYS A 1046 4.12 40.46 20.73
N THR A 1047 2.99 39.85 20.38
CA THR A 1047 2.85 39.18 19.10
C THR A 1047 1.40 39.24 18.67
N LEU A 1048 1.13 39.94 17.57
CA LEU A 1048 -0.22 40.08 17.05
C LEU A 1048 -0.16 40.13 15.54
N THR A 1049 -1.28 39.79 14.91
CA THR A 1049 -1.35 39.78 13.46
C THR A 1049 -2.82 39.81 13.04
N PHE A 1050 -3.08 40.43 11.89
CA PHE A 1050 -4.40 40.44 11.28
C PHE A 1050 -4.43 39.33 10.24
N CYS A 1051 -5.17 38.27 10.52
CA CYS A 1051 -5.20 37.10 9.64
C CYS A 1051 -5.76 37.51 8.27
N GLN A 1052 -5.09 37.05 7.21
CA GLN A 1052 -5.50 37.43 5.87
C GLN A 1052 -6.87 36.85 5.55
N GLY A 1053 -7.90 37.69 5.53
CA GLY A 1053 -9.24 37.27 5.20
C GLY A 1053 -9.74 36.11 6.05
N SER A 1054 -9.25 36.01 7.28
CA SER A 1054 -9.62 34.92 8.18
C SER A 1054 -10.58 35.36 9.27
N HIS A 1055 -10.94 36.64 9.32
CA HIS A 1055 -11.89 37.16 10.33
C HIS A 1055 -11.45 36.78 11.75
N TYR A 1056 -10.14 36.57 11.92
CA TYR A 1056 -9.58 36.21 13.21
C TYR A 1056 -8.31 37.00 13.45
N LEU A 1057 -8.00 37.23 14.72
CA LEU A 1057 -6.79 37.95 15.11
C LEU A 1057 -5.98 37.07 16.04
N ALA A 1058 -4.74 36.80 15.67
CA ALA A 1058 -3.85 35.96 16.45
C ALA A 1058 -3.05 36.81 17.42
N ILE A 1059 -2.95 36.34 18.66
CA ILE A 1059 -2.22 37.03 19.71
C ILE A 1059 -1.32 36.04 20.42
N ALA A 1060 -0.18 36.53 20.90
CA ALA A 1060 0.78 35.70 21.59
C ALA A 1060 1.29 36.42 22.83
N SER A 1061 1.56 35.64 23.88
CA SER A 1061 2.04 36.17 25.14
C SER A 1061 3.19 35.31 25.63
N ASP A 1062 3.94 35.87 26.59
CA ASP A 1062 5.13 35.21 27.13
C ASP A 1062 4.88 33.76 27.50
N ASN A 1063 3.67 33.45 27.98
CA ASN A 1063 3.39 32.13 28.52
C ASN A 1063 3.08 31.11 27.44
N GLY A 1064 3.95 31.01 26.43
CA GLY A 1064 3.89 29.93 25.44
C GLY A 1064 2.52 29.62 24.89
N ALA A 1065 1.59 30.58 24.94
CA ALA A 1065 0.22 30.36 24.52
C ALA A 1065 -0.10 31.20 23.28
N VAL A 1066 -1.07 30.72 22.50
CA VAL A 1066 -1.48 31.38 21.26
C VAL A 1066 -2.98 31.53 21.25
N GLN A 1067 -3.47 32.63 20.68
CA GLN A 1067 -4.89 32.89 20.58
C GLN A 1067 -5.21 33.42 19.19
N LEU A 1068 -6.38 33.04 18.69
CA LEU A 1068 -6.92 33.54 17.43
C LEU A 1068 -8.38 33.87 17.66
N LEU A 1069 -8.66 35.12 18.01
CA LEU A 1069 -9.98 35.52 18.49
C LEU A 1069 -10.71 36.33 17.43
N GLY A 1070 -12.02 36.15 17.37
CA GLY A 1070 -12.87 36.97 16.53
C GLY A 1070 -13.39 38.19 17.28
N ILE A 1071 -12.48 38.99 17.82
CA ILE A 1071 -12.85 40.15 18.62
C ILE A 1071 -13.73 41.11 17.82
N GLU A 1072 -13.81 40.94 16.50
CA GLU A 1072 -14.71 41.75 15.70
C GLU A 1072 -16.16 41.60 16.13
N ALA A 1073 -16.47 40.62 16.98
CA ALA A 1073 -17.84 40.41 17.42
C ALA A 1073 -18.40 41.62 18.15
N SER A 1074 -17.56 42.50 18.66
CA SER A 1074 -17.99 43.68 19.37
C SER A 1074 -18.13 44.90 18.47
N LYS A 1075 -18.17 44.72 17.15
CA LYS A 1075 -18.18 45.85 16.23
C LYS A 1075 -19.36 46.78 16.47
N LEU A 1076 -20.58 46.29 16.27
CA LEU A 1076 -21.76 47.15 16.37
C LEU A 1076 -22.15 47.41 17.82
N PRO A 1077 -22.41 46.37 18.60
CA PRO A 1077 -22.86 46.57 19.98
C PRO A 1077 -21.72 46.42 20.99
N LYS A 1078 -21.98 46.92 22.20
CA LYS A 1078 -21.05 46.74 23.31
C LYS A 1078 -21.25 45.34 23.88
N SER A 1079 -20.59 44.36 23.29
CA SER A 1079 -20.72 42.97 23.66
C SER A 1079 -19.33 42.36 23.77
N PRO A 1080 -19.20 41.26 24.51
CA PRO A 1080 -17.87 40.66 24.68
C PRO A 1080 -17.26 40.28 23.34
N LYS A 1081 -15.99 40.61 23.18
CA LYS A 1081 -15.26 40.23 21.97
C LYS A 1081 -15.08 38.71 21.95
N ILE A 1082 -15.20 38.14 20.75
CA ILE A 1082 -15.07 36.70 20.58
C ILE A 1082 -13.65 36.32 21.00
N HIS A 1083 -13.53 35.55 22.08
CA HIS A 1083 -12.22 35.08 22.54
C HIS A 1083 -11.56 34.28 21.44
N PRO A 1084 -10.30 33.89 21.60
CA PRO A 1084 -9.61 33.22 20.49
C PRO A 1084 -10.40 32.04 19.93
N LEU A 1085 -10.85 32.17 18.68
CA LEU A 1085 -11.48 31.04 18.02
C LEU A 1085 -10.50 29.91 17.85
N GLN A 1086 -9.23 30.24 17.63
CA GLN A 1086 -8.16 29.26 17.61
C GLN A 1086 -7.11 29.69 18.62
N SER A 1087 -6.67 28.74 19.44
CA SER A 1087 -5.68 29.02 20.47
C SER A 1087 -4.86 27.76 20.71
N ARG A 1088 -3.65 27.97 21.21
CA ARG A 1088 -2.75 26.86 21.52
C ARG A 1088 -1.62 27.39 22.38
N ILE A 1089 -1.18 26.57 23.32
CA ILE A 1089 -0.01 26.84 24.13
C ILE A 1089 1.12 26.02 23.54
N LEU A 1090 2.00 26.66 22.76
CA LEU A 1090 3.05 25.97 22.04
C LEU A 1090 4.11 25.46 23.00
N ASP A 1091 4.90 24.51 22.51
CA ASP A 1091 5.93 23.90 23.35
C ASP A 1091 6.84 24.97 23.93
N GLN A 1092 7.09 24.89 25.24
CA GLN A 1092 7.92 25.89 25.89
C GLN A 1092 9.36 25.84 25.39
N LYS A 1093 9.85 24.67 25.01
CA LYS A 1093 11.22 24.50 24.56
C LYS A 1093 11.39 24.62 23.05
N GLU A 1094 10.53 23.96 22.27
CA GLU A 1094 10.67 24.01 20.82
C GLU A 1094 10.19 25.34 20.26
N ASP A 1095 9.06 25.84 20.73
CA ASP A 1095 8.44 27.02 20.14
C ASP A 1095 8.05 28.10 21.14
N GLY A 1096 8.11 27.80 22.44
CA GLY A 1096 7.58 28.75 23.40
C GLY A 1096 6.13 29.03 23.05
N CYS A 1097 5.76 30.31 23.01
CA CYS A 1097 4.50 30.64 22.37
C CYS A 1097 4.70 30.83 20.86
N VAL A 1098 5.42 31.89 20.50
CA VAL A 1098 5.75 32.16 19.10
C VAL A 1098 6.74 33.31 19.04
N VAL A 1099 7.52 33.39 17.96
CA VAL A 1099 8.31 34.60 17.69
C VAL A 1099 7.80 35.24 16.42
N ASP A 1100 7.27 34.42 15.50
CA ASP A 1100 6.70 34.91 14.25
C ASP A 1100 5.38 34.20 14.01
N MET A 1101 4.46 34.90 13.34
CA MET A 1101 3.17 34.31 13.01
C MET A 1101 2.58 35.11 11.86
N HIS A 1102 2.43 34.47 10.71
CA HIS A 1102 1.83 35.09 9.53
C HIS A 1102 0.84 34.12 8.91
N HIS A 1103 -0.30 34.64 8.48
CA HIS A 1103 -1.35 33.82 7.89
C HIS A 1103 -1.40 34.05 6.38
N PHE A 1104 -1.65 32.97 5.64
CA PHE A 1104 -1.74 33.01 4.19
C PHE A 1104 -3.20 32.81 3.78
N ASN A 1105 -3.68 33.66 2.89
CA ASN A 1105 -5.07 33.63 2.45
C ASN A 1105 -5.15 33.35 0.96
N SER A 1106 -5.98 32.38 0.58
CA SER A 1106 -6.23 32.05 -0.81
C SER A 1106 -7.70 31.77 -1.09
N GLY A 1107 -8.59 32.13 -0.17
CA GLY A 1107 -10.00 31.88 -0.34
C GLY A 1107 -10.39 30.44 -0.01
N ALA A 1108 -9.75 29.48 -0.68
CA ALA A 1108 -10.09 28.08 -0.47
C ALA A 1108 -9.53 27.56 0.85
N GLN A 1109 -8.34 28.00 1.24
CA GLN A 1109 -7.67 27.50 2.44
C GLN A 1109 -7.17 28.67 3.27
N SER A 1110 -7.03 28.44 4.58
CA SER A 1110 -6.54 29.45 5.52
C SER A 1110 -5.34 28.86 6.26
N VAL A 1111 -4.14 29.27 5.85
CA VAL A 1111 -2.90 28.77 6.42
C VAL A 1111 -2.14 29.93 7.05
N LEU A 1112 -1.83 29.80 8.33
CA LEU A 1112 -1.03 30.78 9.05
C LEU A 1112 0.29 30.14 9.47
N ALA A 1113 1.37 30.88 9.32
CA ALA A 1113 2.71 30.38 9.63
C ALA A 1113 3.23 31.11 10.84
N TYR A 1114 3.64 30.35 11.85
CA TYR A 1114 4.10 30.90 13.11
C TYR A 1114 5.52 30.42 13.40
N ALA A 1115 6.39 31.34 13.78
CA ALA A 1115 7.76 31.03 14.14
C ALA A 1115 8.01 31.36 15.60
N THR A 1116 8.93 30.60 16.21
CA THR A 1116 9.31 30.78 17.60
C THR A 1116 10.73 31.28 17.68
N VAL A 1117 11.04 32.01 18.75
CA VAL A 1117 12.36 32.58 18.93
C VAL A 1117 13.36 31.43 18.83
N ASN A 1118 13.26 30.49 19.77
CA ASN A 1118 13.97 29.23 19.68
C ASN A 1118 13.81 28.67 18.27
N GLY A 1119 14.91 28.26 17.65
CA GLY A 1119 14.86 27.92 16.24
C GLY A 1119 13.79 26.89 15.91
N SER A 1120 12.74 27.36 15.24
CA SER A 1120 11.64 26.51 14.79
C SER A 1120 10.70 27.34 13.93
N LEU A 1121 10.29 26.79 12.79
CA LEU A 1121 9.39 27.47 11.88
C LEU A 1121 8.32 26.49 11.41
N VAL A 1122 7.06 26.86 11.57
CA VAL A 1122 5.94 26.01 11.16
C VAL A 1122 4.73 26.90 10.87
N GLY A 1123 3.80 26.36 10.09
CA GLY A 1123 2.56 27.05 9.77
C GLY A 1123 1.38 26.30 10.34
N TRP A 1124 0.30 27.03 10.61
CA TRP A 1124 -0.91 26.45 11.18
C TRP A 1124 -2.10 26.96 10.37
N ASP A 1125 -2.82 26.05 9.72
CA ASP A 1125 -3.98 26.42 8.93
C ASP A 1125 -5.10 26.87 9.86
N LEU A 1126 -5.52 28.13 9.72
CA LEU A 1126 -6.57 28.66 10.57
C LEU A 1126 -7.90 27.93 10.39
N ARG A 1127 -8.09 27.24 9.26
CA ARG A 1127 -9.29 26.46 9.01
C ARG A 1127 -8.99 24.97 8.87
N SER A 1128 -7.83 24.54 9.33
CA SER A 1128 -7.44 23.14 9.24
C SER A 1128 -6.72 22.73 10.52
N SER A 1129 -6.93 21.48 10.93
CA SER A 1129 -6.34 20.97 12.16
C SER A 1129 -4.89 20.54 11.98
N SER A 1130 -4.49 20.17 10.76
CA SER A 1130 -3.12 19.71 10.53
C SER A 1130 -2.14 20.85 10.75
N ASN A 1131 -0.95 20.50 11.23
CA ASN A 1131 0.13 21.46 11.48
C ASN A 1131 1.45 20.90 10.99
N ALA A 1132 1.41 20.14 9.89
CA ALA A 1132 2.62 19.53 9.34
C ALA A 1132 3.53 20.52 8.64
N TRP A 1133 3.06 21.73 8.36
CA TRP A 1133 3.87 22.74 7.67
C TRP A 1133 4.92 23.24 8.65
N THR A 1134 6.07 22.57 8.65
CA THR A 1134 7.15 22.88 9.57
C THR A 1134 8.44 23.05 8.79
N LEU A 1135 9.28 23.99 9.24
CA LEU A 1135 10.59 24.23 8.65
C LEU A 1135 11.63 23.81 9.68
N LYS A 1136 12.47 22.84 9.31
CA LYS A 1136 13.51 22.34 10.19
C LYS A 1136 14.30 23.49 10.79
N HIS A 1137 14.43 23.48 12.12
CA HIS A 1137 15.09 24.57 12.82
C HIS A 1137 16.44 24.89 12.19
N ASP A 1138 16.65 26.16 11.89
CA ASP A 1138 17.94 26.61 11.36
C ASP A 1138 18.95 26.65 12.49
N LEU A 1139 19.42 25.47 12.90
CA LEU A 1139 20.26 25.37 14.09
C LEU A 1139 21.46 26.31 14.00
N LYS A 1140 22.18 26.25 12.87
CA LYS A 1140 23.27 27.19 12.66
C LYS A 1140 22.77 28.63 12.75
N SER A 1141 21.60 28.90 12.16
CA SER A 1141 20.96 30.19 12.38
C SER A 1141 20.59 30.37 13.84
N GLY A 1142 20.15 29.30 14.50
CA GLY A 1142 19.81 29.40 15.91
C GLY A 1142 18.64 30.32 16.17
N LEU A 1143 18.93 31.51 16.68
CA LEU A 1143 17.89 32.48 17.02
C LEU A 1143 16.98 32.72 15.82
N ILE A 1144 15.68 32.67 16.07
CA ILE A 1144 14.67 32.89 15.03
C ILE A 1144 13.72 33.97 15.50
N THR A 1145 13.98 35.22 15.10
CA THR A 1145 13.19 36.36 15.52
C THR A 1145 12.85 37.29 14.37
N SER A 1146 13.18 36.91 13.14
CA SER A 1146 12.90 37.75 11.98
C SER A 1146 12.75 36.87 10.75
N PHE A 1147 11.84 37.26 9.86
CA PHE A 1147 11.60 36.51 8.64
C PHE A 1147 11.04 37.43 7.57
N ALA A 1148 11.37 37.13 6.32
CA ALA A 1148 10.90 37.88 5.16
C ALA A 1148 9.99 37.01 4.31
N VAL A 1149 9.06 37.65 3.61
CA VAL A 1149 8.01 36.96 2.86
C VAL A 1149 8.02 37.45 1.43
N ASP A 1150 8.01 36.51 0.49
CA ASP A 1150 7.87 36.86 -0.92
C ASP A 1150 6.44 37.28 -1.22
N ILE A 1151 6.29 38.31 -2.07
CA ILE A 1151 4.97 38.85 -2.37
C ILE A 1151 4.09 37.83 -3.07
N HIS A 1152 4.68 36.87 -3.78
CA HIS A 1152 3.91 35.85 -4.51
C HIS A 1152 4.16 34.48 -3.90
N GLN A 1153 4.34 34.42 -2.59
CA GLN A 1153 4.60 33.16 -1.89
C GLN A 1153 5.77 32.41 -2.52
N CYS A 1154 6.86 33.14 -2.76
CA CYS A 1154 8.02 32.57 -3.43
C CYS A 1154 8.99 31.92 -2.45
N TRP A 1155 9.51 32.71 -1.51
CA TRP A 1155 10.47 32.21 -0.55
C TRP A 1155 10.48 33.11 0.67
N LEU A 1156 11.04 32.60 1.77
CA LEU A 1156 11.15 33.34 3.00
C LEU A 1156 12.58 33.34 3.51
N CYS A 1157 12.98 34.46 4.11
CA CYS A 1157 14.28 34.58 4.76
C CYS A 1157 14.06 34.88 6.23
N ILE A 1158 14.95 34.36 7.07
CA ILE A 1158 14.80 34.43 8.53
C ILE A 1158 15.90 35.33 9.08
N GLY A 1159 15.49 36.40 9.75
CA GLY A 1159 16.42 37.27 10.44
C GLY A 1159 16.87 36.67 11.76
N THR A 1160 18.17 36.45 11.91
CA THR A 1160 18.72 35.81 13.09
C THR A 1160 19.80 36.71 13.69
N SER A 1161 20.49 36.19 14.71
CA SER A 1161 21.51 36.97 15.41
C SER A 1161 22.80 36.18 15.66
N SER A 1162 22.88 34.92 15.23
CA SER A 1162 24.10 34.15 15.38
C SER A 1162 25.17 34.52 14.37
N GLY A 1163 25.02 35.65 13.67
CA GLY A 1163 25.95 36.02 12.62
C GLY A 1163 25.49 35.50 11.27
N THR A 1164 25.27 34.20 11.20
CA THR A 1164 24.76 33.59 9.97
C THR A 1164 23.29 33.96 9.77
N MET A 1165 22.85 33.91 8.52
CA MET A 1165 21.46 34.14 8.16
C MET A 1165 20.97 32.93 7.38
N ALA A 1166 19.65 32.84 7.21
CA ALA A 1166 19.05 31.68 6.56
C ALA A 1166 17.87 32.12 5.72
N CYS A 1167 17.64 31.39 4.64
CA CYS A 1167 16.53 31.64 3.73
C CYS A 1167 15.70 30.39 3.54
N TRP A 1168 14.40 30.57 3.29
CA TRP A 1168 13.48 29.47 3.09
C TRP A 1168 12.66 29.72 1.85
N ASP A 1169 12.29 28.63 1.18
CA ASP A 1169 11.45 28.69 -0.01
C ASP A 1169 9.98 28.59 0.39
N MET A 1170 9.12 29.12 -0.48
CA MET A 1170 7.68 29.08 -0.24
C MET A 1170 6.96 28.10 -1.14
N ARG A 1171 7.56 27.69 -2.26
CA ARG A 1171 6.94 26.69 -3.12
C ARG A 1171 7.06 25.30 -2.51
N PHE A 1172 8.30 24.85 -2.29
CA PHE A 1172 8.57 23.58 -1.64
C PHE A 1172 9.14 23.74 -0.24
N GLN A 1173 9.20 24.98 0.27
CA GLN A 1173 9.76 25.25 1.59
C GLN A 1173 11.19 24.71 1.70
N LEU A 1174 11.96 24.92 0.64
CA LEU A 1174 13.33 24.43 0.63
C LEU A 1174 14.22 25.30 1.51
N PRO A 1175 14.94 24.71 2.45
CA PRO A 1175 15.85 25.50 3.30
C PRO A 1175 17.08 25.92 2.53
N ILE A 1176 17.36 27.22 2.54
CA ILE A 1176 18.53 27.76 1.88
C ILE A 1176 19.28 28.67 2.84
N SER A 1177 20.34 28.15 3.45
CA SER A 1177 21.10 28.86 4.49
C SER A 1177 22.45 29.25 3.90
N SER A 1178 22.50 30.42 3.28
CA SER A 1178 23.74 30.95 2.73
C SER A 1178 23.90 32.45 3.00
N HIS A 1179 23.10 33.01 3.90
CA HIS A 1179 23.17 34.41 4.25
C HIS A 1179 23.77 34.57 5.64
N CYS A 1180 24.37 35.74 5.89
CA CYS A 1180 24.95 35.96 7.20
C CYS A 1180 25.48 37.38 7.33
N HIS A 1181 25.54 37.86 8.58
CA HIS A 1181 26.34 39.01 8.98
C HIS A 1181 27.32 38.46 10.00
N PRO A 1182 28.58 38.25 9.60
CA PRO A 1182 29.44 37.33 10.37
C PRO A 1182 29.67 37.72 11.81
N SER A 1183 29.45 38.97 12.18
CA SER A 1183 29.75 39.42 13.54
C SER A 1183 28.81 38.86 14.59
N ARG A 1184 27.90 37.93 14.27
CA ARG A 1184 26.90 37.46 15.22
C ARG A 1184 25.94 38.58 15.59
N ALA A 1185 25.49 39.32 14.57
CA ALA A 1185 24.63 40.48 14.77
C ALA A 1185 23.16 40.09 14.70
N ARG A 1186 22.34 40.82 15.47
CA ARG A 1186 20.91 40.59 15.47
C ARG A 1186 20.25 41.26 14.28
N ILE A 1187 19.42 40.51 13.57
CA ILE A 1187 18.72 41.00 12.39
C ILE A 1187 17.25 40.66 12.56
N ARG A 1188 16.45 41.66 12.94
CA ARG A 1188 15.00 41.50 13.03
C ARG A 1188 14.35 42.62 12.21
N ARG A 1189 14.30 42.41 10.90
CA ARG A 1189 13.61 43.28 9.96
C ARG A 1189 13.60 42.59 8.61
N LEU A 1190 12.47 42.60 7.91
CA LEU A 1190 12.37 41.88 6.65
C LEU A 1190 11.34 42.53 5.74
N SER A 1191 11.76 42.79 4.50
CA SER A 1191 10.85 43.20 3.43
C SER A 1191 11.45 42.73 2.12
N MET A 1192 10.59 42.50 1.13
CA MET A 1192 11.01 42.01 -0.17
C MET A 1192 11.61 43.15 -0.97
N HIS A 1193 12.88 43.00 -1.33
CA HIS A 1193 13.58 44.06 -2.05
C HIS A 1193 13.00 44.21 -3.45
N PRO A 1194 12.29 45.29 -3.75
CA PRO A 1194 11.76 45.47 -5.12
C PRO A 1194 12.85 45.53 -6.16
N LEU A 1195 14.10 45.79 -5.77
CA LEU A 1195 15.20 45.86 -6.72
C LEU A 1195 15.45 44.53 -7.41
N TYR A 1196 15.35 43.41 -6.68
CA TYR A 1196 15.58 42.09 -7.26
C TYR A 1196 14.76 41.07 -6.52
N GLN A 1197 14.00 40.25 -7.26
CA GLN A 1197 13.28 39.15 -6.63
C GLN A 1197 14.22 38.23 -5.87
N SER A 1198 15.48 38.13 -6.30
CA SER A 1198 16.50 37.43 -5.55
C SER A 1198 17.12 38.33 -4.48
N TRP A 1199 16.68 39.57 -4.38
CA TRP A 1199 17.15 40.51 -3.37
C TRP A 1199 16.04 40.83 -2.39
N VAL A 1200 16.42 41.08 -1.14
CA VAL A 1200 15.48 41.38 -0.08
C VAL A 1200 15.96 42.61 0.68
N ILE A 1201 15.06 43.21 1.45
CA ILE A 1201 15.36 44.39 2.25
C ILE A 1201 15.31 44.01 3.72
N ALA A 1202 16.35 44.34 4.46
CA ALA A 1202 16.49 43.96 5.85
C ALA A 1202 17.11 45.09 6.66
N ALA A 1203 16.87 45.06 7.97
CA ALA A 1203 17.46 45.99 8.91
C ALA A 1203 18.06 45.20 10.07
N VAL A 1204 19.26 45.60 10.49
CA VAL A 1204 19.98 44.91 11.56
C VAL A 1204 20.37 45.93 12.62
N GLN A 1205 20.52 45.45 13.85
CA GLN A 1205 20.87 46.33 14.97
C GLN A 1205 22.31 46.79 14.84
N GLY A 1206 22.54 48.06 15.18
CA GLY A 1206 23.89 48.60 15.22
C GLY A 1206 24.30 49.38 13.98
N ASN A 1207 24.79 50.61 14.18
CA ASN A 1207 25.33 51.45 13.13
C ASN A 1207 24.26 52.07 12.25
N ASN A 1208 23.01 52.08 12.69
CA ASN A 1208 21.90 52.62 11.89
C ASN A 1208 21.88 51.98 10.51
N GLU A 1209 21.91 50.65 10.48
CA GLU A 1209 22.15 49.92 9.25
C GLU A 1209 20.84 49.68 8.50
N VAL A 1210 20.84 49.99 7.21
CA VAL A 1210 19.76 49.64 6.30
C VAL A 1210 20.42 49.12 5.03
N SER A 1211 20.53 47.81 4.90
CA SER A 1211 21.27 47.19 3.82
C SER A 1211 20.39 46.20 3.06
N MET A 1212 20.73 45.99 1.80
CA MET A 1212 20.07 45.01 0.95
C MET A 1212 21.04 43.87 0.68
N TRP A 1213 20.61 42.64 0.98
CA TRP A 1213 21.48 41.48 0.95
C TRP A 1213 21.17 40.60 -0.25
N ASP A 1214 22.22 40.22 -0.97
CA ASP A 1214 22.12 39.24 -2.05
C ASP A 1214 22.24 37.86 -1.41
N MET A 1215 21.11 37.26 -1.06
CA MET A 1215 21.13 36.02 -0.31
C MET A 1215 21.86 34.90 -1.03
N GLU A 1216 22.00 34.98 -2.36
CA GLU A 1216 22.89 34.05 -3.06
C GLU A 1216 24.28 34.13 -2.47
N THR A 1217 24.82 35.34 -2.32
CA THR A 1217 26.00 35.53 -1.48
C THR A 1217 25.63 35.52 -0.01
N GLY A 1218 24.39 35.84 0.32
CA GLY A 1218 23.94 35.80 1.70
C GLY A 1218 24.45 36.93 2.57
N ASP A 1219 24.82 38.06 1.96
CA ASP A 1219 25.27 39.22 2.69
C ASP A 1219 24.58 40.45 2.12
N ARG A 1220 24.51 41.50 2.94
CA ARG A 1220 23.81 42.72 2.59
C ARG A 1220 24.72 43.60 1.74
N ARG A 1221 24.24 44.02 0.57
CA ARG A 1221 24.96 44.91 -0.32
C ARG A 1221 24.04 46.10 -0.64
N PHE A 1222 23.99 47.04 0.31
CA PHE A 1222 23.25 48.29 0.18
C PHE A 1222 23.49 49.07 1.45
N THR A 1223 23.52 50.40 1.34
CA THR A 1223 23.88 51.17 2.52
C THR A 1223 23.27 52.57 2.44
N LEU A 1224 23.09 53.15 3.63
CA LEU A 1224 22.82 54.56 3.84
C LEU A 1224 23.77 55.07 4.92
N TRP A 1225 25.07 54.82 4.74
CA TRP A 1225 26.01 54.76 5.85
C TRP A 1225 25.86 55.94 6.80
N ALA A 1226 25.46 55.62 8.04
CA ALA A 1226 25.38 56.60 9.12
C ALA A 1226 25.72 55.86 10.41
N SER A 1227 27.00 55.88 10.79
CA SER A 1227 27.44 55.15 11.97
C SER A 1227 28.90 55.46 12.24
N SER A 1228 29.26 55.50 13.52
CA SER A 1228 30.68 55.60 13.88
C SER A 1228 31.45 54.42 13.34
N ALA A 1229 30.80 53.27 13.18
CA ALA A 1229 31.44 52.12 12.58
C ALA A 1229 31.70 52.38 11.10
N PRO A 1230 32.82 51.86 10.58
CA PRO A 1230 33.05 51.92 9.14
C PRO A 1230 32.12 50.96 8.42
N PRO A 1231 31.97 51.10 7.10
CA PRO A 1231 31.10 50.17 6.36
C PRO A 1231 31.46 48.73 6.67
N LEU A 1232 30.46 47.98 7.15
CA LEU A 1232 30.67 46.61 7.60
C LEU A 1232 31.78 46.53 8.63
N SER A 1233 31.79 47.50 9.56
CA SER A 1233 32.84 47.55 10.58
C SER A 1233 32.80 46.31 11.47
N GLU A 1234 33.99 45.77 11.75
CA GLU A 1234 34.07 44.58 12.59
C GLU A 1234 33.55 44.86 13.99
N LEU A 1235 33.90 46.01 14.56
CA LEU A 1235 33.42 46.39 15.88
C LEU A 1235 32.09 47.12 15.85
N GLN A 1236 31.66 47.61 14.68
CA GLN A 1236 30.43 48.37 14.56
C GLN A 1236 30.41 49.47 15.62
N PRO A 1237 31.28 50.47 15.51
CA PRO A 1237 31.33 51.52 16.54
C PRO A 1237 30.00 52.21 16.79
N SER A 1238 29.03 52.07 15.89
CA SER A 1238 27.70 52.64 16.09
C SER A 1238 26.73 51.54 16.45
N PRO A 1239 26.21 51.49 17.68
CA PRO A 1239 25.21 50.48 18.03
C PRO A 1239 23.78 50.86 17.63
N HIS A 1240 23.56 52.12 17.24
CA HIS A 1240 22.23 52.56 16.85
C HIS A 1240 21.84 51.97 15.50
N SER A 1241 20.54 51.84 15.26
CA SER A 1241 20.02 51.25 14.05
C SER A 1241 18.65 51.83 13.73
N VAL A 1242 18.03 51.29 12.68
CA VAL A 1242 16.68 51.64 12.27
C VAL A 1242 15.95 50.37 11.88
N HIS A 1243 14.66 50.29 12.21
CA HIS A 1243 13.88 49.08 11.99
C HIS A 1243 12.48 49.47 11.54
N GLY A 1244 11.57 48.50 11.53
CA GLY A 1244 10.19 48.77 11.16
C GLY A 1244 10.09 49.35 9.77
N ILE A 1245 10.88 48.82 8.85
CA ILE A 1245 10.93 49.35 7.49
C ILE A 1245 9.65 48.97 6.75
N TYR A 1246 9.18 49.89 5.91
CA TYR A 1246 8.02 49.65 5.05
C TYR A 1246 8.45 49.85 3.60
N CYS A 1247 8.07 48.92 2.74
CA CYS A 1247 8.60 48.87 1.38
C CYS A 1247 7.49 49.07 0.37
N SER A 1248 7.85 49.76 -0.73
CA SER A 1248 6.95 50.01 -1.86
C SER A 1248 7.79 50.52 -3.02
N PRO A 1249 7.55 50.06 -4.24
CA PRO A 1249 8.39 50.51 -5.37
C PRO A 1249 7.87 51.79 -6.00
N ALA A 1250 8.72 52.83 -6.06
CA ALA A 1250 8.35 54.08 -6.68
C ALA A 1250 9.56 55.00 -6.73
N ASP A 1251 9.55 55.91 -7.70
CA ASP A 1251 10.58 56.94 -7.85
C ASP A 1251 11.92 56.35 -8.31
N GLY A 1252 11.86 55.31 -9.14
CA GLY A 1252 13.06 54.74 -9.73
C GLY A 1252 13.81 53.75 -8.86
N ASN A 1253 13.48 53.65 -7.58
CA ASN A 1253 14.08 52.71 -6.65
C ASN A 1253 13.08 52.36 -5.57
N PRO A 1254 13.38 51.43 -4.67
CA PRO A 1254 12.42 51.17 -3.59
C PRO A 1254 12.24 52.37 -2.68
N ILE A 1255 11.01 52.59 -2.22
CA ILE A 1255 10.69 53.68 -1.31
C ILE A 1255 10.27 53.09 0.02
N LEU A 1256 10.98 53.45 1.10
CA LEU A 1256 10.83 52.76 2.36
C LEU A 1256 10.60 53.76 3.49
N LEU A 1257 9.78 53.33 4.45
CA LEU A 1257 9.60 54.03 5.72
C LEU A 1257 9.92 53.06 6.83
N THR A 1258 11.03 53.28 7.52
CA THR A 1258 11.50 52.38 8.57
C THR A 1258 11.65 53.16 9.88
N ALA A 1259 11.25 52.52 10.97
CA ALA A 1259 11.37 53.12 12.28
C ALA A 1259 12.85 53.28 12.65
N GLY A 1260 13.29 54.53 12.83
CA GLY A 1260 14.66 54.80 13.17
C GLY A 1260 14.90 54.71 14.67
N SER A 1261 15.56 53.63 15.12
CA SER A 1261 15.79 53.46 16.54
C SER A 1261 16.42 54.70 17.17
N ASP A 1262 17.10 55.52 16.37
CA ASP A 1262 17.57 56.81 16.83
C ASP A 1262 16.43 57.81 17.00
N MET A 1263 15.19 57.38 16.90
CA MET A 1263 14.02 58.25 16.95
C MET A 1263 13.90 59.11 15.69
N LYS A 1264 14.72 58.82 14.69
CA LYS A 1264 14.68 59.52 13.41
C LYS A 1264 13.53 58.96 12.60
N ILE A 1265 12.44 59.73 12.49
CA ILE A 1265 11.29 59.29 11.71
C ILE A 1265 11.76 59.22 10.25
N ARG A 1266 11.91 58.00 9.74
CA ARG A 1266 12.66 57.76 8.52
C ARG A 1266 11.73 57.67 7.33
N PHE A 1267 11.75 58.70 6.49
CA PHE A 1267 11.31 58.60 5.11
C PHE A 1267 12.56 58.57 4.25
N TRP A 1268 12.93 57.38 3.78
CA TRP A 1268 14.26 57.13 3.26
C TRP A 1268 14.25 57.11 1.74
N ASP A 1269 15.35 57.59 1.15
CA ASP A 1269 15.49 57.66 -0.29
C ASP A 1269 16.85 57.11 -0.68
N LEU A 1270 16.94 56.60 -1.90
CA LEU A 1270 18.17 56.06 -2.45
C LEU A 1270 18.82 56.97 -3.48
N ALA A 1271 18.09 57.36 -4.52
CA ALA A 1271 18.68 58.20 -5.57
C ALA A 1271 19.04 59.57 -5.03
N TYR A 1272 18.13 60.20 -4.30
CA TYR A 1272 18.40 61.50 -3.69
C TYR A 1272 17.95 61.49 -2.24
N PRO A 1273 18.54 60.66 -1.39
CA PRO A 1273 18.12 60.65 0.02
C PRO A 1273 18.25 62.01 0.68
N GLU A 1274 19.31 62.76 0.36
CA GLU A 1274 19.45 64.10 0.90
C GLU A 1274 18.41 65.04 0.31
N ARG A 1275 18.08 64.84 -0.97
CA ARG A 1275 17.17 65.76 -1.66
C ARG A 1275 15.74 65.65 -1.16
N SER A 1276 15.28 64.44 -0.87
CA SER A 1276 13.87 64.24 -0.53
C SER A 1276 13.60 64.73 0.90
N TYR A 1277 12.38 64.46 1.37
CA TYR A 1277 11.96 64.88 2.70
C TYR A 1277 11.51 63.66 3.48
N VAL A 1278 11.79 63.69 4.80
CA VAL A 1278 11.50 62.58 5.69
C VAL A 1278 10.79 63.11 6.92
N VAL A 1279 10.13 62.20 7.64
CA VAL A 1279 9.30 62.58 8.78
C VAL A 1279 10.11 62.74 10.06
N ALA A 1280 11.42 62.55 10.01
CA ALA A 1280 12.23 62.63 11.22
C ALA A 1280 12.23 64.07 11.76
N GLY A 1281 12.78 64.22 12.96
CA GLY A 1281 12.83 65.50 13.63
C GLY A 1281 14.21 66.16 13.58
N SER A 1282 14.66 66.68 14.72
CA SER A 1282 15.99 67.28 14.85
C SER A 1282 16.13 68.49 13.93
N THR A 1283 15.30 69.51 14.20
CA THR A 1283 15.26 70.70 13.36
C THR A 1283 16.59 71.44 13.31
N SER A 1284 17.49 71.18 14.27
CA SER A 1284 18.79 71.86 14.27
C SER A 1284 19.64 71.48 13.08
N SER A 1285 19.28 70.41 12.35
CA SER A 1285 20.07 69.93 11.24
C SER A 1285 19.70 70.68 9.96
N PRO A 1286 20.69 71.23 9.25
CA PRO A 1286 20.40 71.86 7.95
C PRO A 1286 19.80 70.87 6.96
N SER A 1287 19.51 71.35 5.75
CA SER A 1287 18.87 70.54 4.71
C SER A 1287 19.36 69.10 4.73
N VAL A 1288 18.43 68.16 4.52
CA VAL A 1288 18.71 66.75 4.74
C VAL A 1288 20.02 66.36 4.07
N SER A 1289 20.83 65.60 4.79
CA SER A 1289 22.14 65.17 4.33
C SER A 1289 22.17 63.66 4.20
N TYR A 1290 22.34 63.17 2.97
CA TYR A 1290 22.50 61.75 2.70
C TYR A 1290 23.44 61.61 1.51
N TYR A 1291 24.35 60.64 1.60
CA TYR A 1291 25.39 60.46 0.59
C TYR A 1291 24.99 59.36 -0.39
N ARG A 1292 25.22 59.63 -1.67
CA ARG A 1292 24.94 58.68 -2.74
C ARG A 1292 26.25 58.29 -3.42
N LYS A 1293 26.54 57.00 -3.46
CA LYS A 1293 27.77 56.49 -4.04
C LYS A 1293 27.48 55.28 -4.91
N ILE A 1294 28.51 54.83 -5.61
CA ILE A 1294 28.49 53.56 -6.33
C ILE A 1294 29.73 52.79 -5.90
N ILE A 1295 29.53 51.62 -5.27
CA ILE A 1295 30.63 50.89 -4.66
C ILE A 1295 30.64 49.44 -5.13
N GLU A 1296 31.64 49.08 -5.93
CA GLU A 1296 31.86 47.71 -6.36
C GLU A 1296 30.58 47.08 -6.91
N GLY A 1297 30.05 47.68 -7.97
CA GLY A 1297 28.89 47.16 -8.65
C GLY A 1297 27.56 47.52 -8.02
N THR A 1298 27.54 48.35 -6.99
CA THR A 1298 26.31 48.78 -6.36
C THR A 1298 26.44 50.24 -5.95
N GLU A 1299 25.31 50.92 -5.85
CA GLU A 1299 25.27 52.30 -5.40
C GLU A 1299 25.19 52.34 -3.89
N VAL A 1300 26.14 53.00 -3.26
CA VAL A 1300 26.25 53.04 -1.80
C VAL A 1300 25.84 54.42 -1.32
N VAL A 1301 25.19 54.45 -0.16
CA VAL A 1301 24.70 55.68 0.45
C VAL A 1301 25.31 55.82 1.84
N GLN A 1302 25.76 57.03 2.16
CA GLN A 1302 26.22 57.37 3.50
C GLN A 1302 25.30 58.45 4.07
N GLU A 1303 24.67 58.15 5.18
CA GLU A 1303 23.77 59.07 5.86
C GLU A 1303 24.58 59.89 6.85
N ILE A 1304 24.52 61.21 6.74
CA ILE A 1304 25.28 62.11 7.59
C ILE A 1304 24.34 63.16 8.18
N GLN A 1305 24.50 63.41 9.47
CA GLN A 1305 23.68 64.42 10.13
C GLN A 1305 24.08 65.82 9.65
N ASN A 1306 23.20 66.79 9.94
CA ASN A 1306 23.43 68.16 9.52
C ASN A 1306 23.76 69.05 10.71
N GLU A 1322 10.51 78.23 25.99
CA GLU A 1322 10.88 76.82 26.10
C GLU A 1322 10.13 75.97 25.08
N SER A 1323 10.13 74.65 25.29
CA SER A 1323 9.44 73.74 24.38
C SER A 1323 9.32 72.38 25.04
N LEU A 1324 8.53 71.52 24.41
CA LEU A 1324 8.29 70.16 24.89
C LEU A 1324 8.71 69.17 23.82
N PRO A 1325 9.30 68.03 24.19
CA PRO A 1325 9.77 67.08 23.18
C PRO A 1325 8.59 66.39 22.51
N VAL A 1326 8.32 66.78 21.26
CA VAL A 1326 7.22 66.17 20.51
C VAL A 1326 7.56 64.73 20.13
N GLY A 1327 8.78 64.51 19.66
CA GLY A 1327 9.17 63.18 19.23
C GLY A 1327 9.13 62.18 20.37
N HIS A 1328 8.96 60.91 20.00
CA HIS A 1328 8.88 59.83 20.96
C HIS A 1328 10.10 59.85 21.88
N HIS A 1329 9.94 59.37 23.11
CA HIS A 1329 11.02 59.38 24.09
C HIS A 1329 11.33 57.96 24.53
N ASP A 1330 11.13 57.00 23.63
CA ASP A 1330 11.42 55.59 23.88
C ASP A 1330 11.86 54.97 22.58
N ILE A 1331 12.27 53.70 22.64
CA ILE A 1331 12.81 53.03 21.47
C ILE A 1331 11.64 52.71 20.54
N ILE A 1332 11.48 53.53 19.51
CA ILE A 1332 10.38 53.35 18.58
C ILE A 1332 10.67 52.18 17.64
N THR A 1333 9.67 51.33 17.43
CA THR A 1333 9.81 50.15 16.59
C THR A 1333 8.74 50.01 15.52
N ASP A 1334 7.51 50.42 15.78
CA ASP A 1334 6.37 50.12 14.92
C ASP A 1334 5.94 51.36 14.15
N VAL A 1335 5.51 51.14 12.90
CA VAL A 1335 4.99 52.20 12.05
C VAL A 1335 3.86 51.64 11.21
N ALA A 1336 2.81 52.44 11.03
CA ALA A 1336 1.69 52.07 10.17
C ALA A 1336 1.02 53.33 9.65
N THR A 1337 0.69 53.34 8.37
CA THR A 1337 0.14 54.51 7.72
C THR A 1337 -0.97 54.12 6.75
N PHE A 1338 -1.90 55.04 6.54
CA PHE A 1338 -2.97 54.89 5.57
C PHE A 1338 -3.25 56.24 4.95
N GLN A 1339 -3.53 56.24 3.64
CA GLN A 1339 -3.75 57.50 2.94
C GLN A 1339 -4.27 57.22 1.54
N THR A 1340 -4.88 58.26 0.95
CA THR A 1340 -5.27 58.23 -0.46
C THR A 1340 -5.15 59.66 -0.98
N THR A 1341 -3.98 60.00 -1.50
CA THR A 1341 -3.63 61.38 -1.84
C THR A 1341 -3.40 62.17 -0.56
N GLN A 1342 -3.70 61.54 0.58
CA GLN A 1342 -3.49 62.09 1.91
C GLN A 1342 -3.99 61.05 2.91
N GLY A 1343 -3.51 61.14 4.13
CA GLY A 1343 -3.85 60.13 5.12
C GLY A 1343 -3.13 60.36 6.44
N PHE A 1344 -2.76 59.25 7.07
CA PHE A 1344 -2.13 59.30 8.38
C PHE A 1344 -1.21 58.10 8.56
N ILE A 1345 -0.32 58.19 9.54
CA ILE A 1345 0.64 57.14 9.87
C ILE A 1345 0.63 56.95 11.37
N VAL A 1346 0.97 55.74 11.82
CA VAL A 1346 0.99 55.36 13.23
C VAL A 1346 2.43 55.11 13.66
N THR A 1347 2.79 55.61 14.83
CA THR A 1347 4.12 55.44 15.39
C THR A 1347 4.04 55.06 16.86
N ALA A 1348 5.07 54.36 17.33
CA ALA A 1348 5.12 53.88 18.70
C ALA A 1348 6.56 53.80 19.17
N SER A 1349 6.73 53.65 20.49
CA SER A 1349 8.05 53.57 21.11
C SER A 1349 8.19 52.26 21.86
N ARG A 1350 9.34 52.09 22.52
CA ARG A 1350 9.65 50.84 23.22
C ARG A 1350 9.04 50.77 24.61
N ASP A 1351 8.05 51.61 24.93
CA ASP A 1351 7.38 51.56 26.21
C ASP A 1351 5.87 51.68 26.14
N GLY A 1352 5.30 51.98 24.97
CA GLY A 1352 3.88 52.23 24.85
C GLY A 1352 3.53 53.54 24.18
N ILE A 1353 4.52 54.31 23.69
CA ILE A 1353 4.22 55.59 23.05
C ILE A 1353 3.42 55.34 21.78
N VAL A 1354 2.41 56.19 21.57
CA VAL A 1354 1.57 56.11 20.38
C VAL A 1354 1.69 57.42 19.63
N LYS A 1355 2.07 57.34 18.35
CA LYS A 1355 2.20 58.51 17.50
C LYS A 1355 1.44 58.25 16.21
N VAL A 1356 0.32 58.94 16.02
CA VAL A 1356 -0.52 58.77 14.84
C VAL A 1356 -0.31 60.00 13.98
N TRP A 1357 0.67 59.93 13.08
CA TRP A 1357 0.98 61.00 12.16
C TRP A 1357 -0.03 61.03 11.03
N LYS A 1358 -0.35 62.22 10.57
CA LYS A 1358 -1.29 62.39 9.47
C LYS A 1358 -0.57 62.20 8.14
N TYR B 9 -6.28 9.93 -20.14
CA TYR B 9 -7.50 9.36 -19.59
C TYR B 9 -8.21 8.51 -20.62
N ILE B 10 -8.74 7.35 -20.19
CA ILE B 10 -9.46 6.45 -21.08
C ILE B 10 -10.18 5.42 -20.25
N TYR B 11 -11.26 4.89 -20.80
CA TYR B 11 -11.98 3.78 -20.18
C TYR B 11 -11.38 2.46 -20.64
N SER B 12 -11.31 1.49 -19.71
CA SER B 12 -10.59 0.24 -19.98
C SER B 12 -11.40 -0.69 -20.88
N CYS B 13 -12.73 -0.57 -20.86
CA CYS B 13 -13.59 -1.57 -21.49
C CYS B 13 -13.21 -1.80 -22.96
N ASP B 14 -13.09 -0.71 -23.72
CA ASP B 14 -12.93 -0.85 -25.16
C ASP B 14 -11.70 -1.68 -25.53
N LEU B 15 -10.55 -1.36 -24.94
CA LEU B 15 -9.32 -2.03 -25.37
C LEU B 15 -9.36 -3.53 -25.07
N ASP B 16 -9.32 -3.89 -23.79
CA ASP B 16 -9.30 -5.30 -23.40
C ASP B 16 -8.07 -6.01 -23.97
N ILE B 17 -7.07 -5.23 -24.36
CA ILE B 17 -5.90 -5.80 -25.05
C ILE B 17 -5.08 -6.62 -24.07
N ASN B 18 -4.33 -7.58 -24.61
CA ASN B 18 -3.46 -8.40 -23.79
C ASN B 18 -2.34 -7.55 -23.18
N VAL B 19 -1.63 -8.15 -22.23
CA VAL B 19 -0.62 -7.45 -21.45
C VAL B 19 0.73 -7.57 -22.16
N GLN B 20 1.47 -6.48 -22.19
CA GLN B 20 2.83 -6.44 -22.71
C GLN B 20 3.58 -5.30 -22.03
N LEU B 21 4.90 -5.43 -21.98
CA LEU B 21 5.70 -4.44 -21.27
C LEU B 21 7.17 -4.62 -21.62
N LYS B 22 8.02 -3.89 -20.91
CA LYS B 22 9.46 -3.98 -21.06
C LYS B 22 10.09 -4.47 -19.75
N ILE B 23 11.35 -4.89 -19.84
CA ILE B 23 12.04 -5.52 -18.71
C ILE B 23 12.98 -4.52 -18.08
N GLY B 24 13.10 -4.59 -16.76
CA GLY B 24 14.01 -3.74 -16.02
C GLY B 24 14.71 -4.52 -14.94
N SER B 25 15.78 -3.93 -14.43
CA SER B 25 16.63 -4.60 -13.45
C SER B 25 16.11 -4.37 -12.03
N LEU B 26 16.27 -5.38 -11.18
CA LEU B 26 15.88 -5.29 -9.77
C LEU B 26 16.98 -4.61 -8.96
N GLU B 27 16.60 -3.63 -8.14
CA GLU B 27 17.58 -2.94 -7.31
C GLU B 27 18.17 -3.85 -6.25
N GLY B 28 17.39 -4.80 -5.74
CA GLY B 28 17.86 -5.64 -4.66
C GLY B 28 19.02 -6.51 -5.11
N LYS B 29 20.13 -6.41 -4.38
CA LYS B 29 21.30 -7.22 -4.66
C LYS B 29 21.11 -8.63 -4.11
N ARG B 30 21.94 -9.55 -4.59
CA ARG B 30 21.88 -10.93 -4.11
C ARG B 30 22.70 -11.08 -2.84
N GLU B 31 22.43 -10.22 -1.86
CA GLU B 31 23.01 -10.37 -0.53
C GLU B 31 22.16 -11.36 0.25
N GLN B 32 21.19 -11.94 -0.44
CA GLN B 32 20.27 -12.92 0.13
C GLN B 32 20.77 -14.35 -0.07
N LYS B 33 22.09 -14.56 -0.07
CA LYS B 33 22.69 -15.81 -0.50
C LYS B 33 22.65 -16.89 0.58
N SER B 34 21.74 -16.77 1.53
CA SER B 34 21.47 -17.83 2.50
C SER B 34 22.76 -18.42 3.05
N TYR B 35 23.54 -17.54 3.71
CA TYR B 35 24.86 -17.95 4.19
C TYR B 35 24.79 -19.25 4.98
N LYS B 36 23.87 -19.35 5.94
CA LYS B 36 23.70 -20.62 6.64
C LYS B 36 23.02 -21.66 5.77
N ALA B 37 21.93 -21.27 5.09
CA ALA B 37 21.30 -22.18 4.14
C ALA B 37 22.30 -22.62 3.08
N VAL B 38 23.24 -21.76 2.72
CA VAL B 38 24.37 -22.20 1.91
C VAL B 38 25.22 -23.20 2.67
N LEU B 39 25.37 -22.99 3.98
CA LEU B 39 26.17 -23.89 4.81
C LEU B 39 25.51 -25.26 4.94
N GLU B 40 24.25 -25.39 4.53
CA GLU B 40 23.51 -26.63 4.71
C GLU B 40 23.51 -27.51 3.46
N ASP B 41 23.09 -26.96 2.31
CA ASP B 41 22.84 -27.74 1.11
C ASP B 41 23.88 -27.44 0.04
N PRO B 42 24.34 -28.43 -0.73
CA PRO B 42 25.34 -28.15 -1.78
C PRO B 42 24.73 -27.57 -3.05
N MET B 43 23.43 -27.76 -3.24
CA MET B 43 22.79 -27.32 -4.47
C MET B 43 22.93 -25.82 -4.66
N LEU B 44 22.68 -25.05 -3.60
CA LEU B 44 22.55 -23.60 -3.73
C LEU B 44 23.73 -23.00 -4.48
N LYS B 45 24.94 -23.49 -4.21
CA LYS B 45 26.13 -23.01 -4.90
C LYS B 45 25.89 -22.94 -6.41
N PHE B 46 25.08 -23.85 -6.94
CA PHE B 46 24.69 -23.83 -8.34
C PHE B 46 23.85 -22.61 -8.70
N SER B 47 23.55 -21.75 -7.73
CA SER B 47 22.80 -20.53 -8.00
C SER B 47 23.51 -19.70 -9.05
N GLY B 48 22.73 -19.19 -10.01
CA GLY B 48 23.33 -18.38 -11.06
C GLY B 48 24.11 -17.21 -10.52
N LEU B 49 23.54 -16.50 -9.56
CA LEU B 49 24.30 -15.48 -8.86
C LEU B 49 25.47 -16.10 -8.09
N TYR B 50 25.22 -17.22 -7.42
CA TYR B 50 26.26 -17.83 -6.60
C TYR B 50 27.53 -18.08 -7.41
N GLN B 51 27.37 -18.42 -8.67
CA GLN B 51 28.54 -18.73 -9.50
C GLN B 51 28.80 -17.70 -10.61
N GLU B 52 28.12 -16.57 -10.74
CA GLU B 52 28.36 -15.67 -11.86
C GLU B 52 28.68 -14.27 -11.34
N THR B 53 29.34 -13.48 -12.18
CA THR B 53 29.65 -12.10 -11.82
C THR B 53 28.40 -11.31 -11.48
N CYS B 54 27.26 -11.75 -12.00
CA CYS B 54 25.96 -11.20 -11.66
C CYS B 54 24.93 -12.32 -11.76
N SER B 55 23.65 -11.98 -11.74
CA SER B 55 22.64 -13.03 -11.67
C SER B 55 21.55 -12.77 -12.69
N ASP B 56 21.41 -13.71 -13.62
CA ASP B 56 20.20 -13.83 -14.42
C ASP B 56 19.21 -14.76 -13.71
N LEU B 57 17.95 -14.69 -14.11
CA LEU B 57 16.93 -15.52 -13.51
C LEU B 57 15.84 -15.80 -14.54
N TYR B 58 14.91 -16.67 -14.15
CA TYR B 58 13.76 -16.98 -14.98
C TYR B 58 12.58 -16.17 -14.47
N VAL B 59 12.15 -15.21 -15.28
CA VAL B 59 11.18 -14.23 -14.86
C VAL B 59 9.81 -14.88 -14.76
N THR B 60 9.04 -14.46 -13.77
CA THR B 60 7.66 -14.87 -13.61
C THR B 60 6.86 -13.66 -13.19
N CYS B 61 5.79 -13.37 -13.92
CA CYS B 61 4.95 -12.21 -13.64
C CYS B 61 3.50 -12.55 -13.97
N GLN B 62 2.59 -12.13 -13.09
CA GLN B 62 1.17 -12.40 -13.26
C GLN B 62 0.37 -11.31 -12.57
N VAL B 63 -0.92 -11.26 -12.91
CA VAL B 63 -1.86 -10.29 -12.35
C VAL B 63 -3.05 -11.06 -11.79
N PHE B 64 -3.43 -10.72 -10.56
CA PHE B 64 -4.58 -11.33 -9.90
C PHE B 64 -5.46 -10.24 -9.33
N ALA B 65 -6.77 -10.34 -9.57
CA ALA B 65 -7.74 -9.37 -9.09
C ALA B 65 -8.04 -9.67 -7.62
N GLU B 66 -7.30 -9.01 -6.73
CA GLU B 66 -7.46 -9.25 -5.30
C GLU B 66 -7.22 -10.71 -4.95
N GLY B 67 -6.21 -11.32 -5.57
CA GLY B 67 -5.80 -12.68 -5.25
C GLY B 67 -6.29 -13.75 -6.20
N LYS B 68 -7.22 -13.43 -7.10
CA LYS B 68 -7.70 -14.41 -8.06
C LYS B 68 -6.81 -14.38 -9.29
N PRO B 69 -6.18 -15.49 -9.65
CA PRO B 69 -5.28 -15.46 -10.81
C PRO B 69 -6.02 -15.05 -12.08
N LEU B 70 -5.31 -14.28 -12.92
CA LEU B 70 -5.89 -13.80 -14.16
C LEU B 70 -4.94 -13.85 -15.35
N ALA B 71 -3.76 -14.43 -15.19
CA ALA B 71 -2.78 -14.52 -16.27
C ALA B 71 -1.86 -15.69 -15.99
N LEU B 72 -0.74 -15.74 -16.71
CA LEU B 72 0.22 -16.83 -16.58
C LEU B 72 1.54 -16.29 -16.04
N PRO B 73 2.37 -17.17 -15.47
CA PRO B 73 3.66 -16.72 -14.95
C PRO B 73 4.61 -16.34 -16.07
N VAL B 74 4.41 -15.16 -16.65
CA VAL B 74 5.19 -14.75 -17.80
C VAL B 74 6.68 -14.78 -17.47
N ARG B 75 7.47 -15.33 -18.38
CA ARG B 75 8.91 -15.41 -18.23
C ARG B 75 9.57 -14.79 -19.45
N THR B 76 10.60 -14.00 -19.21
CA THR B 76 11.32 -13.34 -20.30
C THR B 76 12.13 -14.35 -21.09
N SER B 77 12.74 -13.92 -22.18
CA SER B 77 13.54 -14.79 -23.03
C SER B 77 14.97 -14.88 -22.49
N TYR B 78 15.77 -15.72 -23.14
CA TYR B 78 17.15 -15.91 -22.73
C TYR B 78 17.92 -14.60 -22.89
N LYS B 79 18.39 -14.05 -21.77
CA LYS B 79 19.14 -12.81 -21.76
C LYS B 79 20.23 -12.91 -20.69
N ALA B 80 21.22 -12.04 -20.79
CA ALA B 80 22.42 -12.13 -19.96
C ALA B 80 22.30 -11.19 -18.76
N PHE B 81 22.39 -11.77 -17.56
CA PHE B 81 22.51 -11.00 -16.34
C PHE B 81 23.50 -11.62 -15.36
N SER B 82 24.14 -12.73 -15.72
CA SER B 82 25.13 -13.36 -14.84
C SER B 82 26.35 -12.48 -14.66
N THR B 83 26.54 -11.47 -15.49
CA THR B 83 27.59 -10.49 -15.32
C THR B 83 27.06 -9.08 -15.05
N ARG B 84 25.88 -8.76 -15.56
CA ARG B 84 25.20 -7.51 -15.25
C ARG B 84 23.71 -7.74 -15.39
N TRP B 85 22.96 -7.45 -14.33
CA TRP B 85 21.53 -7.73 -14.32
C TRP B 85 20.75 -6.60 -14.96
N ASN B 86 21.42 -5.77 -15.75
CA ASN B 86 20.74 -4.68 -16.45
C ASN B 86 19.76 -5.28 -17.45
N TRP B 87 18.47 -5.16 -17.16
CA TRP B 87 17.43 -5.76 -17.97
C TRP B 87 16.92 -4.74 -18.98
N ASN B 88 17.16 -5.02 -20.26
CA ASN B 88 16.65 -4.18 -21.35
C ASN B 88 15.87 -5.12 -22.27
N GLU B 89 14.62 -5.36 -21.91
CA GLU B 89 13.80 -6.35 -22.59
C GLU B 89 12.34 -5.94 -22.48
N TRP B 90 11.50 -6.66 -23.21
CA TRP B 90 10.05 -6.45 -23.16
C TRP B 90 9.38 -7.77 -22.82
N LEU B 91 8.19 -7.68 -22.21
CA LEU B 91 7.43 -8.87 -21.86
C LEU B 91 5.95 -8.58 -22.05
N LYS B 92 5.21 -9.58 -22.50
CA LYS B 92 3.78 -9.47 -22.74
C LYS B 92 3.05 -10.40 -21.78
N LEU B 93 2.49 -9.87 -20.70
CA LEU B 93 1.85 -10.74 -19.72
C LEU B 93 0.56 -11.33 -20.31
N PRO B 94 -0.06 -12.26 -19.59
CA PRO B 94 -1.24 -12.87 -20.22
C PRO B 94 -2.55 -12.28 -19.71
N VAL B 95 -2.52 -11.03 -19.26
CA VAL B 95 -3.73 -10.41 -18.71
C VAL B 95 -4.31 -9.37 -19.66
N LYS B 96 -5.58 -9.53 -20.02
CA LYS B 96 -6.22 -8.55 -20.88
C LYS B 96 -6.47 -7.25 -20.11
N TYR B 97 -6.58 -6.14 -20.81
CA TYR B 97 -6.75 -4.86 -20.15
C TYR B 97 -8.00 -4.86 -19.28
N PRO B 98 -9.12 -5.36 -19.83
CA PRO B 98 -10.35 -5.43 -19.05
C PRO B 98 -10.38 -6.67 -18.17
N ASP B 99 -9.54 -7.66 -18.47
CA ASP B 99 -9.56 -8.91 -17.71
C ASP B 99 -9.31 -8.65 -16.24
N LEU B 100 -10.33 -8.89 -15.41
CA LEU B 100 -10.17 -8.72 -13.97
C LEU B 100 -9.50 -7.39 -13.64
N PRO B 101 -9.87 -6.34 -14.38
CA PRO B 101 -9.21 -5.05 -14.17
C PRO B 101 -9.41 -4.56 -12.74
N ARG B 102 -10.61 -4.77 -12.19
CA ARG B 102 -10.88 -4.34 -10.84
C ARG B 102 -10.01 -5.08 -9.83
N ASN B 103 -9.34 -4.35 -8.96
CA ASN B 103 -8.51 -4.96 -7.91
C ASN B 103 -7.36 -5.83 -8.45
N ALA B 104 -7.03 -5.67 -9.73
CA ALA B 104 -5.94 -6.45 -10.31
C ALA B 104 -4.63 -6.10 -9.63
N GLN B 105 -3.81 -7.11 -9.34
CA GLN B 105 -2.54 -6.87 -8.68
C GLN B 105 -1.37 -7.53 -9.41
N VAL B 106 -0.43 -6.72 -9.88
CA VAL B 106 0.74 -7.24 -10.59
C VAL B 106 1.70 -8.00 -9.70
N ALA B 107 1.63 -9.32 -9.71
CA ALA B 107 2.55 -10.15 -8.95
C ALA B 107 3.51 -10.83 -9.91
N LEU B 108 4.76 -11.03 -9.46
CA LEU B 108 5.79 -11.57 -10.32
C LEU B 108 6.86 -12.28 -9.51
N THR B 109 7.72 -13.01 -10.22
CA THR B 109 8.86 -13.70 -9.61
C THR B 109 9.91 -13.93 -10.69
N ILE B 110 11.13 -14.19 -10.26
CA ILE B 110 12.22 -14.53 -11.17
C ILE B 110 12.83 -15.85 -10.69
N TRP B 111 12.87 -16.83 -11.59
CA TRP B 111 13.36 -18.15 -11.28
C TRP B 111 14.86 -18.19 -11.53
N ASP B 112 15.64 -18.33 -10.46
CA ASP B 112 17.07 -18.51 -10.53
C ASP B 112 17.43 -19.55 -9.49
N VAL B 113 18.45 -20.33 -9.77
CA VAL B 113 18.67 -21.57 -9.04
C VAL B 113 19.00 -21.24 -7.59
N TYR B 114 18.04 -21.51 -6.70
CA TYR B 114 18.35 -21.57 -5.28
C TYR B 114 19.27 -22.73 -4.96
N GLY B 115 19.61 -23.51 -5.97
CA GLY B 115 20.52 -24.61 -5.84
C GLY B 115 20.44 -25.48 -7.07
N PRO B 116 21.44 -26.35 -7.24
CA PRO B 116 21.34 -27.31 -8.36
C PRO B 116 20.05 -28.10 -8.29
N GLY B 117 19.62 -28.47 -7.10
CA GLY B 117 18.30 -29.04 -6.92
C GLY B 117 17.28 -27.99 -6.54
N LYS B 118 17.66 -26.72 -6.58
CA LYS B 118 16.80 -25.64 -6.11
C LYS B 118 16.77 -24.49 -7.12
N ALA B 119 16.70 -24.83 -8.40
CA ALA B 119 16.60 -23.81 -9.45
C ALA B 119 15.13 -23.44 -9.63
N VAL B 120 14.73 -22.30 -9.10
CA VAL B 120 13.35 -21.82 -9.20
C VAL B 120 13.30 -20.34 -8.81
N PRO B 121 12.14 -19.70 -8.87
CA PRO B 121 12.05 -18.30 -8.41
C PRO B 121 11.73 -18.18 -6.94
N VAL B 122 12.45 -17.34 -6.21
CA VAL B 122 12.20 -17.14 -4.79
C VAL B 122 12.04 -15.65 -4.50
N GLY B 123 11.81 -14.86 -5.54
CA GLY B 123 11.60 -13.43 -5.40
C GLY B 123 10.25 -13.04 -5.95
N GLY B 124 9.42 -12.43 -5.10
CA GLY B 124 8.09 -12.04 -5.50
C GLY B 124 7.58 -10.84 -4.72
N THR B 125 6.67 -10.12 -5.35
CA THR B 125 6.00 -8.99 -4.72
C THR B 125 4.72 -8.72 -5.49
N THR B 126 3.79 -8.02 -4.84
CA THR B 126 2.48 -7.77 -5.43
C THR B 126 2.17 -6.28 -5.35
N VAL B 127 1.66 -5.73 -6.45
CA VAL B 127 1.24 -4.33 -6.51
C VAL B 127 0.04 -4.25 -7.43
N SER B 128 -0.86 -3.31 -7.13
CA SER B 128 -2.06 -3.14 -7.92
C SER B 128 -1.70 -2.75 -9.35
N LEU B 129 -2.43 -3.33 -10.31
CA LEU B 129 -2.20 -2.97 -11.71
C LEU B 129 -2.37 -1.48 -11.93
N PHE B 130 -3.48 -0.92 -11.45
CA PHE B 130 -3.66 0.51 -11.45
C PHE B 130 -2.99 1.11 -10.21
N GLY B 131 -3.13 2.42 -10.05
CA GLY B 131 -2.57 3.12 -8.91
C GLY B 131 -3.49 3.11 -7.70
N LYS B 132 -3.08 3.87 -6.68
CA LYS B 132 -3.87 3.98 -5.47
C LYS B 132 -5.18 4.72 -5.70
N TYR B 133 -5.33 5.40 -6.84
CA TYR B 133 -6.56 6.09 -7.17
C TYR B 133 -7.27 5.49 -8.38
N GLY B 134 -6.65 4.54 -9.07
CA GLY B 134 -7.27 3.82 -10.18
C GLY B 134 -6.57 4.01 -11.51
N MET B 135 -5.75 5.05 -11.66
CA MET B 135 -5.08 5.29 -12.93
C MET B 135 -4.05 4.20 -13.21
N PHE B 136 -4.13 3.61 -14.39
CA PHE B 136 -3.15 2.62 -14.81
C PHE B 136 -1.82 3.29 -15.13
N ARG B 137 -0.73 2.56 -14.88
CA ARG B 137 0.61 3.06 -15.14
C ARG B 137 1.24 2.23 -16.25
N GLN B 138 1.58 2.89 -17.37
CA GLN B 138 2.37 2.24 -18.40
C GLN B 138 3.81 2.71 -18.35
N GLY B 139 4.27 3.11 -17.16
CA GLY B 139 5.64 3.54 -16.96
C GLY B 139 6.29 2.78 -15.83
N MET B 140 7.63 2.83 -15.81
CA MET B 140 8.38 2.03 -14.86
C MET B 140 7.94 2.30 -13.43
N HIS B 141 7.59 1.23 -12.72
CA HIS B 141 7.27 1.31 -11.30
C HIS B 141 8.21 0.36 -10.56
N ASP B 142 9.38 0.86 -10.19
CA ASP B 142 10.31 0.04 -9.44
C ASP B 142 9.61 -0.52 -8.20
N LEU B 143 9.88 -1.80 -7.91
CA LEU B 143 9.08 -2.53 -6.95
C LEU B 143 9.88 -2.83 -5.69
N LYS B 144 9.16 -2.96 -4.58
CA LYS B 144 9.73 -3.35 -3.31
C LYS B 144 9.92 -4.86 -3.29
N VAL B 145 11.14 -5.31 -3.07
CA VAL B 145 11.50 -6.70 -3.20
C VAL B 145 11.09 -7.44 -1.94
N TRP B 146 10.77 -8.72 -2.10
CA TRP B 146 10.50 -9.64 -1.00
C TRP B 146 11.41 -10.85 -1.21
N PRO B 147 12.69 -10.71 -0.94
CA PRO B 147 13.66 -11.75 -1.29
C PRO B 147 13.40 -13.04 -0.53
N ASN B 148 13.84 -14.14 -1.13
CA ASN B 148 13.56 -15.48 -0.62
C ASN B 148 12.06 -15.74 -0.49
N VAL B 149 11.26 -14.98 -1.23
CA VAL B 149 9.81 -15.13 -1.22
C VAL B 149 9.30 -14.68 -2.57
N GLU B 150 8.14 -15.20 -2.96
CA GLU B 150 7.56 -14.92 -4.27
C GLU B 150 6.26 -14.14 -4.11
N ALA B 151 5.74 -13.69 -5.23
CA ALA B 151 4.55 -12.84 -5.22
C ALA B 151 3.32 -13.63 -4.81
N ASP B 152 2.29 -12.90 -4.39
CA ASP B 152 1.00 -13.48 -4.02
C ASP B 152 -0.17 -12.95 -4.82
N GLY B 153 -0.18 -11.64 -5.14
CA GLY B 153 -1.20 -11.07 -6.00
C GLY B 153 -2.53 -10.78 -5.34
N SER B 154 -2.73 -11.18 -4.09
CA SER B 154 -4.00 -10.93 -3.42
C SER B 154 -4.17 -9.45 -3.13
N GLU B 155 -5.42 -9.01 -3.04
CA GLU B 155 -5.70 -7.65 -2.59
C GLU B 155 -4.99 -7.34 -1.29
N PRO B 156 -5.03 -8.20 -0.27
CA PRO B 156 -4.10 -8.05 0.85
C PRO B 156 -2.74 -8.60 0.50
N THR B 157 -2.12 -8.07 -0.55
CA THR B 157 -0.87 -8.60 -1.04
C THR B 157 0.19 -8.60 0.05
N LYS B 158 0.89 -9.72 0.19
CA LYS B 158 1.88 -9.89 1.24
C LYS B 158 3.26 -9.33 0.87
N THR B 159 3.48 -8.99 -0.40
CA THR B 159 4.76 -8.44 -0.85
C THR B 159 4.50 -7.21 -1.70
N PRO B 160 4.17 -6.09 -1.06
CA PRO B 160 3.85 -4.88 -1.83
C PRO B 160 4.99 -4.49 -2.75
N GLY B 161 4.64 -4.16 -4.00
CA GLY B 161 5.61 -3.70 -4.96
C GLY B 161 5.47 -2.23 -5.27
N ARG B 162 4.23 -1.76 -5.36
CA ARG B 162 3.94 -0.37 -5.65
C ARG B 162 2.66 0.03 -4.93
N THR B 163 2.56 1.32 -4.62
CA THR B 163 1.38 1.84 -3.94
C THR B 163 0.18 1.93 -4.88
N ASP B 170 7.48 10.47 3.74
CA ASP B 170 8.77 9.84 3.98
C ASP B 170 9.89 10.60 3.25
N GLN B 171 11.13 10.40 3.68
CA GLN B 171 12.26 11.12 3.08
C GLN B 171 12.35 10.82 1.59
N MET B 172 12.59 9.56 1.23
CA MET B 172 12.60 9.19 -0.19
C MET B 172 11.23 9.42 -0.80
N SER B 173 10.16 9.10 -0.06
CA SER B 173 8.81 9.36 -0.54
C SER B 173 8.59 10.86 -0.77
N ARG B 174 9.05 11.70 0.17
CA ARG B 174 8.92 13.13 -0.02
C ARG B 174 9.67 13.60 -1.26
N LEU B 175 10.90 13.11 -1.44
CA LEU B 175 11.69 13.48 -2.59
C LEU B 175 10.96 13.11 -3.88
N ALA B 176 10.47 11.88 -3.96
CA ALA B 176 9.79 11.42 -5.18
C ALA B 176 8.53 12.23 -5.43
N LYS B 177 7.71 12.46 -4.40
CA LYS B 177 6.46 13.19 -4.58
C LYS B 177 6.74 14.62 -5.02
N LEU B 178 7.71 15.28 -4.39
CA LEU B 178 8.05 16.64 -4.79
C LEU B 178 8.59 16.69 -6.20
N THR B 179 9.43 15.73 -6.58
CA THR B 179 9.94 15.69 -7.95
C THR B 179 8.80 15.53 -8.94
N LYS B 180 7.85 14.65 -8.64
CA LYS B 180 6.70 14.44 -9.51
C LYS B 180 5.88 15.72 -9.65
N ALA B 181 5.61 16.38 -8.51
CA ALA B 181 4.83 17.61 -8.55
C ALA B 181 5.54 18.68 -9.39
N HIS B 182 6.82 18.88 -9.14
CA HIS B 182 7.57 19.91 -9.88
C HIS B 182 7.59 19.60 -11.37
N ARG B 183 7.99 18.38 -11.73
CA ARG B 183 8.06 18.00 -13.14
C ARG B 183 6.70 17.99 -13.81
N GLN B 184 5.62 17.91 -13.04
CA GLN B 184 4.29 18.03 -13.63
C GLN B 184 4.07 19.41 -14.22
N GLY B 185 4.94 20.37 -13.88
CA GLY B 185 4.75 21.74 -14.30
C GLY B 185 4.28 22.61 -13.16
N HIS B 186 4.65 22.22 -11.94
CA HIS B 186 4.24 22.90 -10.72
C HIS B 186 5.36 23.74 -10.10
N MET B 187 6.17 24.41 -10.91
CA MET B 187 7.29 25.20 -10.43
C MET B 187 7.21 26.62 -10.96
N VAL B 188 7.64 27.58 -10.14
CA VAL B 188 7.56 29.00 -10.47
C VAL B 188 8.74 29.40 -11.33
N LYS B 189 8.68 30.60 -11.91
CA LYS B 189 9.73 31.08 -12.81
C LYS B 189 11.08 31.17 -12.13
N VAL B 190 11.18 30.90 -10.83
CA VAL B 190 12.46 30.89 -10.13
C VAL B 190 13.13 29.54 -10.37
N ASP B 191 13.95 29.46 -11.41
CA ASP B 191 14.52 28.19 -11.82
C ASP B 191 15.60 27.70 -10.87
N TRP B 192 16.24 28.60 -10.12
CA TRP B 192 17.39 28.23 -9.31
C TRP B 192 17.07 27.06 -8.38
N LEU B 193 15.84 27.00 -7.87
CA LEU B 193 15.48 25.92 -6.96
C LEU B 193 15.57 24.56 -7.63
N ASP B 194 15.12 24.45 -8.88
CA ASP B 194 15.10 23.16 -9.57
C ASP B 194 16.49 22.54 -9.60
N ARG B 195 17.52 23.35 -9.90
CA ARG B 195 18.89 22.85 -9.83
C ARG B 195 19.23 22.43 -8.41
N LEU B 196 19.02 23.32 -7.44
CA LEU B 196 19.21 22.96 -6.05
C LEU B 196 18.25 21.84 -5.65
N THR B 197 17.05 21.83 -6.25
CA THR B 197 16.10 20.76 -5.98
C THR B 197 16.73 19.40 -6.28
N PHE B 198 17.30 19.26 -7.48
CA PHE B 198 17.95 18.00 -7.85
C PHE B 198 19.19 17.75 -6.99
N ARG B 199 19.94 18.80 -6.68
CA ARG B 199 21.13 18.61 -5.86
C ARG B 199 20.79 18.03 -4.50
N GLU B 200 19.73 18.53 -3.87
CA GLU B 200 19.30 18.02 -2.56
C GLU B 200 18.58 16.68 -2.67
N ILE B 201 17.87 16.44 -3.77
CA ILE B 201 17.35 15.10 -4.03
C ILE B 201 18.52 14.12 -4.11
N GLU B 202 19.66 14.60 -4.57
CA GLU B 202 20.87 13.78 -4.58
C GLU B 202 21.26 13.38 -3.18
N MET B 203 21.23 14.32 -2.23
CA MET B 203 21.56 13.99 -0.85
C MET B 203 20.54 13.04 -0.24
N ILE B 204 19.26 13.27 -0.52
CA ILE B 204 18.23 12.38 -0.01
C ILE B 204 18.41 10.97 -0.54
N ASN B 205 18.68 10.83 -1.84
CA ASN B 205 18.94 9.52 -2.42
C ASN B 205 20.21 8.92 -1.85
N GLU B 206 21.21 9.75 -1.53
CA GLU B 206 22.41 9.25 -0.89
C GLU B 206 22.10 8.65 0.47
N SER B 207 21.27 9.33 1.26
CA SER B 207 20.83 8.76 2.53
C SER B 207 20.08 7.45 2.30
N GLU B 208 19.17 7.42 1.33
CA GLU B 208 18.40 6.20 1.07
C GLU B 208 19.30 5.04 0.66
N LYS B 209 20.32 5.31 -0.18
CA LYS B 209 21.24 4.26 -0.59
C LYS B 209 22.12 3.81 0.56
N ARG B 210 22.60 4.75 1.39
CA ARG B 210 23.30 4.35 2.60
C ARG B 210 22.44 3.44 3.44
N SER B 211 21.12 3.65 3.42
CA SER B 211 20.21 2.68 4.02
C SER B 211 20.43 1.30 3.40
N SER B 212 20.45 0.29 4.25
CA SER B 212 20.80 -1.07 3.83
C SER B 212 19.78 -2.03 4.43
N ASN B 213 20.06 -3.32 4.32
CA ASN B 213 19.13 -4.36 4.78
C ASN B 213 17.78 -4.25 4.08
N PHE B 214 17.80 -3.91 2.80
CA PHE B 214 16.56 -3.80 2.03
C PHE B 214 16.81 -4.32 0.61
N MET B 215 15.76 -4.87 0.02
CA MET B 215 15.79 -5.38 -1.34
C MET B 215 14.79 -4.62 -2.19
N TYR B 216 15.19 -4.26 -3.41
CA TYR B 216 14.37 -3.45 -4.28
C TYR B 216 14.51 -3.94 -5.71
N LEU B 217 13.60 -3.47 -6.57
CA LEU B 217 13.66 -3.81 -7.98
C LEU B 217 13.06 -2.66 -8.78
N MET B 218 13.65 -2.41 -9.94
CA MET B 218 13.15 -1.42 -10.87
C MET B 218 12.22 -2.10 -11.87
N VAL B 219 10.93 -1.78 -11.79
CA VAL B 219 9.92 -2.38 -12.63
C VAL B 219 9.49 -1.34 -13.65
N GLU B 220 9.78 -1.59 -14.93
CA GLU B 220 9.54 -0.63 -15.99
C GLU B 220 8.29 -1.03 -16.76
N PHE B 221 7.14 -0.49 -16.34
CA PHE B 221 5.93 -0.66 -17.12
C PHE B 221 6.10 0.00 -18.47
N ARG B 222 5.81 -0.75 -19.53
CA ARG B 222 6.01 -0.30 -20.90
C ARG B 222 4.89 0.67 -21.28
N CYS B 223 5.27 1.87 -21.69
CA CYS B 223 4.29 2.83 -22.18
C CYS B 223 3.55 2.24 -23.38
N VAL B 224 2.27 2.55 -23.48
CA VAL B 224 1.40 1.99 -24.51
C VAL B 224 1.30 3.01 -25.64
N LYS B 225 1.38 2.51 -26.88
CA LYS B 225 1.22 3.38 -28.04
C LYS B 225 -0.26 3.66 -28.25
N CYS B 226 -0.93 4.11 -27.19
CA CYS B 226 -2.30 4.61 -27.21
C CYS B 226 -2.23 5.86 -26.34
N ASP B 227 -2.15 7.02 -26.99
CA ASP B 227 -1.64 8.23 -26.37
C ASP B 227 -0.13 8.17 -26.19
N ASP B 228 0.47 7.04 -26.54
CA ASP B 228 1.92 6.86 -26.56
C ASP B 228 2.56 7.37 -25.26
N LYS B 229 2.19 6.76 -24.15
CA LYS B 229 2.73 7.15 -22.85
C LYS B 229 2.53 6.02 -21.85
N GLU B 230 2.92 6.31 -20.61
CA GLU B 230 2.61 5.44 -19.49
C GLU B 230 1.15 5.65 -19.11
N TYR B 231 0.25 5.32 -20.04
CA TYR B 231 -1.13 5.79 -19.99
C TYR B 231 -1.80 5.40 -18.67
N GLY B 232 -2.61 6.34 -18.16
CA GLY B 232 -3.39 6.08 -16.97
C GLY B 232 -4.77 5.57 -17.31
N ILE B 233 -4.95 4.25 -17.23
CA ILE B 233 -6.20 3.60 -17.56
C ILE B 233 -6.98 3.36 -16.27
N VAL B 234 -8.30 3.52 -16.34
CA VAL B 234 -9.18 3.26 -15.22
C VAL B 234 -10.20 2.20 -15.62
N TYR B 235 -10.38 1.21 -14.76
CA TYR B 235 -11.30 0.13 -15.03
C TYR B 235 -12.74 0.63 -15.03
N TYR B 236 -13.59 -0.07 -15.79
CA TYR B 236 -14.99 0.31 -15.92
C TYR B 236 -15.86 -0.89 -16.25
N CYS C 43 9.37 -84.84 -45.64
CA CYS C 43 9.42 -85.44 -44.31
C CYS C 43 8.43 -84.77 -43.38
N PRO C 44 8.04 -85.47 -42.31
CA PRO C 44 7.04 -84.88 -41.40
C PRO C 44 7.46 -83.52 -40.89
N LEU C 45 8.75 -83.33 -40.60
CA LEU C 45 9.29 -82.01 -40.33
C LEU C 45 9.57 -81.23 -41.60
N CYS C 46 9.50 -81.87 -42.77
CA CYS C 46 9.77 -81.23 -44.05
C CYS C 46 8.51 -80.87 -44.84
N ASN C 47 7.53 -81.76 -44.91
CA ASN C 47 6.30 -81.51 -45.65
C ASN C 47 6.60 -80.98 -47.05
N THR C 48 7.57 -81.61 -47.70
CA THR C 48 8.00 -81.18 -49.04
C THR C 48 8.59 -82.38 -49.76
N THR C 49 8.70 -82.25 -51.08
CA THR C 49 9.29 -83.30 -51.89
C THR C 49 10.66 -83.68 -51.35
N ARG C 50 11.04 -84.94 -51.53
CA ARG C 50 12.29 -85.44 -50.97
C ARG C 50 13.47 -84.95 -51.77
N ARG C 51 13.86 -83.68 -51.56
CA ARG C 51 15.01 -83.13 -52.27
C ARG C 51 16.30 -83.86 -51.93
N ARG C 52 16.36 -84.53 -50.78
CA ARG C 52 17.55 -85.28 -50.39
C ARG C 52 17.71 -86.54 -51.24
N ILE C 76 21.59 -79.28 -32.16
CA ILE C 76 21.82 -80.02 -30.93
C ILE C 76 22.99 -79.41 -30.16
N ASP C 77 24.19 -79.88 -30.46
CA ASP C 77 25.38 -79.34 -29.78
C ASP C 77 25.51 -77.85 -30.00
N LYS C 78 25.01 -77.35 -31.14
CA LYS C 78 25.05 -75.92 -31.40
C LYS C 78 24.26 -75.15 -30.35
N LYS C 79 23.12 -75.71 -29.92
CA LYS C 79 22.41 -75.13 -28.79
C LYS C 79 23.31 -75.07 -27.56
N GLU C 80 24.10 -76.12 -27.34
CA GLU C 80 25.01 -76.13 -26.19
C GLU C 80 26.05 -75.02 -26.30
N ARG C 81 26.57 -74.80 -27.51
CA ARG C 81 27.54 -73.73 -27.69
C ARG C 81 26.91 -72.36 -27.42
N LEU C 82 25.72 -72.13 -27.98
CA LEU C 82 25.01 -70.89 -27.70
C LEU C 82 24.75 -70.74 -26.20
N SER C 83 24.55 -71.86 -25.51
CA SER C 83 24.29 -71.82 -24.07
C SER C 83 25.56 -71.46 -23.30
N ARG C 84 26.71 -71.99 -23.70
CA ARG C 84 27.95 -71.57 -23.08
C ARG C 84 28.20 -70.09 -23.31
N LEU C 85 27.91 -69.62 -24.54
CA LEU C 85 27.99 -68.19 -24.81
C LEU C 85 27.07 -67.40 -23.89
N LYS C 86 25.86 -67.91 -23.67
CA LYS C 86 24.91 -67.22 -22.79
C LYS C 86 25.38 -67.22 -21.35
N SER C 87 26.04 -68.29 -20.91
CA SER C 87 26.60 -68.32 -19.56
C SER C 87 27.70 -67.25 -19.41
N LYS C 88 28.56 -67.14 -20.43
CA LYS C 88 29.55 -66.07 -20.42
C LYS C 88 28.87 -64.70 -20.38
N GLN C 89 27.78 -64.56 -21.15
CA GLN C 89 27.05 -63.30 -21.17
C GLN C 89 26.43 -62.99 -19.81
N GLU C 90 25.97 -64.02 -19.10
CA GLU C 90 25.45 -63.82 -17.75
C GLU C 90 26.55 -63.35 -16.81
N GLU C 91 27.73 -63.97 -16.91
CA GLU C 91 28.88 -63.47 -16.14
C GLU C 91 29.15 -62.00 -16.46
N PHE C 92 29.06 -61.64 -17.75
CA PHE C 92 29.27 -60.25 -18.14
C PHE C 92 28.20 -59.33 -17.57
N GLN C 93 26.94 -59.78 -17.53
CA GLN C 93 25.88 -58.96 -16.94
C GLN C 93 26.12 -58.74 -15.46
N LYS C 94 26.57 -59.79 -14.77
CA LYS C 94 26.94 -59.64 -13.36
C LYS C 94 28.08 -58.65 -13.20
N GLU C 95 29.07 -58.72 -14.09
CA GLU C 95 30.16 -57.74 -14.06
C GLU C 95 29.62 -56.32 -14.28
N VAL C 96 28.64 -56.18 -15.18
CA VAL C 96 28.05 -54.87 -15.43
C VAL C 96 27.35 -54.36 -14.18
N LEU C 97 26.63 -55.22 -13.49
CA LEU C 97 25.97 -54.83 -12.24
C LEU C 97 27.01 -54.38 -11.22
N LYS C 98 28.10 -55.14 -11.06
CA LYS C 98 29.15 -54.75 -10.12
C LYS C 98 29.76 -53.41 -10.50
N ALA C 99 29.96 -53.19 -11.80
CA ALA C 99 30.49 -51.91 -12.27
C ALA C 99 29.54 -50.78 -11.95
N MET C 100 28.23 -51.00 -12.13
CA MET C 100 27.26 -49.97 -11.78
C MET C 100 27.32 -49.65 -10.29
N GLU C 101 27.48 -50.68 -9.45
CA GLU C 101 27.58 -50.45 -8.01
C GLU C 101 28.81 -49.62 -7.68
N GLY C 102 29.97 -50.02 -8.20
CA GLY C 102 31.17 -49.24 -7.98
C GLY C 102 31.04 -47.82 -8.50
N LYS C 103 30.35 -47.65 -9.63
CA LYS C 103 30.13 -46.33 -10.18
C LYS C 103 29.31 -45.48 -9.22
N TRP C 104 28.29 -46.06 -8.61
CA TRP C 104 27.50 -45.31 -7.64
C TRP C 104 28.33 -44.92 -6.43
N ILE C 105 29.14 -45.85 -5.90
CA ILE C 105 29.96 -45.53 -4.73
C ILE C 105 30.95 -44.41 -5.06
N THR C 106 31.60 -44.52 -6.21
CA THR C 106 32.58 -43.51 -6.62
C THR C 106 31.90 -42.18 -6.90
N ASP C 107 30.72 -42.20 -7.52
CA ASP C 107 29.97 -40.96 -7.72
C ASP C 107 29.70 -40.31 -6.38
N GLN C 108 29.27 -41.10 -5.40
CA GLN C 108 29.02 -40.54 -4.07
C GLN C 108 30.26 -39.85 -3.52
N LEU C 109 31.39 -40.57 -3.49
CA LEU C 109 32.58 -40.01 -2.86
C LEU C 109 33.11 -38.79 -3.61
N ARG C 110 33.21 -38.89 -4.94
CA ARG C 110 33.73 -37.79 -5.73
C ARG C 110 32.81 -36.58 -5.69
N TRP C 111 31.49 -36.79 -5.75
CA TRP C 111 30.56 -35.68 -5.58
C TRP C 111 30.69 -35.07 -4.19
N LYS C 112 31.06 -35.87 -3.19
CA LYS C 112 31.32 -35.30 -1.87
C LYS C 112 32.51 -34.35 -1.90
N ILE C 113 33.62 -34.79 -2.48
CA ILE C 113 34.80 -33.93 -2.57
C ILE C 113 34.47 -32.66 -3.36
N MET C 114 33.79 -32.83 -4.49
CA MET C 114 33.44 -31.69 -5.34
C MET C 114 32.49 -30.74 -4.62
N SER C 115 31.54 -31.28 -3.85
CA SER C 115 30.62 -30.43 -3.12
C SER C 115 31.34 -29.66 -2.03
N CYS C 116 32.34 -30.28 -1.40
CA CYS C 116 33.15 -29.54 -0.44
C CYS C 116 33.82 -28.35 -1.11
N LYS C 117 34.42 -28.59 -2.27
CA LYS C 117 35.04 -27.48 -3.01
C LYS C 117 34.02 -26.42 -3.38
N MET C 118 32.87 -26.85 -3.89
CA MET C 118 31.84 -25.91 -4.35
C MET C 118 31.30 -25.10 -3.18
N ARG C 119 31.16 -25.73 -2.02
CA ARG C 119 30.72 -25.01 -0.83
C ARG C 119 31.75 -23.97 -0.40
N ILE C 120 33.04 -24.33 -0.44
CA ILE C 120 34.08 -23.37 -0.15
C ILE C 120 33.91 -22.19 -1.09
N GLU C 121 33.65 -22.49 -2.37
CA GLU C 121 33.55 -21.44 -3.38
C GLU C 121 32.37 -20.51 -3.11
N GLN C 122 31.20 -21.09 -2.84
CA GLN C 122 30.02 -20.27 -2.58
C GLN C 122 30.19 -19.43 -1.31
N LEU C 123 30.82 -20.00 -0.28
CA LEU C 123 31.10 -19.24 0.92
C LEU C 123 32.03 -18.06 0.61
N LYS C 124 33.05 -18.31 -0.22
CA LYS C 124 33.95 -17.23 -0.62
C LYS C 124 33.21 -16.13 -1.36
N GLN C 125 32.31 -16.52 -2.28
CA GLN C 125 31.55 -15.53 -3.03
C GLN C 125 30.69 -14.68 -2.09
N THR C 126 30.01 -15.33 -1.15
CA THR C 126 29.22 -14.58 -0.18
C THR C 126 30.08 -13.65 0.67
N ILE C 127 31.25 -14.12 1.09
CA ILE C 127 32.15 -13.28 1.88
C ILE C 127 32.58 -12.07 1.08
N CYS C 128 32.86 -12.26 -0.21
CA CYS C 128 33.25 -11.15 -1.07
C CYS C 128 32.13 -10.13 -1.18
N LYS C 129 30.90 -10.61 -1.40
CA LYS C 129 29.77 -9.69 -1.49
C LYS C 129 29.62 -8.90 -0.18
N GLY C 130 29.75 -9.59 0.95
CA GLY C 130 29.64 -8.91 2.23
C GLY C 130 30.73 -7.88 2.44
N ASN C 131 31.96 -8.21 2.04
CA ASN C 131 33.06 -7.26 2.16
C ASN C 131 32.81 -6.03 1.31
N GLU C 132 32.30 -6.22 0.09
CA GLU C 132 31.99 -5.08 -0.76
C GLU C 132 30.92 -4.19 -0.12
N GLU C 133 29.86 -4.81 0.40
CA GLU C 133 28.81 -4.04 1.06
C GLU C 133 29.37 -3.27 2.25
N MET C 134 30.24 -3.92 3.03
CA MET C 134 30.83 -3.28 4.19
C MET C 134 31.68 -2.08 3.77
N GLU C 135 32.45 -2.23 2.69
CA GLU C 135 33.28 -1.12 2.22
C GLU C 135 32.41 0.06 1.79
N LYS C 136 31.34 -0.22 1.05
CA LYS C 136 30.45 0.87 0.62
C LYS C 136 29.84 1.58 1.83
N ASN C 137 29.37 0.80 2.80
CA ASN C 137 28.78 1.38 3.99
C ASN C 137 29.82 2.21 4.76
N SER C 138 31.05 1.71 4.87
CA SER C 138 32.09 2.44 5.56
C SER C 138 32.38 3.77 4.88
N GLU C 139 32.41 3.76 3.55
CA GLU C 139 32.64 5.00 2.81
C GLU C 139 31.53 6.01 3.08
N GLY C 140 30.28 5.58 2.93
CA GLY C 140 29.17 6.48 3.21
C GLY C 140 29.20 7.01 4.63
N LEU C 141 29.53 6.14 5.58
CA LEU C 141 29.61 6.54 6.98
C LEU C 141 30.70 7.58 7.19
N LEU C 142 31.86 7.40 6.56
CA LEU C 142 32.94 8.37 6.69
C LEU C 142 32.52 9.74 6.17
N LYS C 143 31.89 9.75 4.99
CA LYS C 143 31.44 11.03 4.42
C LYS C 143 30.44 11.71 5.35
N THR C 144 29.44 10.95 5.81
CA THR C 144 28.44 11.52 6.71
C THR C 144 29.07 12.00 8.00
N LYS C 145 30.05 11.26 8.52
CA LYS C 145 30.70 11.64 9.77
C LYS C 145 31.47 12.94 9.60
N GLU C 146 32.13 13.13 8.46
CA GLU C 146 32.81 14.40 8.21
C GLU C 146 31.81 15.55 8.17
N LYS C 147 30.72 15.37 7.42
CA LYS C 147 29.70 16.42 7.37
C LYS C 147 29.15 16.72 8.76
N ASN C 148 28.92 15.67 9.56
CA ASN C 148 28.38 15.82 10.89
C ASN C 148 29.36 16.55 11.80
N GLN C 149 30.66 16.24 11.66
CA GLN C 149 31.65 16.93 12.47
C GLN C 149 31.69 18.41 12.16
N LYS C 150 31.61 18.76 10.88
CA LYS C 150 31.52 20.17 10.50
C LYS C 150 30.31 20.84 11.12
N LEU C 151 29.15 20.19 10.97
CA LEU C 151 27.93 20.74 11.54
C LEU C 151 28.03 20.87 13.05
N TYR C 152 28.72 19.92 13.70
CA TYR C 152 28.85 19.94 15.14
C TYR C 152 29.75 21.09 15.60
N SER C 153 30.81 21.36 14.85
CA SER C 153 31.63 22.53 15.16
C SER C 153 30.79 23.80 15.06
N ARG C 154 30.01 23.92 13.97
CA ARG C 154 29.16 25.09 13.80
C ARG C 154 28.16 25.21 14.95
N ALA C 155 27.57 24.09 15.36
CA ALA C 155 26.59 24.10 16.43
C ALA C 155 27.23 24.47 17.77
N GLN C 156 28.44 23.99 18.03
CA GLN C 156 29.13 24.36 19.26
C GLN C 156 29.42 25.85 19.29
N ARG C 157 29.84 26.41 18.15
CA ARG C 157 30.01 27.85 18.08
C ARG C 157 28.70 28.58 18.36
N HIS C 158 27.63 28.12 17.73
CA HIS C 158 26.33 28.76 17.93
C HIS C 158 25.86 28.63 19.38
N GLN C 159 26.24 27.54 20.05
CA GLN C 159 25.83 27.34 21.44
C GLN C 159 26.62 28.23 22.38
N GLU C 160 27.92 28.38 22.14
CA GLU C 160 28.68 29.36 22.90
C GLU C 160 28.10 30.75 22.70
N LYS C 161 27.72 31.08 21.46
CA LYS C 161 27.07 32.34 21.18
C LYS C 161 25.77 32.47 21.96
N LYS C 162 25.01 31.38 22.03
CA LYS C 162 23.76 31.39 22.79
C LYS C 162 24.01 31.67 24.26
N GLU C 163 25.02 31.03 24.84
CA GLU C 163 25.33 31.27 26.25
C GLU C 163 25.73 32.72 26.48
N LYS C 164 26.57 33.27 25.60
CA LYS C 164 26.96 34.66 25.73
C LYS C 164 25.76 35.59 25.58
N ILE C 165 24.87 35.28 24.62
CA ILE C 165 23.69 36.11 24.39
C ILE C 165 22.76 36.05 25.58
N GLN C 166 22.67 34.90 26.23
CA GLN C 166 21.85 34.78 27.44
C GLN C 166 22.44 35.57 28.61
N ARG C 167 23.76 35.52 28.78
CA ARG C 167 24.38 36.35 29.80
C ARG C 167 24.13 37.83 29.52
N HIS C 168 24.30 38.24 28.26
CA HIS C 168 23.99 39.61 27.87
C HIS C 168 22.51 39.92 28.06
N ASN C 169 21.64 38.92 27.90
CA ASN C 169 20.22 39.10 28.11
C ASN C 169 19.92 39.42 29.57
N ARG C 170 20.54 38.67 30.47
CA ARG C 170 20.37 38.95 31.90
C ARG C 170 20.91 40.33 32.25
N LYS C 171 22.09 40.68 31.71
CA LYS C 171 22.65 42.00 31.96
C LYS C 171 21.73 43.10 31.44
N LEU C 172 21.21 42.93 30.23
CA LEU C 172 20.35 43.93 29.63
C LEU C 172 19.03 44.02 30.36
N GLY C 173 18.53 42.91 30.90
CA GLY C 173 17.32 42.97 31.70
C GLY C 173 17.52 43.74 32.98
N ASP C 174 18.63 43.49 33.68
CA ASP C 174 18.93 44.27 34.87
C ASP C 174 19.09 45.75 34.52
N LEU C 175 19.76 46.04 33.40
CA LEU C 175 19.95 47.42 32.98
C LEU C 175 18.63 48.08 32.60
N VAL C 176 17.74 47.35 31.94
CA VAL C 176 16.44 47.91 31.57
C VAL C 176 15.61 48.17 32.82
N GLU C 177 15.72 47.28 33.81
CA GLU C 177 15.06 47.53 35.08
C GLU C 177 15.58 48.80 35.75
N LYS C 178 16.90 48.98 35.77
CA LYS C 178 17.47 50.20 36.34
C LYS C 178 17.02 51.43 35.55
N LYS C 179 17.01 51.32 34.22
CA LYS C 179 16.60 52.44 33.39
C LYS C 179 15.13 52.80 33.62
N THR C 180 14.27 51.79 33.75
CA THR C 180 12.87 52.05 34.03
C THR C 180 12.69 52.68 35.40
N ILE C 181 13.47 52.23 36.39
CA ILE C 181 13.42 52.86 37.71
C ILE C 181 13.83 54.33 37.61
N ASP C 182 14.89 54.60 36.84
CA ASP C 182 15.34 55.97 36.65
C ASP C 182 14.28 56.81 35.95
N LEU C 183 13.62 56.23 34.95
CA LEU C 183 12.56 56.95 34.24
C LEU C 183 11.40 57.27 35.18
N ARG C 184 11.03 56.31 36.03
CA ARG C 184 9.98 56.54 37.01
C ARG C 184 10.40 57.64 37.99
N SER C 185 11.67 57.63 38.40
CA SER C 185 12.16 58.67 39.30
C SER C 185 12.10 60.03 38.64
N HIS C 186 12.46 60.11 37.35
CA HIS C 186 12.37 61.36 36.62
C HIS C 186 10.92 61.83 36.51
N TYR C 187 10.00 60.91 36.25
CA TYR C 187 8.59 61.26 36.19
C TYR C 187 8.10 61.77 37.53
N GLU C 188 8.54 61.14 38.63
CA GLU C 188 8.14 61.61 39.96
C GLU C 188 8.72 62.98 40.28
N ARG C 189 9.97 63.22 39.86
CA ARG C 189 10.57 64.53 40.05
C ARG C 189 9.81 65.59 39.26
N LEU C 190 9.41 65.25 38.03
CA LEU C 190 8.57 66.14 37.24
C LEU C 190 7.24 66.38 37.95
N ALA C 191 6.67 65.34 38.53
CA ALA C 191 5.43 65.49 39.28
C ALA C 191 5.59 66.49 40.42
N ASN C 192 6.66 66.33 41.20
CA ASN C 192 6.89 67.23 42.33
C ASN C 192 7.12 68.66 41.88
N LEU C 193 7.93 68.85 40.83
CA LEU C 193 8.20 70.18 40.33
C LEU C 193 6.92 70.83 39.80
N ARG C 194 6.12 70.06 39.08
CA ARG C 194 4.85 70.56 38.56
C ARG C 194 3.91 70.94 39.70
N ARG C 195 3.86 70.12 40.74
CA ARG C 195 3.02 70.44 41.89
C ARG C 195 3.45 71.75 42.53
N SER C 196 4.75 71.93 42.72
CA SER C 196 5.26 73.16 43.32
C SER C 196 4.91 74.37 42.46
N HIS C 197 5.19 74.28 41.15
CA HIS C 197 4.93 75.40 40.27
C HIS C 197 3.45 75.73 40.20
N ILE C 198 2.60 74.70 40.14
CA ILE C 198 1.17 74.91 40.06
C ILE C 198 0.64 75.55 41.34
N LEU C 199 1.13 75.09 42.50
CA LEU C 199 0.73 75.70 43.75
C LEU C 199 1.13 77.17 43.78
N GLU C 200 2.37 77.46 43.39
CA GLU C 200 2.83 78.85 43.38
C GLU C 200 1.98 79.70 42.45
N LEU C 201 1.69 79.20 41.25
CA LEU C 201 0.90 79.92 40.27
C LEU C 201 -0.50 80.18 40.79
N THR C 202 -1.16 79.12 41.29
CA THR C 202 -2.50 79.27 41.83
C THR C 202 -2.52 80.31 42.95
N SER C 203 -1.50 80.29 43.81
CA SER C 203 -1.44 81.26 44.90
C SER C 203 -1.27 82.67 44.37
N VAL C 204 -0.41 82.86 43.38
CA VAL C 204 -0.02 84.22 42.97
C VAL C 204 -1.06 84.81 42.02
N ILE C 205 -1.24 84.18 40.86
CA ILE C 205 -2.01 84.83 39.79
C ILE C 205 -3.49 84.52 39.92
N PHE C 206 -3.84 83.25 40.09
CA PHE C 206 -5.23 82.79 40.03
C PHE C 206 -5.55 81.97 41.28
N PRO C 207 -5.94 82.64 42.37
CA PRO C 207 -6.31 81.90 43.58
C PRO C 207 -7.65 81.20 43.42
N ILE C 208 -7.66 80.08 42.70
CA ILE C 208 -8.89 79.35 42.39
C ILE C 208 -9.41 78.77 43.71
N GLU C 209 -10.54 79.31 44.18
CA GLU C 209 -11.13 78.87 45.45
C GLU C 209 -12.64 78.75 45.27
N GLU C 210 -13.24 77.83 46.03
CA GLU C 210 -14.67 77.63 46.00
C GLU C 210 -15.38 78.69 46.83
N VAL C 211 -16.65 78.91 46.52
CA VAL C 211 -17.46 79.90 47.22
C VAL C 211 -17.95 79.33 48.54
N LYS C 212 -18.17 80.20 49.52
CA LYS C 212 -18.66 79.79 50.83
C LYS C 212 -19.27 80.96 51.58
N GLY C 257 -22.89 71.79 37.75
CA GLY C 257 -21.88 72.70 38.24
C GLY C 257 -22.35 74.15 38.33
N ASP C 258 -23.02 74.48 39.42
CA ASP C 258 -23.53 75.83 39.64
C ASP C 258 -22.70 76.64 40.62
N THR C 259 -22.05 76.00 41.59
CA THR C 259 -21.27 76.73 42.57
C THR C 259 -20.12 77.46 41.89
N SER C 260 -19.82 78.66 42.38
CA SER C 260 -18.83 79.53 41.77
C SER C 260 -17.46 79.30 42.38
N ILE C 261 -16.43 79.56 41.57
CA ILE C 261 -15.03 79.48 42.00
C ILE C 261 -14.38 80.82 41.73
N SER C 262 -13.66 81.34 42.72
CA SER C 262 -13.01 82.64 42.62
C SER C 262 -11.54 82.49 42.26
N ILE C 263 -11.03 83.43 41.48
CA ILE C 263 -9.63 83.42 41.06
C ILE C 263 -9.28 84.79 40.49
N THR C 264 -8.00 85.12 40.54
CA THR C 264 -7.50 86.36 39.96
C THR C 264 -8.27 87.57 40.49
N GLY C 265 -8.55 87.57 41.79
CA GLY C 265 -9.15 88.71 42.44
C GLY C 265 -10.66 88.70 42.40
N PRO C 266 -11.27 89.61 43.18
CA PRO C 266 -12.75 89.66 43.21
C PRO C 266 -13.37 89.94 41.87
N TRP C 267 -12.68 90.65 40.97
CA TRP C 267 -13.26 90.92 39.66
C TRP C 267 -13.43 89.65 38.82
N ILE C 268 -12.78 88.56 39.21
CA ILE C 268 -12.83 87.30 38.46
C ILE C 268 -13.32 86.21 39.40
N SER C 269 -14.47 85.62 39.06
CA SER C 269 -15.01 84.48 39.78
C SER C 269 -16.08 83.84 38.90
N LEU C 270 -16.09 82.51 38.87
CA LEU C 270 -16.95 81.78 37.95
C LEU C 270 -17.34 80.46 38.57
N PRO C 271 -18.47 79.88 38.17
CA PRO C 271 -18.88 78.59 38.71
C PRO C 271 -18.13 77.45 38.05
N ASN C 272 -18.39 76.23 38.56
CA ASN C 272 -17.63 75.06 38.15
C ASN C 272 -17.89 74.64 36.71
N ASN C 273 -19.15 74.65 36.26
CA ASN C 273 -19.47 74.03 34.98
C ASN C 273 -18.82 74.76 33.82
N GLY C 274 -18.79 76.09 33.86
CA GLY C 274 -18.27 76.87 32.75
C GLY C 274 -19.37 77.37 31.83
N ASP C 275 -19.55 78.70 31.76
CA ASP C 275 -20.67 79.29 31.04
C ASP C 275 -20.42 79.29 29.54
N TYR C 276 -20.15 78.10 29.00
CA TYR C 276 -20.04 77.96 27.56
C TYR C 276 -21.35 78.29 26.88
N SER C 277 -22.48 77.96 27.52
CA SER C 277 -23.79 78.24 26.94
C SER C 277 -24.04 79.74 26.80
N ALA C 278 -23.32 80.56 27.56
CA ALA C 278 -23.56 82.00 27.58
C ALA C 278 -22.62 82.79 26.68
N TYR C 279 -21.91 82.13 25.77
CA TYR C 279 -20.91 82.79 24.94
C TYR C 279 -21.42 83.15 23.55
N TYR C 280 -22.72 83.00 23.28
CA TYR C 280 -23.23 83.23 21.94
C TYR C 280 -23.05 84.67 21.47
N SER C 281 -22.98 85.63 22.39
CA SER C 281 -22.83 87.02 22.03
C SER C 281 -21.51 87.27 21.30
N ASN C 298 -19.86 91.78 35.62
CA ASN C 298 -18.58 91.09 35.68
C ASN C 298 -18.73 89.63 35.28
N PRO C 299 -19.96 89.11 35.34
CA PRO C 299 -20.21 87.73 34.90
C PRO C 299 -19.54 87.43 33.58
N ALA C 300 -19.88 88.21 32.55
CA ALA C 300 -19.17 88.09 31.27
C ALA C 300 -17.71 88.45 31.43
N TYR C 301 -17.42 89.57 32.12
CA TYR C 301 -16.04 90.00 32.27
C TYR C 301 -15.24 89.04 33.14
N THR C 302 -15.80 88.65 34.28
CA THR C 302 -15.10 87.71 35.15
C THR C 302 -14.88 86.38 34.45
N ILE C 303 -15.90 85.90 33.72
CA ILE C 303 -15.77 84.65 32.97
C ILE C 303 -14.68 84.76 31.93
N SER C 304 -14.62 85.90 31.22
CA SER C 304 -13.61 86.08 30.19
C SER C 304 -12.21 86.12 30.77
N ALA C 305 -12.02 86.84 31.88
CA ALA C 305 -10.71 86.86 32.53
C ALA C 305 -10.32 85.47 33.00
N ALA C 306 -11.28 84.76 33.60
CA ALA C 306 -11.01 83.39 34.06
C ALA C 306 -10.63 82.50 32.90
N LEU C 307 -11.30 82.63 31.75
CA LEU C 307 -11.00 81.79 30.60
C LEU C 307 -9.65 82.15 29.97
N CYS C 308 -9.31 83.43 29.95
CA CYS C 308 -7.99 83.83 29.49
C CYS C 308 -6.91 83.20 30.35
N TYR C 309 -7.02 83.38 31.67
CA TYR C 309 -6.10 82.74 32.58
C TYR C 309 -6.14 81.23 32.44
N ALA C 310 -7.30 80.69 32.06
CA ALA C 310 -7.45 79.25 31.93
C ALA C 310 -6.65 78.72 30.75
N THR C 311 -6.78 79.37 29.59
CA THR C 311 -5.99 78.96 28.43
C THR C 311 -4.50 79.15 28.70
N GLN C 312 -4.14 80.28 29.31
CA GLN C 312 -2.74 80.50 29.65
C GLN C 312 -2.21 79.39 30.55
N LEU C 313 -2.90 79.11 31.65
CA LEU C 313 -2.47 78.06 32.56
C LEU C 313 -2.57 76.69 31.92
N VAL C 314 -3.43 76.54 30.90
CA VAL C 314 -3.50 75.29 30.18
C VAL C 314 -2.19 75.04 29.46
N ASN C 315 -1.71 76.05 28.74
CA ASN C 315 -0.39 75.93 28.13
C ASN C 315 0.68 75.77 29.20
N ILE C 316 0.53 76.50 30.31
CA ILE C 316 1.52 76.45 31.39
C ILE C 316 1.66 75.04 31.90
N LEU C 317 0.53 74.39 32.19
CA LEU C 317 0.55 73.00 32.65
C LEU C 317 1.06 72.08 31.56
N SER C 318 0.61 72.29 30.32
CA SER C 318 1.18 71.55 29.19
C SER C 318 2.69 71.51 29.29
N HIS C 319 3.29 72.64 29.68
CA HIS C 319 4.73 72.66 29.92
C HIS C 319 5.09 71.92 31.21
N ILE C 320 4.47 72.31 32.32
CA ILE C 320 4.75 71.76 33.64
C ILE C 320 4.13 70.38 33.77
N LEU C 321 2.81 70.30 33.61
CA LEU C 321 2.14 69.01 33.60
C LEU C 321 2.59 68.15 32.42
N ASP C 322 3.32 68.72 31.47
CA ASP C 322 3.83 68.00 30.31
C ASP C 322 2.73 67.53 29.38
N VAL C 323 1.52 68.05 29.56
CA VAL C 323 0.38 67.67 28.72
C VAL C 323 0.38 68.62 27.53
N ASN C 324 1.16 68.28 26.51
CA ASN C 324 1.22 69.09 25.30
C ASN C 324 -0.16 69.26 24.71
N LEU C 325 -0.51 70.49 24.37
CA LEU C 325 -1.85 70.80 23.91
C LEU C 325 -2.08 70.26 22.51
N PRO C 326 -3.11 69.43 22.28
CA PRO C 326 -3.47 69.07 20.90
C PRO C 326 -3.94 70.25 20.08
N LYS C 327 -4.26 71.36 20.73
CA LYS C 327 -4.58 72.65 20.11
C LYS C 327 -3.67 73.72 20.67
N LYS C 328 -2.35 73.49 20.58
CA LYS C 328 -1.33 74.22 21.32
C LYS C 328 -1.60 75.72 21.41
N LEU C 329 -2.12 76.31 20.33
CA LEU C 329 -2.43 77.73 20.37
C LEU C 329 -3.69 77.96 21.19
N CYS C 330 -3.58 77.79 22.51
CA CYS C 330 -4.73 77.85 23.40
C CYS C 330 -4.93 79.23 24.01
N ASN C 331 -3.93 79.76 24.70
CA ASN C 331 -4.11 80.96 25.49
C ASN C 331 -4.66 82.11 24.66
N SER C 332 -4.01 82.41 23.53
CA SER C 332 -4.41 83.57 22.74
C SER C 332 -5.83 83.42 22.21
N GLU C 333 -6.06 82.42 21.36
CA GLU C 333 -7.38 82.29 20.74
C GLU C 333 -8.47 82.16 21.78
N PHE C 334 -8.22 81.36 22.82
CA PHE C 334 -9.25 81.13 23.83
C PHE C 334 -9.57 82.40 24.62
N CYS C 335 -8.55 83.16 25.01
CA CYS C 335 -8.76 84.25 25.95
C CYS C 335 -9.45 85.45 25.30
N GLY C 336 -8.82 86.03 24.30
CA GLY C 336 -9.24 87.34 23.82
C GLY C 336 -10.41 87.40 22.87
N GLU C 337 -10.27 86.79 21.70
CA GLU C 337 -11.20 87.02 20.60
C GLU C 337 -12.63 86.74 21.02
N ASN C 338 -13.53 87.66 20.68
CA ASN C 338 -14.97 87.47 20.85
C ASN C 338 -15.49 86.64 19.68
N LEU C 339 -15.12 85.36 19.69
CA LEU C 339 -15.39 84.43 18.61
C LEU C 339 -16.67 83.63 18.82
N SER C 340 -17.70 84.24 19.40
CA SER C 340 -18.94 83.57 19.79
C SER C 340 -19.46 82.62 18.72
N LYS C 341 -19.12 82.86 17.45
CA LYS C 341 -19.69 82.09 16.35
C LYS C 341 -19.09 80.69 16.31
N GLN C 342 -19.33 79.98 15.20
CA GLN C 342 -18.85 78.61 15.01
C GLN C 342 -17.41 78.46 15.47
N LYS C 343 -16.59 79.48 15.24
CA LYS C 343 -15.24 79.48 15.79
C LYS C 343 -15.28 79.25 17.29
N PHE C 344 -16.26 79.85 17.98
CA PHE C 344 -16.45 79.55 19.39
C PHE C 344 -16.75 78.08 19.60
N THR C 345 -17.56 77.49 18.72
CA THR C 345 -17.85 76.07 18.83
C THR C 345 -16.55 75.25 18.78
N ARG C 346 -15.73 75.50 17.77
CA ARG C 346 -14.49 74.75 17.61
C ARG C 346 -13.56 74.98 18.80
N ALA C 347 -13.46 76.22 19.27
CA ALA C 347 -12.57 76.51 20.39
C ALA C 347 -13.05 75.82 21.66
N VAL C 348 -14.35 75.88 21.93
CA VAL C 348 -14.89 75.23 23.13
C VAL C 348 -14.71 73.72 23.03
N LYS C 349 -14.86 73.17 21.82
CA LYS C 349 -14.64 71.75 21.63
C LYS C 349 -13.20 71.38 21.96
N LYS C 350 -12.26 72.16 21.43
CA LYS C 350 -10.84 71.89 21.71
C LYS C 350 -10.55 72.01 23.20
N LEU C 351 -11.12 73.03 23.85
CA LEU C 351 -10.93 73.23 25.27
C LEU C 351 -11.47 72.04 26.07
N ASN C 352 -12.67 71.58 25.72
CA ASN C 352 -13.26 70.45 26.41
C ASN C 352 -12.43 69.19 26.19
N ALA C 353 -11.96 68.98 24.97
CA ALA C 353 -11.14 67.80 24.70
C ALA C 353 -9.84 67.84 25.50
N ASN C 354 -9.21 69.01 25.56
CA ASN C 354 -7.98 69.15 26.34
C ASN C 354 -8.24 68.93 27.82
N ILE C 355 -9.35 69.46 28.33
CA ILE C 355 -9.69 69.25 29.74
C ILE C 355 -9.95 67.78 29.99
N LEU C 356 -10.57 67.10 29.03
CA LEU C 356 -10.79 65.66 29.15
C LEU C 356 -9.46 64.93 29.20
N TYR C 357 -8.52 65.33 28.34
CA TYR C 357 -7.20 64.70 28.37
C TYR C 357 -6.52 64.93 29.72
N LEU C 358 -6.62 66.14 30.24
CA LEU C 358 -6.03 66.45 31.54
C LEU C 358 -6.66 65.58 32.63
N CYS C 359 -7.98 65.50 32.65
CA CYS C 359 -8.66 64.72 33.67
C CYS C 359 -8.36 63.23 33.52
N PHE C 360 -8.14 62.76 32.28
CA PHE C 360 -7.81 61.36 32.08
C PHE C 360 -6.40 61.05 32.55
N SER C 361 -5.43 61.88 32.16
CA SER C 361 -4.06 61.69 32.66
C SER C 361 -3.98 61.93 34.16
N GLN C 362 -4.97 62.61 34.72
CA GLN C 362 -5.13 62.80 36.15
C GLN C 362 -6.49 62.27 36.58
N HIS C 363 -6.84 61.09 36.06
CA HIS C 363 -8.14 60.46 36.32
C HIS C 363 -8.13 59.81 37.69
N VAL C 364 -7.89 60.64 38.71
CA VAL C 364 -7.97 60.17 40.09
C VAL C 364 -9.41 59.80 40.43
N ASN C 365 -10.35 60.68 40.08
CA ASN C 365 -11.77 60.40 40.26
C ASN C 365 -12.60 61.07 39.18
N LEU C 366 -12.91 60.36 38.10
CA LEU C 366 -13.74 60.94 37.05
C LEU C 366 -15.13 61.27 37.55
N ASP C 367 -15.73 60.38 38.35
CA ASP C 367 -17.08 60.62 38.82
C ASP C 367 -17.16 61.85 39.72
N GLN C 368 -16.05 62.23 40.35
CA GLN C 368 -16.07 63.37 41.26
C GLN C 368 -16.22 64.68 40.50
N LEU C 369 -15.27 64.98 39.61
CA LEU C 369 -15.37 66.19 38.81
C LEU C 369 -16.61 66.17 37.93
N GLN C 370 -16.89 65.03 37.30
CA GLN C 370 -18.09 64.84 36.51
C GLN C 370 -18.11 65.78 35.29
N PRO C 371 -18.84 65.42 34.24
CA PRO C 371 -18.93 66.31 33.09
C PRO C 371 -19.64 67.62 33.44
N LEU C 372 -19.31 68.65 32.69
CA LEU C 372 -19.90 69.98 32.89
C LEU C 372 -19.58 70.51 34.28
N HIS C 373 -18.31 70.38 34.66
CA HIS C 373 -17.76 70.92 35.91
C HIS C 373 -16.43 71.58 35.64
N THR C 374 -16.39 72.42 34.59
CA THR C 374 -15.13 73.01 34.13
C THR C 374 -14.34 73.60 35.29
N LEU C 375 -14.90 74.60 35.97
CA LEU C 375 -14.18 75.17 37.12
C LEU C 375 -14.02 74.15 38.24
N ARG C 376 -14.98 73.23 38.37
CA ARG C 376 -14.89 72.23 39.43
C ARG C 376 -13.64 71.37 39.27
N ASN C 377 -13.56 70.62 38.16
CA ASN C 377 -12.39 69.78 37.93
C ASN C 377 -11.13 70.62 37.79
N LEU C 378 -11.27 71.83 37.25
CA LEU C 378 -10.11 72.72 37.11
C LEU C 378 -9.49 73.00 38.48
N MET C 379 -10.29 73.45 39.43
CA MET C 379 -9.78 73.67 40.78
C MET C 379 -9.28 72.37 41.39
N TYR C 380 -10.04 71.29 41.23
CA TYR C 380 -9.69 70.04 41.89
C TYR C 380 -8.30 69.55 41.45
N LEU C 381 -8.08 69.44 40.14
CA LEU C 381 -6.79 68.97 39.66
C LEU C 381 -5.71 70.03 39.82
N VAL C 382 -6.02 71.27 39.45
CA VAL C 382 -5.03 72.34 39.43
C VAL C 382 -4.61 72.74 40.83
N SER C 383 -5.57 72.89 41.74
CA SER C 383 -5.24 73.23 43.11
C SER C 383 -4.29 72.17 43.68
N PRO C 384 -3.27 72.56 44.44
CA PRO C 384 -2.32 71.57 44.96
C PRO C 384 -3.00 70.44 45.73
N SER C 385 -4.27 70.61 46.06
CA SER C 385 -5.02 69.58 46.77
C SER C 385 -5.32 68.37 45.91
N SER C 386 -4.81 68.31 44.68
CA SER C 386 -5.07 67.17 43.81
C SER C 386 -4.58 65.88 44.47
N GLU C 387 -5.38 64.82 44.36
CA GLU C 387 -5.05 63.57 45.03
C GLU C 387 -3.75 62.98 44.49
N HIS C 388 -3.55 63.03 43.17
CA HIS C 388 -2.38 62.45 42.52
C HIS C 388 -1.59 63.50 41.74
N LEU C 389 -1.33 64.65 42.36
CA LEU C 389 -0.72 65.76 41.66
C LEU C 389 0.65 65.39 41.09
N GLY C 390 0.94 65.90 39.90
CA GLY C 390 2.22 65.70 39.25
C GLY C 390 2.31 64.45 38.39
N ARG C 391 1.38 63.52 38.52
CA ARG C 391 1.46 62.27 37.78
C ARG C 391 1.36 62.53 36.27
N SER C 392 2.05 61.68 35.51
CA SER C 392 2.00 61.76 34.06
C SER C 392 2.32 60.38 33.50
N GLY C 393 1.89 60.15 32.26
CA GLY C 393 2.10 58.88 31.61
C GLY C 393 0.82 58.28 31.09
N PRO C 394 0.75 56.95 31.06
CA PRO C 394 -0.50 56.30 30.62
C PRO C 394 -1.68 56.76 31.46
N PHE C 395 -2.81 56.99 30.80
CA PHE C 395 -3.99 57.54 31.43
C PHE C 395 -5.20 56.68 31.10
N GLU C 396 -6.34 57.02 31.71
CA GLU C 396 -7.59 56.31 31.53
C GLU C 396 -8.53 57.22 30.74
N VAL C 397 -8.87 56.80 29.52
CA VAL C 397 -9.77 57.56 28.67
C VAL C 397 -11.20 57.12 28.95
N ARG C 398 -11.83 57.71 29.96
CA ARG C 398 -13.20 57.36 30.31
C ARG C 398 -14.21 58.06 29.42
N GLU D 110 2.44 -69.66 -50.39
CA GLU D 110 2.18 -71.09 -50.17
C GLU D 110 3.26 -71.72 -49.28
N ASN D 111 4.50 -71.73 -49.78
CA ASN D 111 5.60 -72.31 -49.01
C ASN D 111 5.86 -71.53 -47.73
N LEU D 112 5.45 -70.26 -47.69
CA LEU D 112 5.69 -69.44 -46.51
C LEU D 112 5.18 -70.12 -45.26
N SER D 113 3.93 -70.56 -45.27
CA SER D 113 3.40 -71.32 -44.14
C SER D 113 4.25 -72.55 -43.87
N ARG D 114 4.53 -73.32 -44.91
CA ARG D 114 5.44 -74.45 -44.76
C ARG D 114 6.73 -74.01 -44.11
N ARG D 115 7.35 -72.95 -44.65
CA ARG D 115 8.51 -72.39 -43.99
C ARG D 115 8.16 -71.77 -42.65
N LEU D 116 7.13 -70.93 -42.61
CA LEU D 116 6.71 -70.31 -41.36
C LEU D 116 6.40 -71.37 -40.32
N LYS D 117 5.53 -72.32 -40.67
CA LYS D 117 5.26 -73.44 -39.77
C LYS D 117 6.56 -74.15 -39.43
N VAL D 118 7.38 -74.42 -40.44
CA VAL D 118 8.72 -74.96 -40.19
C VAL D 118 9.46 -74.04 -39.24
N THR D 119 9.44 -72.74 -39.51
CA THR D 119 10.07 -71.79 -38.61
C THR D 119 9.47 -71.92 -37.21
N GLY D 120 8.17 -71.68 -37.08
CA GLY D 120 7.55 -71.77 -35.77
C GLY D 120 7.76 -73.13 -35.14
N ASP D 121 7.52 -74.20 -35.91
CA ASP D 121 7.74 -75.54 -35.39
C ASP D 121 9.19 -75.73 -34.98
N LEU D 122 10.12 -75.32 -35.86
CA LEU D 122 11.53 -75.49 -35.54
C LEU D 122 11.91 -74.72 -34.27
N PHE D 123 11.49 -73.47 -34.16
CA PHE D 123 11.76 -72.72 -32.95
C PHE D 123 11.08 -73.37 -31.76
N ASP D 124 9.82 -73.79 -31.93
CA ASP D 124 9.14 -74.53 -30.88
C ASP D 124 9.96 -75.72 -30.45
N ILE D 125 10.37 -76.55 -31.42
CA ILE D 125 11.33 -77.60 -31.13
C ILE D 125 12.63 -76.99 -30.63
N MET D 126 13.12 -75.96 -31.33
CA MET D 126 14.30 -75.25 -30.86
C MET D 126 14.10 -74.80 -29.42
N SER D 127 12.87 -74.39 -29.09
CA SER D 127 12.53 -74.11 -27.71
C SER D 127 12.63 -75.36 -26.85
N GLY D 128 12.63 -76.54 -27.45
CA GLY D 128 12.70 -77.77 -26.69
C GLY D 128 11.34 -78.42 -26.52
N GLN D 129 10.56 -78.44 -27.61
CA GLN D 129 9.18 -78.91 -27.54
C GLN D 129 8.86 -79.85 -28.71
N THR D 130 9.77 -80.78 -29.00
CA THR D 130 9.54 -81.73 -30.08
C THR D 130 10.29 -83.02 -29.76
N ASP D 131 10.15 -83.99 -30.67
CA ASP D 131 10.79 -85.29 -30.53
C ASP D 131 12.03 -85.39 -31.40
N VAL D 132 13.03 -86.14 -30.90
CA VAL D 132 14.31 -86.27 -31.60
C VAL D 132 14.21 -87.06 -32.89
N ASP D 133 13.02 -87.57 -33.22
CA ASP D 133 12.88 -88.36 -34.44
C ASP D 133 12.78 -87.46 -35.67
N HIS D 134 11.79 -86.58 -35.70
CA HIS D 134 11.62 -85.67 -36.83
C HIS D 134 12.91 -84.95 -37.19
N PRO D 135 13.86 -84.76 -36.27
CA PRO D 135 15.11 -84.09 -36.65
C PRO D 135 15.81 -84.74 -37.84
N LEU D 136 15.75 -86.07 -37.94
CA LEU D 136 16.33 -86.75 -39.08
C LEU D 136 15.72 -86.30 -40.40
N CYS D 137 14.55 -85.67 -40.38
CA CYS D 137 13.97 -85.10 -41.59
C CYS D 137 15.01 -84.21 -42.29
N GLU D 138 15.17 -84.45 -43.59
CA GLU D 138 16.13 -83.66 -44.37
C GLU D 138 15.86 -82.17 -44.22
N GLU D 139 14.59 -81.77 -44.17
CA GLU D 139 14.27 -80.39 -43.85
C GLU D 139 14.57 -80.08 -42.38
N CYS D 140 14.38 -81.04 -41.50
CA CYS D 140 14.59 -80.80 -40.07
C CYS D 140 16.04 -80.44 -39.78
N THR D 141 16.98 -81.24 -40.29
CA THR D 141 18.39 -81.03 -39.95
C THR D 141 18.88 -79.67 -40.42
N ASP D 142 18.50 -79.27 -41.64
CA ASP D 142 18.94 -77.97 -42.15
C ASP D 142 18.55 -76.86 -41.20
N THR D 143 17.28 -76.83 -40.76
CA THR D 143 16.86 -75.87 -39.76
C THR D 143 17.56 -76.10 -38.44
N LEU D 144 17.82 -77.36 -38.07
CA LEU D 144 18.48 -77.66 -36.81
C LEU D 144 19.78 -76.88 -36.67
N LEU D 145 20.64 -76.99 -37.68
CA LEU D 145 21.86 -76.19 -37.70
C LEU D 145 21.53 -74.71 -37.82
N ASP D 146 20.67 -74.36 -38.78
CA ASP D 146 20.32 -72.95 -38.99
C ASP D 146 19.63 -72.38 -37.75
N GLN D 147 18.74 -73.15 -37.13
CA GLN D 147 18.10 -72.68 -35.91
C GLN D 147 19.13 -72.43 -34.81
N LEU D 148 20.01 -73.41 -34.57
CA LEU D 148 21.08 -73.21 -33.60
C LEU D 148 22.00 -72.08 -34.03
N ASP D 149 22.15 -71.90 -35.34
CA ASP D 149 22.93 -70.77 -35.85
C ASP D 149 22.33 -69.45 -35.39
N THR D 150 21.03 -69.25 -35.61
CA THR D 150 20.39 -68.01 -35.17
C THR D 150 20.40 -67.90 -33.65
N GLN D 151 20.34 -69.03 -32.96
CA GLN D 151 20.39 -68.99 -31.50
C GLN D 151 21.72 -68.46 -31.00
N LEU D 152 22.82 -69.02 -31.51
CA LEU D 152 24.14 -68.49 -31.19
C LEU D 152 24.26 -67.04 -31.66
N ASN D 153 23.59 -66.72 -32.76
CA ASN D 153 23.63 -65.35 -33.27
C ASN D 153 23.02 -64.38 -32.27
N VAL D 154 21.90 -64.75 -31.65
CA VAL D 154 21.29 -63.88 -30.65
C VAL D 154 22.14 -63.85 -29.39
N THR D 155 22.68 -65.00 -29.00
CA THR D 155 23.61 -65.02 -27.88
C THR D 155 24.71 -64.01 -28.09
N GLU D 156 25.26 -63.96 -29.31
CA GLU D 156 26.29 -62.97 -29.64
C GLU D 156 25.70 -61.57 -29.66
N ASN D 157 24.50 -61.40 -30.21
CA ASN D 157 23.86 -60.10 -30.25
C ASN D 157 23.77 -59.49 -28.86
N GLU D 158 23.67 -60.32 -27.83
CA GLU D 158 23.73 -59.83 -26.46
C GLU D 158 25.16 -59.72 -25.93
N CYS D 159 25.99 -60.73 -26.20
CA CYS D 159 27.32 -60.80 -25.57
C CYS D 159 28.26 -59.74 -26.10
N GLN D 160 28.21 -59.46 -27.41
CA GLN D 160 29.07 -58.43 -27.97
C GLN D 160 28.78 -57.07 -27.33
N ASN D 161 27.50 -56.72 -27.20
CA ASN D 161 27.14 -55.47 -26.55
C ASN D 161 27.58 -55.48 -25.10
N TYR D 162 27.39 -56.60 -24.40
CA TYR D 162 27.81 -56.69 -23.01
C TYR D 162 29.31 -56.45 -22.87
N LYS D 163 30.10 -57.06 -23.75
CA LYS D 163 31.55 -56.93 -23.67
C LYS D 163 32.00 -55.55 -24.10
N ARG D 164 31.22 -54.87 -24.94
CA ARG D 164 31.63 -53.55 -25.43
C ARG D 164 31.94 -52.60 -24.27
N CYS D 165 31.06 -52.52 -23.29
CA CYS D 165 31.25 -51.56 -22.20
C CYS D 165 32.13 -52.13 -21.10
N LEU D 166 32.27 -53.45 -21.05
CA LEU D 166 33.06 -54.06 -19.98
C LEU D 166 34.43 -53.42 -19.89
N GLU D 167 35.11 -53.28 -21.04
CA GLU D 167 36.31 -52.45 -21.08
C GLU D 167 35.97 -50.98 -20.95
N ILE D 168 34.85 -50.55 -21.56
CA ILE D 168 34.42 -49.16 -21.46
C ILE D 168 34.14 -48.73 -20.03
N LEU D 169 33.93 -49.69 -19.13
CA LEU D 169 33.82 -49.40 -17.71
C LEU D 169 35.24 -49.19 -17.16
N GLU D 170 35.84 -48.08 -17.59
CA GLU D 170 37.23 -47.81 -17.30
C GLU D 170 37.46 -47.65 -15.81
N GLN D 171 38.60 -48.19 -15.35
CA GLN D 171 38.99 -48.06 -13.95
C GLN D 171 39.47 -46.67 -13.59
N MET D 172 39.33 -45.69 -14.50
CA MET D 172 39.73 -44.32 -14.19
C MET D 172 39.06 -43.84 -12.92
N ASN D 173 37.73 -43.99 -12.83
CA ASN D 173 37.04 -43.69 -11.59
C ASN D 173 37.50 -44.62 -10.48
N GLU D 174 37.76 -45.89 -10.81
CA GLU D 174 38.37 -46.80 -9.84
C GLU D 174 39.64 -46.20 -9.27
N ASP D 175 40.44 -45.55 -10.13
CA ASP D 175 41.54 -44.72 -9.63
C ASP D 175 41.02 -43.52 -8.87
N ASP D 176 39.92 -42.93 -9.35
CA ASP D 176 39.33 -41.79 -8.65
C ASP D 176 38.90 -42.14 -7.24
N SER D 177 38.74 -43.44 -6.95
CA SER D 177 38.29 -43.86 -5.63
C SER D 177 39.27 -43.45 -4.53
N GLU D 178 40.57 -43.65 -4.76
CA GLU D 178 41.55 -43.24 -3.75
C GLU D 178 41.63 -41.72 -3.65
N GLN D 179 41.18 -41.00 -4.67
CA GLN D 179 41.24 -39.54 -4.65
C GLN D 179 40.41 -38.97 -3.51
N LEU D 180 39.27 -39.60 -3.19
CA LEU D 180 38.44 -39.12 -2.10
C LEU D 180 39.20 -39.12 -0.78
N GLN D 181 40.01 -40.17 -0.55
CA GLN D 181 40.75 -40.28 0.70
C GLN D 181 41.58 -39.04 0.96
N MET D 182 42.36 -38.60 -0.03
CA MET D 182 43.10 -37.35 0.12
C MET D 182 42.17 -36.16 -0.01
N GLU D 183 41.20 -36.23 -0.93
CA GLU D 183 40.27 -35.12 -1.12
C GLU D 183 39.41 -34.90 0.11
N LEU D 184 38.97 -35.98 0.76
CA LEU D 184 37.90 -35.87 1.76
C LEU D 184 38.32 -35.03 2.96
N LYS D 185 39.37 -35.46 3.68
CA LYS D 185 39.75 -34.76 4.91
C LYS D 185 40.24 -33.35 4.62
N GLU D 186 40.99 -33.18 3.53
CA GLU D 186 41.46 -31.85 3.17
C GLU D 186 40.31 -30.91 2.85
N LEU D 187 39.33 -31.37 2.07
CA LEU D 187 38.17 -30.53 1.79
C LEU D 187 37.34 -30.29 3.04
N ALA D 188 37.33 -31.23 3.98
CA ALA D 188 36.65 -31.00 5.25
C ALA D 188 37.31 -29.87 6.02
N LEU D 189 38.63 -29.91 6.15
CA LEU D 189 39.35 -28.83 6.81
C LEU D 189 39.12 -27.51 6.10
N GLU D 190 39.18 -27.53 4.77
CA GLU D 190 38.98 -26.31 3.98
C GLU D 190 37.58 -25.75 4.19
N GLU D 191 36.56 -26.61 4.19
CA GLU D 191 35.20 -26.16 4.37
C GLU D 191 34.99 -25.60 5.77
N GLU D 192 35.62 -26.23 6.78
CA GLU D 192 35.53 -25.69 8.13
C GLU D 192 36.16 -24.31 8.20
N ARG D 193 37.32 -24.14 7.57
CA ARG D 193 37.97 -22.84 7.54
C ARG D 193 37.11 -21.81 6.82
N LEU D 194 36.51 -22.21 5.70
CA LEU D 194 35.64 -21.30 4.95
C LEU D 194 34.41 -20.91 5.75
N ILE D 195 33.85 -21.86 6.51
CA ILE D 195 32.72 -21.56 7.37
C ILE D 195 33.13 -20.56 8.45
N GLN D 196 34.29 -20.77 9.08
CA GLN D 196 34.76 -19.84 10.10
C GLN D 196 34.98 -18.45 9.50
N GLU D 197 35.58 -18.40 8.31
CA GLU D 197 35.82 -17.12 7.66
C GLU D 197 34.51 -16.42 7.32
N LEU D 198 33.55 -17.17 6.79
CA LEU D 198 32.24 -16.59 6.48
C LEU D 198 31.56 -16.09 7.76
N GLU D 199 31.73 -16.83 8.86
CA GLU D 199 31.14 -16.43 10.12
C GLU D 199 31.73 -15.11 10.61
N ASP D 200 33.06 -15.00 10.55
CA ASP D 200 33.70 -13.75 10.97
C ASP D 200 33.27 -12.60 10.06
N VAL D 201 33.22 -12.84 8.75
CA VAL D 201 32.83 -11.79 7.81
C VAL D 201 31.40 -11.35 8.07
N GLU D 202 30.50 -12.31 8.33
CA GLU D 202 29.10 -11.97 8.56
C GLU D 202 28.92 -11.24 9.87
N LYS D 203 29.66 -11.62 10.91
CA LYS D 203 29.62 -10.88 12.17
C LYS D 203 30.08 -9.44 11.95
N ASN D 204 31.17 -9.27 11.20
CA ASN D 204 31.65 -7.92 10.92
C ASN D 204 30.62 -7.14 10.12
N ARG D 205 29.98 -7.77 9.14
CA ARG D 205 29.01 -7.08 8.30
C ARG D 205 27.77 -6.68 9.11
N LYS D 206 27.31 -7.57 9.98
CA LYS D 206 26.16 -7.26 10.82
C LYS D 206 26.50 -6.12 11.78
N ILE D 207 27.68 -6.19 12.41
CA ILE D 207 28.11 -5.11 13.29
C ILE D 207 28.19 -3.81 12.51
N VAL D 208 28.67 -3.88 11.27
CA VAL D 208 28.84 -2.68 10.46
C VAL D 208 27.49 -2.07 10.11
N ALA D 209 26.53 -2.90 9.69
CA ALA D 209 25.21 -2.38 9.37
C ALA D 209 24.53 -1.78 10.60
N GLU D 210 24.65 -2.47 11.74
CA GLU D 210 24.08 -1.96 12.97
C GLU D 210 24.71 -0.62 13.34
N ASN D 211 26.04 -0.53 13.23
CA ASN D 211 26.72 0.71 13.57
C ASN D 211 26.44 1.82 12.57
N LEU D 212 26.19 1.49 11.31
CA LEU D 212 25.81 2.52 10.34
C LEU D 212 24.42 3.08 10.66
N GLU D 213 23.47 2.19 10.97
CA GLU D 213 22.18 2.66 11.43
C GLU D 213 22.30 3.48 12.70
N LYS D 214 23.15 3.04 13.63
CA LYS D 214 23.36 3.77 14.87
C LYS D 214 23.98 5.13 14.63
N VAL D 215 24.89 5.22 13.67
CA VAL D 215 25.52 6.49 13.34
C VAL D 215 24.53 7.44 12.69
N GLN D 216 23.69 6.92 11.79
CA GLN D 216 22.65 7.76 11.21
C GLN D 216 21.70 8.26 12.30
N ALA D 217 21.33 7.38 13.23
CA ALA D 217 20.47 7.79 14.33
C ALA D 217 21.15 8.81 15.22
N GLU D 218 22.44 8.63 15.50
CA GLU D 218 23.17 9.57 16.33
C GLU D 218 23.26 10.93 15.64
N ALA D 219 23.46 10.93 14.31
CA ALA D 219 23.46 12.17 13.57
C ALA D 219 22.11 12.86 13.64
N GLU D 220 21.03 12.09 13.46
CA GLU D 220 19.70 12.68 13.57
C GLU D 220 19.44 13.23 14.97
N ARG D 221 19.85 12.50 16.00
CA ARG D 221 19.66 12.96 17.38
C ARG D 221 20.47 14.22 17.64
N LEU D 222 21.71 14.27 17.12
CA LEU D 222 22.51 15.47 17.26
C LEU D 222 21.86 16.65 16.53
N ASP D 223 21.27 16.38 15.36
CA ASP D 223 20.56 17.43 14.64
C ASP D 223 19.38 17.95 15.45
N GLN D 224 18.63 17.04 16.06
CA GLN D 224 17.50 17.46 16.89
C GLN D 224 17.98 18.25 18.10
N GLU D 225 19.06 17.80 18.75
CA GLU D 225 19.61 18.51 19.89
C GLU D 225 20.09 19.90 19.46
N GLU D 226 20.71 19.99 18.29
CA GLU D 226 21.16 21.27 17.78
C GLU D 226 19.99 22.19 17.46
N ALA D 227 18.90 21.63 16.93
CA ALA D 227 17.71 22.45 16.67
C ALA D 227 17.13 22.98 17.98
N GLN D 228 17.06 22.12 19.00
CA GLN D 228 16.59 22.56 20.31
C GLN D 228 17.52 23.62 20.90
N TYR D 229 18.83 23.43 20.73
CA TYR D 229 19.79 24.40 21.24
C TYR D 229 19.69 25.72 20.50
N GLN D 230 19.44 25.67 19.19
CA GLN D 230 19.20 26.89 18.43
C GLN D 230 17.91 27.56 18.87
N ARG D 231 16.88 26.79 19.21
CA ARG D 231 15.66 27.37 19.76
C ARG D 231 15.94 28.06 21.08
N GLU D 232 16.72 27.42 21.95
CA GLU D 232 17.07 28.03 23.24
C GLU D 232 17.92 29.27 23.05
N TYR D 233 18.87 29.22 22.10
CA TYR D 233 19.67 30.39 21.77
C TYR D 233 18.80 31.51 21.24
N SER D 234 17.80 31.16 20.43
CA SER D 234 16.83 32.13 19.94
C SER D 234 16.13 32.81 21.10
N GLU D 235 15.65 32.01 22.06
CA GLU D 235 14.96 32.57 23.22
C GLU D 235 15.89 33.50 24.00
N PHE D 236 17.12 33.06 24.25
CA PHE D 236 18.05 33.86 25.05
C PHE D 236 18.43 35.14 24.33
N LYS D 237 18.71 35.06 23.03
CA LYS D 237 19.08 36.24 22.26
C LYS D 237 17.90 37.20 22.15
N ARG D 238 16.69 36.67 21.97
CA ARG D 238 15.51 37.52 21.96
C ARG D 238 15.34 38.22 23.29
N GLN D 239 15.58 37.50 24.39
CA GLN D 239 15.54 38.12 25.71
C GLN D 239 16.57 39.24 25.82
N GLN D 240 17.79 38.99 25.35
CA GLN D 240 18.84 40.01 25.41
C GLN D 240 18.46 41.23 24.61
N LEU D 241 17.95 41.02 23.40
CA LEU D 241 17.58 42.13 22.53
C LEU D 241 16.40 42.92 23.11
N GLU D 242 15.40 42.20 23.63
CA GLU D 242 14.27 42.89 24.25
C GLU D 242 14.69 43.67 25.48
N LEU D 243 15.59 43.10 26.29
CA LEU D 243 16.04 43.79 27.50
C LEU D 243 16.86 45.03 27.14
N ASP D 244 17.72 44.93 26.14
CA ASP D 244 18.47 46.09 25.68
C ASP D 244 17.53 47.15 25.11
N ASP D 245 16.56 46.73 24.31
CA ASP D 245 15.61 47.67 23.72
C ASP D 245 14.79 48.36 24.81
N GLU D 246 14.43 47.62 25.87
CA GLU D 246 13.69 48.19 26.97
C GLU D 246 14.55 49.15 27.78
N LEU D 247 15.81 48.80 28.03
CA LEU D 247 16.70 49.73 28.72
C LEU D 247 16.84 51.02 27.92
N LYS D 248 16.97 50.89 26.58
CA LYS D 248 17.08 52.06 25.73
C LYS D 248 15.80 52.88 25.72
N SER D 249 14.63 52.23 25.66
CA SER D 249 13.37 52.96 25.69
C SER D 249 13.20 53.69 27.02
N VAL D 250 13.58 53.02 28.12
CA VAL D 250 13.52 53.67 29.43
C VAL D 250 14.46 54.86 29.47
N GLU D 251 15.66 54.72 28.91
CA GLU D 251 16.61 55.81 28.88
C GLU D 251 16.05 56.99 28.08
N ASN D 252 15.42 56.70 26.93
CA ASN D 252 14.88 57.76 26.09
C ASN D 252 13.72 58.47 26.78
N GLN D 253 12.82 57.70 27.42
CA GLN D 253 11.70 58.32 28.13
C GLN D 253 12.18 59.16 29.29
N MET D 254 13.16 58.66 30.05
CA MET D 254 13.75 59.44 31.12
C MET D 254 14.44 60.68 30.57
N ARG D 255 15.07 60.57 29.41
CA ARG D 255 15.69 61.72 28.77
C ARG D 255 14.65 62.79 28.47
N TYR D 256 13.52 62.38 27.89
CA TYR D 256 12.45 63.34 27.60
C TYR D 256 11.93 63.98 28.88
N ALA D 257 11.68 63.16 29.91
CA ALA D 257 11.14 63.67 31.16
C ALA D 257 12.09 64.66 31.82
N GLN D 258 13.37 64.28 31.94
CA GLN D 258 14.36 65.16 32.54
C GLN D 258 14.62 66.39 31.70
N THR D 259 14.54 66.28 30.38
CA THR D 259 14.67 67.46 29.52
C THR D 259 13.53 68.43 29.76
N GLN D 260 12.30 67.92 29.89
CA GLN D 260 11.18 68.78 30.22
C GLN D 260 11.38 69.43 31.58
N LEU D 261 11.84 68.65 32.57
CA LEU D 261 12.07 69.18 33.90
C LEU D 261 13.12 70.28 33.87
N ASP D 262 14.22 70.04 33.15
CA ASP D 262 15.29 71.04 33.06
C ASP D 262 14.84 72.29 32.31
N LYS D 263 14.05 72.12 31.24
CA LYS D 263 13.52 73.28 30.53
C LYS D 263 12.63 74.10 31.45
N LEU D 264 11.79 73.44 32.25
CA LEU D 264 10.98 74.15 33.23
C LEU D 264 11.85 74.87 34.24
N LYS D 265 12.92 74.21 34.71
CA LYS D 265 13.82 74.84 35.68
C LYS D 265 14.47 76.09 35.09
N LYS D 266 14.91 76.02 33.83
CA LYS D 266 15.50 77.18 33.19
C LYS D 266 14.46 78.25 32.92
N THR D 267 13.41 77.90 32.17
CA THR D 267 12.30 78.81 31.92
C THR D 267 11.30 78.67 33.07
N ASN D 268 11.48 79.54 34.07
CA ASN D 268 10.63 79.51 35.25
C ASN D 268 9.17 79.70 34.87
N VAL D 269 8.27 79.44 35.81
CA VAL D 269 6.83 79.61 35.56
C VAL D 269 6.59 81.04 35.09
N PHE D 270 7.18 82.00 35.80
CA PHE D 270 7.07 83.39 35.37
C PHE D 270 7.71 83.59 34.00
N ASN D 271 8.82 82.89 33.74
CA ASN D 271 9.48 83.01 32.45
C ASN D 271 8.50 82.77 31.31
N ALA D 272 7.77 81.66 31.38
CA ALA D 272 6.79 81.35 30.34
C ALA D 272 5.58 82.27 30.42
N THR D 273 5.09 82.54 31.62
CA THR D 273 3.87 83.33 31.77
C THR D 273 4.03 84.71 31.14
N PHE D 274 5.17 85.34 31.35
CA PHE D 274 5.47 86.63 30.75
C PHE D 274 5.99 86.53 29.33
N HIS D 275 6.78 85.50 29.03
CA HIS D 275 7.40 85.32 27.72
C HIS D 275 7.88 86.66 27.16
N ILE D 276 8.58 87.40 28.01
CA ILE D 276 8.94 88.78 27.74
C ILE D 276 10.38 88.84 27.24
N TRP D 277 10.71 89.92 26.54
CA TRP D 277 12.05 90.19 26.03
C TRP D 277 12.49 91.58 26.45
N HIS D 278 13.80 91.78 26.49
CA HIS D 278 14.37 93.06 26.91
C HIS D 278 14.69 93.98 25.74
N SER D 279 15.01 93.43 24.57
CA SER D 279 15.39 94.24 23.42
C SER D 279 14.73 93.67 22.17
N GLY D 280 14.55 94.54 21.18
CA GLY D 280 13.97 94.15 19.91
C GLY D 280 13.28 95.33 19.26
N GLN D 281 12.55 95.03 18.17
CA GLN D 281 11.82 96.08 17.47
C GLN D 281 10.72 96.69 18.32
N PHE D 282 10.30 96.00 19.37
CA PHE D 282 9.28 96.51 20.27
C PHE D 282 9.40 95.80 21.61
N GLY D 283 8.55 96.17 22.56
CA GLY D 283 8.54 95.48 23.84
C GLY D 283 7.78 94.18 23.75
N THR D 284 8.40 93.09 24.18
CA THR D 284 7.85 91.75 23.99
C THR D 284 7.58 91.10 25.34
N ILE D 285 6.33 90.71 25.58
CA ILE D 285 5.94 89.91 26.73
C ILE D 285 4.84 88.96 26.27
N ASN D 286 4.99 87.67 26.62
CA ASN D 286 4.07 86.65 26.16
C ASN D 286 4.03 86.60 24.63
N ASN D 287 5.16 86.92 24.00
CA ASN D 287 5.26 86.96 22.55
C ASN D 287 4.42 88.10 21.95
N PHE D 288 4.53 89.28 22.55
CA PHE D 288 3.82 90.46 22.08
C PHE D 288 4.80 91.52 21.58
N ARG D 289 4.28 92.45 20.77
CA ARG D 289 5.06 93.57 20.23
C ARG D 289 4.58 94.87 20.86
N LEU D 290 5.50 95.63 21.44
CA LEU D 290 5.18 96.85 22.16
C LEU D 290 5.75 98.05 21.42
N GLY D 291 4.87 98.84 20.80
CA GLY D 291 5.28 100.03 20.10
C GLY D 291 5.44 99.83 18.61
N ARG D 292 4.70 100.60 17.82
CA ARG D 292 4.82 100.57 16.37
C ARG D 292 5.71 101.72 15.89
N LEU D 293 6.02 101.70 14.60
CA LEU D 293 6.88 102.69 13.96
C LEU D 293 6.30 103.07 12.62
N PRO D 294 6.84 104.11 11.98
CA PRO D 294 6.35 104.48 10.65
C PRO D 294 6.48 103.36 9.64
N SER D 295 7.28 102.33 9.93
CA SER D 295 7.44 101.17 9.05
C SER D 295 7.42 99.87 9.85
N VAL D 296 6.67 99.84 10.94
CA VAL D 296 6.60 98.65 11.80
C VAL D 296 5.14 98.34 12.10
N PRO D 297 4.68 97.12 11.86
CA PRO D 297 3.29 96.76 12.17
C PRO D 297 3.15 96.18 13.57
N VAL D 298 2.05 96.54 14.23
CA VAL D 298 1.72 96.03 15.55
C VAL D 298 0.21 96.20 15.74
N GLU D 299 -0.34 95.46 16.69
CA GLU D 299 -1.78 95.41 16.90
C GLU D 299 -2.15 96.17 18.18
N TRP D 300 -2.98 97.20 18.03
CA TRP D 300 -3.45 97.95 19.20
C TRP D 300 -4.38 97.11 20.07
N ASN D 301 -5.10 96.16 19.46
CA ASN D 301 -5.85 95.19 20.25
C ASN D 301 -4.90 94.32 21.06
N GLU D 302 -3.81 93.86 20.43
CA GLU D 302 -2.75 93.22 21.21
C GLU D 302 -2.22 94.18 22.26
N ILE D 303 -2.29 95.49 21.98
CA ILE D 303 -1.88 96.48 22.97
C ILE D 303 -2.78 96.42 24.20
N ASN D 304 -4.09 96.36 23.98
CA ASN D 304 -5.02 96.24 25.11
C ASN D 304 -4.82 94.91 25.85
N ALA D 305 -4.57 93.85 25.10
CA ALA D 305 -4.30 92.56 25.72
C ALA D 305 -3.07 92.63 26.63
N ALA D 306 -1.98 93.21 26.12
CA ALA D 306 -0.78 93.34 26.93
C ALA D 306 -1.00 94.31 28.08
N TRP D 307 -1.87 95.29 27.91
CA TRP D 307 -2.18 96.21 29.00
C TRP D 307 -2.88 95.47 30.14
N GLY D 308 -3.86 94.63 29.80
CA GLY D 308 -4.49 93.82 30.82
C GLY D 308 -3.52 92.84 31.45
N GLN D 309 -2.61 92.30 30.65
CA GLN D 309 -1.56 91.42 31.18
C GLN D 309 -0.70 92.17 32.18
N THR D 310 -0.32 93.41 31.86
CA THR D 310 0.48 94.22 32.77
C THR D 310 -0.28 94.52 34.04
N VAL D 311 -1.59 94.81 33.92
CA VAL D 311 -2.40 95.03 35.11
C VAL D 311 -2.41 93.79 35.99
N LEU D 312 -2.62 92.61 35.39
CA LEU D 312 -2.64 91.39 36.17
C LEU D 312 -1.29 91.11 36.82
N LEU D 313 -0.21 91.33 36.08
CA LEU D 313 1.13 91.09 36.62
C LEU D 313 1.45 92.05 37.76
N LEU D 314 1.08 93.32 37.59
CA LEU D 314 1.30 94.29 38.66
C LEU D 314 0.47 93.95 39.89
N HIS D 315 -0.78 93.52 39.70
CA HIS D 315 -1.59 93.11 40.83
C HIS D 315 -0.98 91.92 41.55
N ALA D 316 -0.51 90.92 40.79
CA ALA D 316 0.11 89.75 41.41
C ALA D 316 1.36 90.13 42.17
N LEU D 317 2.19 91.01 41.60
CA LEU D 317 3.41 91.44 42.27
C LEU D 317 3.08 92.21 43.55
N ALA D 318 2.15 93.16 43.46
CA ALA D 318 1.80 93.96 44.63
C ALA D 318 1.21 93.10 45.74
N ASN D 319 0.29 92.19 45.40
CA ASN D 319 -0.22 91.27 46.39
C ASN D 319 0.89 90.38 46.94
N LYS D 320 1.91 90.10 46.14
CA LYS D 320 3.04 89.31 46.61
C LYS D 320 3.89 90.12 47.60
N MET D 321 4.14 91.39 47.29
CA MET D 321 4.91 92.24 48.19
C MET D 321 4.64 93.69 47.86
N GLY D 322 3.96 94.40 48.76
CA GLY D 322 3.79 95.83 48.62
C GLY D 322 3.30 96.22 47.25
N LEU D 323 3.96 97.21 46.65
CA LEU D 323 3.66 97.70 45.30
C LEU D 323 2.20 98.11 45.15
N LYS D 324 1.51 98.38 46.27
CA LYS D 324 0.09 98.72 46.24
C LYS D 324 -0.23 99.90 47.15
N PHE D 325 0.56 100.97 47.06
CA PHE D 325 0.35 102.14 47.92
C PHE D 325 -0.81 103.00 47.43
N GLN D 326 -0.72 103.53 46.22
CA GLN D 326 -1.79 104.33 45.64
C GLN D 326 -1.95 103.93 44.19
N ARG D 327 -3.15 104.15 43.66
CA ARG D 327 -3.50 103.62 42.34
C ARG D 327 -3.27 102.11 42.29
N TYR D 328 -3.45 101.46 43.42
CA TYR D 328 -3.09 100.05 43.60
C TYR D 328 -4.24 99.09 43.33
N ARG D 329 -5.42 99.59 42.94
CA ARG D 329 -6.57 98.74 42.63
C ARG D 329 -6.63 98.61 41.12
N LEU D 330 -6.07 97.52 40.61
CA LEU D 330 -6.00 97.27 39.17
C LEU D 330 -6.89 96.09 38.81
N VAL D 331 -7.48 96.14 37.62
CA VAL D 331 -8.34 95.06 37.14
C VAL D 331 -7.50 94.10 36.30
N PRO D 332 -7.09 92.97 36.86
CA PRO D 332 -6.29 91.99 36.09
C PRO D 332 -7.16 91.13 35.17
N TYR D 333 -7.82 91.80 34.21
CA TYR D 333 -8.74 91.12 33.32
C TYR D 333 -8.28 91.11 31.86
N GLY D 334 -7.40 92.03 31.47
CA GLY D 334 -6.94 92.09 30.09
C GLY D 334 -7.33 93.37 29.37
N ASN D 335 -7.98 93.24 28.21
CA ASN D 335 -8.38 94.40 27.43
C ASN D 335 -9.44 95.20 28.18
N HIS D 336 -9.42 96.52 27.95
CA HIS D 336 -10.29 97.44 28.67
C HIS D 336 -10.06 97.38 30.17
N SER D 337 -8.84 97.05 30.59
CA SER D 337 -8.53 96.91 32.00
C SER D 337 -8.69 98.24 32.73
N TYR D 338 -8.67 98.16 34.06
CA TYR D 338 -8.84 99.33 34.91
C TYR D 338 -7.73 99.36 35.95
N LEU D 339 -7.24 100.56 36.24
CA LEU D 339 -6.23 100.76 37.27
C LEU D 339 -6.69 101.90 38.16
N GLU D 340 -6.96 101.59 39.42
CA GLU D 340 -7.46 102.56 40.38
C GLU D 340 -6.73 102.42 41.70
N SER D 341 -6.77 103.49 42.50
CA SER D 341 -6.19 103.46 43.83
C SER D 341 -7.11 102.73 44.80
N LEU D 342 -6.49 101.97 45.71
CA LEU D 342 -7.28 101.37 46.79
C LEU D 342 -7.92 102.44 47.66
N THR D 343 -7.30 103.61 47.73
CA THR D 343 -7.86 104.72 48.50
C THR D 343 -8.86 105.55 47.71
N ASP D 344 -8.91 105.37 46.39
CA ASP D 344 -9.75 106.22 45.55
C ASP D 344 -10.39 105.39 44.44
N LYS D 345 -11.71 105.47 44.31
CA LYS D 345 -12.45 104.72 43.31
C LYS D 345 -13.58 105.54 42.67
N SER D 346 -13.55 106.86 42.79
CA SER D 346 -14.64 107.68 42.29
C SER D 346 -14.74 107.62 40.76
N LYS D 347 -13.62 107.75 40.06
CA LYS D 347 -13.61 107.77 38.60
C LYS D 347 -12.70 106.64 38.12
N GLU D 348 -13.26 105.72 37.33
CA GLU D 348 -12.49 104.62 36.81
C GLU D 348 -11.43 105.12 35.81
N LEU D 349 -10.30 104.43 35.78
CA LEU D 349 -9.23 104.73 34.84
C LEU D 349 -9.10 103.60 33.85
N PRO D 350 -9.81 103.62 32.73
CA PRO D 350 -9.77 102.49 31.79
C PRO D 350 -8.43 102.42 31.06
N LEU D 351 -7.85 101.22 31.04
CA LEU D 351 -6.64 100.98 30.24
C LEU D 351 -6.97 100.70 28.78
N TYR D 352 -7.74 101.58 28.15
CA TYR D 352 -8.16 101.42 26.77
C TYR D 352 -8.89 102.70 26.38
N CYS D 353 -9.49 102.71 25.19
CA CYS D 353 -10.24 103.86 24.72
C CYS D 353 -11.38 103.44 23.80
N ASN D 363 -8.48 111.25 27.73
CA ASN D 363 -7.34 111.32 28.64
C ASN D 363 -7.35 110.16 29.63
N LYS D 364 -8.39 109.32 29.53
CA LYS D 364 -8.49 108.18 30.43
C LYS D 364 -7.42 107.13 30.17
N PHE D 365 -7.10 106.90 28.89
CA PHE D 365 -6.03 105.95 28.56
C PHE D 365 -4.67 106.48 28.98
N ASP D 366 -4.38 107.74 28.64
CA ASP D 366 -3.14 108.35 29.12
C ASP D 366 -3.13 108.44 30.63
N HIS D 367 -4.30 108.62 31.24
CA HIS D 367 -4.40 108.60 32.70
C HIS D 367 -4.00 107.25 33.24
N ALA D 368 -4.48 106.17 32.61
CA ALA D 368 -4.06 104.83 33.01
C ALA D 368 -2.56 104.66 32.83
N MET D 369 -2.00 105.21 31.76
CA MET D 369 -0.57 105.13 31.55
C MET D 369 0.19 105.83 32.67
N VAL D 370 -0.28 107.00 33.10
CA VAL D 370 0.40 107.74 34.16
C VAL D 370 0.28 106.99 35.48
N ALA D 371 -0.91 106.48 35.79
CA ALA D 371 -1.07 105.70 37.01
C ALA D 371 -0.22 104.43 36.97
N PHE D 372 -0.05 103.85 35.79
CA PHE D 372 0.84 102.71 35.64
C PHE D 372 2.28 103.10 35.90
N LEU D 373 2.69 104.28 35.42
CA LEU D 373 4.02 104.77 35.75
C LEU D 373 4.18 104.95 37.24
N ASP D 374 3.12 105.42 37.92
CA ASP D 374 3.17 105.60 39.36
C ASP D 374 3.34 104.26 40.07
N CYS D 375 2.54 103.27 39.69
CA CYS D 375 2.65 101.95 40.30
C CYS D 375 4.01 101.31 39.98
N VAL D 376 4.57 101.61 38.80
CA VAL D 376 5.88 101.10 38.44
C VAL D 376 6.96 101.72 39.31
N GLN D 377 6.87 103.02 39.57
CA GLN D 377 7.81 103.64 40.50
C GLN D 377 7.66 103.07 41.91
N GLN D 378 6.42 102.81 42.33
CA GLN D 378 6.21 102.19 43.63
C GLN D 378 6.85 100.81 43.70
N PHE D 379 6.69 100.01 42.64
CA PHE D 379 7.32 98.70 42.60
C PHE D 379 8.84 98.82 42.59
N LYS D 380 9.38 99.75 41.81
CA LYS D 380 10.82 99.97 41.78
C LYS D 380 11.34 100.31 43.16
N GLU D 381 10.58 101.12 43.91
CA GLU D 381 10.88 101.29 45.33
C GLU D 381 10.85 99.94 46.04
N GLU D 382 9.84 99.13 45.75
CA GLU D 382 9.78 97.78 46.29
C GLU D 382 10.94 96.94 45.80
N VAL D 383 11.25 97.04 44.50
CA VAL D 383 12.33 96.24 43.93
C VAL D 383 13.68 96.73 44.43
N GLU D 384 13.88 98.04 44.53
CA GLU D 384 15.18 98.59 44.92
C GLU D 384 15.50 98.31 46.37
N LYS D 385 14.54 97.79 47.14
CA LYS D 385 14.73 97.64 48.58
C LYS D 385 15.93 96.75 48.91
N GLY D 386 16.36 95.91 47.98
CA GLY D 386 17.51 95.06 48.20
C GLY D 386 18.75 95.82 48.63
N GLU D 387 19.60 95.17 49.43
CA GLU D 387 20.82 95.84 49.90
C GLU D 387 21.60 96.43 48.75
N THR D 388 21.86 95.63 47.71
CA THR D 388 22.35 96.13 46.44
C THR D 388 21.14 96.63 45.67
N ARG D 389 21.02 97.95 45.53
CA ARG D 389 19.85 98.53 44.89
C ARG D 389 19.59 97.86 43.55
N PHE D 390 18.31 97.80 43.18
CA PHE D 390 17.86 97.09 41.98
C PHE D 390 16.84 97.93 41.23
N CYS D 391 16.60 97.54 39.98
CA CYS D 391 15.64 98.22 39.12
C CYS D 391 16.09 99.66 38.85
N LEU D 392 17.39 99.84 38.67
CA LEU D 392 17.89 101.17 38.35
C LEU D 392 18.79 101.13 37.13
N PRO D 393 18.47 100.32 36.12
CA PRO D 393 18.99 100.58 34.78
C PRO D 393 18.21 101.66 34.07
N TYR D 394 17.07 102.07 34.64
CA TYR D 394 16.20 103.10 34.11
C TYR D 394 15.30 103.58 35.24
N ARG D 395 14.67 104.73 35.04
CA ARG D 395 13.75 105.28 36.02
C ARG D 395 12.48 105.70 35.31
N MET D 396 11.35 105.42 35.95
CA MET D 396 10.03 105.74 35.41
C MET D 396 9.38 106.83 36.23
N ASP D 397 8.86 107.84 35.54
CA ASP D 397 8.19 108.97 36.18
C ASP D 397 6.69 108.85 35.89
N VAL D 398 5.87 109.04 36.91
CA VAL D 398 4.44 108.79 36.81
C VAL D 398 3.68 110.03 36.35
N GLU D 399 3.85 111.16 37.06
CA GLU D 399 3.00 112.31 36.83
C GLU D 399 3.32 113.01 35.52
N LYS D 400 4.60 113.25 35.23
CA LYS D 400 4.97 114.04 34.06
C LYS D 400 5.14 113.20 32.80
N GLY D 401 5.19 111.88 32.93
CA GLY D 401 5.32 111.02 31.77
C GLY D 401 6.74 110.81 31.31
N LYS D 402 7.61 110.36 32.21
CA LYS D 402 9.02 110.14 31.90
C LYS D 402 9.38 108.68 32.05
N ILE D 403 9.93 108.10 30.98
CA ILE D 403 10.50 106.76 30.99
C ILE D 403 11.99 106.93 30.75
N GLU D 404 12.76 107.02 31.83
CA GLU D 404 14.16 107.37 31.77
C GLU D 404 15.02 106.17 32.09
N ASP D 405 16.06 105.96 31.28
CA ASP D 405 16.96 104.83 31.42
C ASP D 405 18.22 105.28 32.18
N THR D 406 18.47 104.63 33.31
CA THR D 406 19.70 104.88 34.07
C THR D 406 20.94 104.43 33.32
N GLY D 407 20.79 103.66 32.24
CA GLY D 407 21.91 103.24 31.43
C GLY D 407 22.54 104.35 30.62
N GLY D 408 21.99 105.56 30.68
CA GLY D 408 22.54 106.69 29.97
C GLY D 408 22.10 106.85 28.54
N SER D 409 21.14 106.04 28.08
CA SER D 409 20.63 106.18 26.72
C SER D 409 20.03 107.57 26.52
N GLY D 410 20.41 108.24 25.44
CA GLY D 410 19.93 109.59 25.17
C GLY D 410 18.55 109.67 24.56
N GLY D 411 17.96 108.54 24.17
CA GLY D 411 16.64 108.55 23.57
C GLY D 411 15.59 109.15 24.47
N SER D 412 14.90 110.18 23.98
CA SER D 412 13.87 110.87 24.75
C SER D 412 12.58 110.06 24.67
N TYR D 413 12.21 109.43 25.78
CA TYR D 413 11.00 108.64 25.87
C TYR D 413 10.04 109.27 26.87
N SER D 414 8.80 109.48 26.43
CA SER D 414 7.76 110.06 27.26
C SER D 414 6.53 109.17 27.17
N ILE D 415 5.56 109.42 28.06
CA ILE D 415 4.36 108.61 28.16
C ILE D 415 3.15 109.30 27.54
N LYS D 416 3.35 110.46 26.92
CA LYS D 416 2.23 111.16 26.31
C LYS D 416 1.69 110.40 25.12
N THR D 417 0.39 110.49 24.92
CA THR D 417 -0.27 109.91 23.76
C THR D 417 0.03 110.67 22.47
N GLN D 418 0.69 111.83 22.58
CA GLN D 418 1.08 112.62 21.43
C GLN D 418 2.56 112.96 21.55
N PHE D 419 3.26 112.91 20.41
CA PHE D 419 4.69 113.14 20.29
C PHE D 419 5.52 112.01 20.87
N ASN D 420 4.90 110.93 21.37
CA ASN D 420 5.63 109.79 21.88
C ASN D 420 5.01 108.45 21.53
N SER D 421 4.11 108.39 20.54
CA SER D 421 3.25 107.23 20.39
C SER D 421 3.87 106.14 19.52
N GLU D 422 4.88 106.47 18.71
CA GLU D 422 5.45 105.50 17.78
C GLU D 422 6.87 105.12 18.19
N GLU D 423 7.78 106.08 18.27
CA GLU D 423 9.14 105.75 18.70
C GLU D 423 9.23 105.80 20.22
N GLN D 424 8.81 106.92 20.81
CA GLN D 424 8.83 107.03 22.27
C GLN D 424 7.91 106.01 22.92
N TRP D 425 6.74 105.77 22.32
CA TRP D 425 5.82 104.80 22.89
C TRP D 425 6.38 103.38 22.82
N THR D 426 6.93 103.01 21.67
CA THR D 426 7.55 101.69 21.54
C THR D 426 8.66 101.55 22.57
N LYS D 427 9.50 102.57 22.69
CA LYS D 427 10.61 102.54 23.63
C LYS D 427 10.13 102.43 25.07
N ALA D 428 9.08 103.17 25.44
CA ALA D 428 8.59 103.12 26.81
C ALA D 428 7.92 101.78 27.12
N LEU D 429 7.21 101.22 26.14
CA LEU D 429 6.62 99.89 26.33
C LEU D 429 7.71 98.85 26.51
N LYS D 430 8.75 98.89 25.67
CA LYS D 430 9.85 97.95 25.83
C LYS D 430 10.58 98.17 27.15
N PHE D 431 10.70 99.43 27.58
CA PHE D 431 11.34 99.74 28.85
C PHE D 431 10.54 99.18 30.02
N MET D 432 9.21 99.35 29.99
CA MET D 432 8.37 98.75 31.01
C MET D 432 8.51 97.23 30.99
N LEU D 433 8.57 96.64 29.79
CA LEU D 433 8.73 95.20 29.69
C LEU D 433 10.04 94.75 30.34
N THR D 434 11.14 95.47 30.05
CA THR D 434 12.43 95.06 30.60
C THR D 434 12.53 95.31 32.11
N ASN D 435 11.92 96.38 32.60
CA ASN D 435 11.93 96.64 34.03
C ASN D 435 11.11 95.58 34.76
N LEU D 436 9.92 95.28 34.25
CA LEU D 436 9.15 94.18 34.81
C LEU D 436 9.91 92.86 34.67
N LYS D 437 10.70 92.73 33.61
CA LYS D 437 11.53 91.55 33.44
C LYS D 437 12.53 91.42 34.58
N TRP D 438 13.22 92.51 34.91
CA TRP D 438 14.17 92.47 36.01
C TRP D 438 13.47 92.21 37.34
N GLY D 439 12.35 92.87 37.58
CA GLY D 439 11.63 92.68 38.83
C GLY D 439 11.12 91.25 38.98
N LEU D 440 10.53 90.72 37.92
CA LEU D 440 10.05 89.34 37.96
C LEU D 440 11.19 88.35 37.95
N ALA D 441 12.36 88.74 37.44
CA ALA D 441 13.53 87.88 37.56
C ALA D 441 13.97 87.75 39.01
N TRP D 442 13.99 88.87 39.73
CA TRP D 442 14.25 88.82 41.15
C TRP D 442 13.16 88.02 41.86
N VAL D 443 11.90 88.23 41.48
CA VAL D 443 10.78 87.52 42.09
C VAL D 443 10.91 86.03 41.88
N SER D 444 11.29 85.61 40.67
CA SER D 444 11.44 84.20 40.36
C SER D 444 12.64 83.60 41.07
N SER D 445 13.74 84.37 41.15
CA SER D 445 14.89 83.90 41.92
C SER D 445 14.50 83.63 43.36
N GLN D 446 13.70 84.52 43.93
CA GLN D 446 13.23 84.32 45.31
C GLN D 446 12.29 83.12 45.39
N PHE D 447 11.30 83.05 44.50
CA PHE D 447 10.25 82.05 44.60
C PHE D 447 10.76 80.64 44.35
N TYR D 448 11.64 80.46 43.36
CA TYR D 448 12.20 79.15 43.10
C TYR D 448 12.93 78.62 44.32
N ASN D 449 13.45 79.51 45.16
CA ASN D 449 14.07 79.12 46.42
C ASN D 449 13.03 79.11 47.53
N MET E 1 -20.13 -65.02 -2.93
CA MET E 1 -18.73 -64.81 -3.28
C MET E 1 -18.50 -63.37 -3.75
N LYS E 2 -17.75 -62.62 -2.97
CA LYS E 2 -17.42 -61.24 -3.30
C LYS E 2 -16.01 -61.20 -3.88
N LEU E 3 -15.82 -60.34 -4.86
CA LEU E 3 -14.56 -60.28 -5.59
C LEU E 3 -13.41 -59.99 -4.64
N TYR E 4 -12.33 -60.75 -4.80
CA TYR E 4 -11.10 -60.50 -4.05
C TYR E 4 -10.03 -60.06 -5.03
N VAL E 5 -9.47 -58.88 -4.79
CA VAL E 5 -8.48 -58.29 -5.69
C VAL E 5 -7.47 -57.49 -4.87
N PHE E 6 -6.20 -57.64 -5.25
CA PHE E 6 -5.10 -56.89 -4.64
C PHE E 6 -4.28 -56.26 -5.75
N LEU E 7 -4.01 -54.96 -5.62
CA LEU E 7 -3.39 -54.21 -6.71
C LEU E 7 -1.95 -54.65 -6.82
N VAL E 8 -1.72 -55.73 -7.57
CA VAL E 8 -0.39 -56.30 -7.71
C VAL E 8 0.64 -55.19 -7.93
N ASN E 9 0.24 -54.13 -8.63
CA ASN E 9 1.08 -52.94 -8.70
C ASN E 9 1.47 -52.50 -7.29
N THR E 10 0.51 -52.55 -6.37
CA THR E 10 0.83 -52.36 -4.96
C THR E 10 0.89 -53.70 -4.23
N GLY E 11 0.26 -54.73 -4.79
CA GLY E 11 0.11 -55.98 -4.08
C GLY E 11 -0.61 -55.71 -2.77
N THR E 12 -1.55 -54.78 -2.81
CA THR E 12 -2.15 -54.23 -1.60
C THR E 12 -3.64 -54.54 -1.57
N THR E 13 -4.20 -54.59 -0.37
CA THR E 13 -5.58 -55.00 -0.18
C THR E 13 -6.54 -53.92 -0.67
N LEU E 14 -7.18 -54.15 -1.81
CA LEU E 14 -8.31 -53.34 -2.28
C LEU E 14 -9.31 -54.29 -2.94
N THR E 15 -10.23 -54.81 -2.13
CA THR E 15 -11.13 -55.87 -2.56
C THR E 15 -12.33 -55.30 -3.31
N PHE E 16 -13.17 -56.22 -3.80
CA PHE E 16 -14.39 -55.85 -4.51
C PHE E 16 -15.56 -56.63 -3.94
N ASP E 17 -16.73 -55.99 -3.92
CA ASP E 17 -17.93 -56.68 -3.49
C ASP E 17 -18.44 -57.59 -4.60
N THR E 18 -19.25 -58.58 -4.20
CA THR E 18 -19.91 -59.41 -5.19
C THR E 18 -20.77 -58.56 -6.11
N GLU E 19 -21.17 -57.38 -5.65
CA GLU E 19 -21.96 -56.47 -6.48
C GLU E 19 -21.30 -56.24 -7.83
N LEU E 20 -19.98 -56.17 -7.87
CA LEU E 20 -19.25 -56.09 -9.13
C LEU E 20 -18.84 -57.46 -9.64
N THR E 21 -19.20 -58.54 -8.94
CA THR E 21 -18.74 -59.87 -9.32
C THR E 21 -19.22 -60.25 -10.72
N VAL E 22 -20.48 -59.95 -11.04
CA VAL E 22 -21.07 -60.39 -12.30
C VAL E 22 -21.30 -59.23 -13.26
N GLN E 23 -20.84 -58.02 -12.91
CA GLN E 23 -21.02 -56.87 -13.79
C GLN E 23 -20.09 -56.98 -15.00
N THR E 24 -20.09 -55.94 -15.81
CA THR E 24 -19.29 -55.93 -17.02
C THR E 24 -17.79 -56.01 -16.69
N VAL E 25 -16.99 -56.32 -17.71
CA VAL E 25 -15.54 -56.44 -17.52
C VAL E 25 -14.95 -55.11 -17.09
N ALA E 26 -15.34 -54.03 -17.75
CA ALA E 26 -14.89 -52.70 -17.35
C ALA E 26 -15.40 -52.32 -15.97
N ASP E 27 -16.36 -53.08 -15.44
CA ASP E 27 -16.85 -52.81 -14.09
C ASP E 27 -15.74 -52.94 -13.06
N LEU E 28 -14.87 -53.94 -13.19
CA LEU E 28 -13.76 -54.08 -12.26
C LEU E 28 -12.82 -52.88 -12.35
N LYS E 29 -12.54 -52.42 -13.58
CA LYS E 29 -11.70 -51.24 -13.75
C LYS E 29 -12.32 -50.02 -13.08
N HIS E 30 -13.61 -49.79 -13.33
CA HIS E 30 -14.27 -48.64 -12.73
C HIS E 30 -14.35 -48.76 -11.22
N ALA E 31 -14.44 -49.99 -10.70
CA ALA E 31 -14.42 -50.20 -9.25
C ALA E 31 -13.06 -49.82 -8.68
N ILE E 32 -11.99 -50.26 -9.33
CA ILE E 32 -10.65 -49.86 -8.89
C ILE E 32 -10.52 -48.34 -8.96
N GLN E 33 -11.14 -47.72 -9.96
CA GLN E 33 -11.07 -46.26 -10.09
C GLN E 33 -11.78 -45.56 -8.94
N SER E 34 -13.03 -45.94 -8.67
CA SER E 34 -13.84 -45.23 -7.69
C SER E 34 -13.57 -45.73 -6.28
N LYS E 35 -13.91 -46.99 -6.00
CA LYS E 35 -13.71 -47.52 -4.66
C LYS E 35 -12.24 -47.47 -4.27
N TYR E 36 -11.36 -47.95 -5.13
CA TYR E 36 -9.93 -47.81 -4.95
C TYR E 36 -9.48 -46.50 -5.59
N LYS E 37 -8.37 -45.96 -5.09
CA LYS E 37 -7.79 -44.78 -5.70
C LYS E 37 -6.93 -45.16 -6.89
N ILE E 38 -7.52 -45.87 -7.86
CA ILE E 38 -6.78 -46.36 -9.03
C ILE E 38 -7.57 -46.07 -10.30
N ALA E 39 -7.19 -45.00 -11.01
CA ALA E 39 -7.91 -44.58 -12.20
C ALA E 39 -7.78 -45.63 -13.31
N ILE E 40 -8.36 -45.31 -14.47
CA ILE E 40 -8.46 -46.29 -15.55
C ILE E 40 -7.31 -46.15 -16.54
N GLN E 41 -7.17 -44.95 -17.12
CA GLN E 41 -6.26 -44.78 -18.26
C GLN E 41 -4.87 -45.35 -17.97
N HIS E 42 -4.29 -44.94 -16.85
CA HIS E 42 -2.97 -45.44 -16.45
C HIS E 42 -3.12 -46.56 -15.42
N GLN E 43 -3.57 -47.72 -15.91
CA GLN E 43 -3.80 -48.86 -15.03
C GLN E 43 -3.70 -50.14 -15.84
N VAL E 44 -3.54 -51.26 -15.14
CA VAL E 44 -3.41 -52.57 -15.78
C VAL E 44 -3.70 -53.65 -14.75
N LEU E 45 -4.21 -54.79 -15.24
CA LEU E 45 -4.41 -55.99 -14.45
C LEU E 45 -4.47 -57.19 -15.36
N VAL E 46 -3.84 -58.29 -14.94
CA VAL E 46 -3.76 -59.51 -15.74
C VAL E 46 -3.91 -60.72 -14.82
N VAL E 47 -3.84 -61.90 -15.45
CA VAL E 47 -3.96 -63.17 -14.74
C VAL E 47 -2.58 -63.74 -14.50
N ASN E 48 -2.28 -64.05 -13.23
CA ASN E 48 -0.99 -64.62 -12.89
C ASN E 48 -0.89 -66.03 -13.44
N GLY E 49 0.23 -66.32 -14.11
CA GLY E 49 0.35 -67.57 -14.83
C GLY E 49 -0.73 -67.69 -15.89
N GLY E 50 -1.24 -66.54 -16.33
CA GLY E 50 -2.28 -66.51 -17.33
C GLY E 50 -2.29 -65.22 -18.11
N GLU E 51 -3.30 -65.01 -18.95
CA GLU E 51 -3.32 -63.85 -19.81
C GLU E 51 -3.89 -62.64 -19.07
N CYS E 52 -3.55 -61.46 -19.57
CA CYS E 52 -4.11 -60.22 -19.09
C CYS E 52 -5.59 -60.20 -19.44
N MET E 53 -6.44 -59.86 -18.48
CA MET E 53 -7.88 -60.00 -18.66
C MET E 53 -8.34 -59.25 -19.91
N ALA E 54 -9.11 -59.94 -20.75
CA ALA E 54 -9.71 -59.32 -21.91
C ALA E 54 -10.93 -58.51 -21.49
N ALA E 55 -11.64 -57.97 -22.47
CA ALA E 55 -12.82 -57.14 -22.22
C ALA E 55 -14.10 -57.95 -22.05
N ASP E 56 -14.05 -59.26 -22.25
CA ASP E 56 -15.24 -60.10 -22.18
C ASP E 56 -15.16 -61.17 -21.10
N ARG E 57 -14.11 -61.97 -21.09
CA ARG E 57 -14.06 -63.14 -20.23
C ARG E 57 -14.20 -62.77 -18.77
N ARG E 58 -14.92 -63.59 -18.02
CA ARG E 58 -15.04 -63.42 -16.58
C ARG E 58 -13.77 -63.88 -15.89
N VAL E 59 -13.61 -63.45 -14.63
CA VAL E 59 -12.41 -63.77 -13.87
C VAL E 59 -12.21 -65.28 -13.80
N CYS E 60 -13.21 -65.99 -13.28
CA CYS E 60 -13.10 -67.43 -13.13
C CYS E 60 -12.69 -68.13 -14.41
N THR E 61 -12.92 -67.52 -15.58
CA THR E 61 -12.41 -68.08 -16.83
C THR E 61 -10.94 -68.39 -16.67
N TYR E 62 -10.20 -67.47 -16.07
CA TYR E 62 -8.91 -67.75 -15.44
C TYR E 62 -9.16 -67.73 -13.95
N SER E 63 -9.45 -68.91 -13.38
CA SER E 63 -10.04 -68.97 -12.05
C SER E 63 -9.18 -68.21 -11.03
N ALA E 64 -9.72 -67.11 -10.52
CA ALA E 64 -8.99 -66.21 -9.63
C ALA E 64 -10.00 -65.25 -9.03
N GLY E 65 -9.49 -64.26 -8.30
CA GLY E 65 -10.33 -63.31 -7.62
C GLY E 65 -10.72 -63.69 -6.21
N THR E 66 -10.09 -64.70 -5.64
CA THR E 66 -10.42 -65.18 -4.30
C THR E 66 -9.48 -64.56 -3.27
N ASP E 67 -9.91 -64.64 -2.01
CA ASP E 67 -9.07 -64.11 -0.93
C ASP E 67 -7.71 -64.78 -0.88
N THR E 68 -7.59 -65.99 -1.43
CA THR E 68 -6.31 -66.65 -1.58
C THR E 68 -5.85 -66.79 -3.02
N ASN E 69 -6.74 -66.51 -3.98
CA ASN E 69 -6.39 -66.58 -5.41
C ASN E 69 -7.10 -65.44 -6.12
N PRO E 70 -6.79 -64.20 -5.77
CA PRO E 70 -7.44 -63.06 -6.40
C PRO E 70 -6.78 -62.65 -7.72
N ILE E 71 -7.21 -61.53 -8.30
CA ILE E 71 -6.63 -61.01 -9.53
C ILE E 71 -5.58 -59.96 -9.17
N PHE E 72 -4.59 -59.80 -10.04
CA PHE E 72 -3.48 -58.87 -9.82
C PHE E 72 -3.74 -57.59 -10.60
N LEU E 73 -3.51 -56.46 -9.95
CA LEU E 73 -3.78 -55.14 -10.53
C LEU E 73 -2.50 -54.35 -10.64
N PHE E 74 -2.42 -53.52 -11.68
CA PHE E 74 -1.25 -52.68 -11.93
C PHE E 74 -1.73 -51.32 -12.41
N ASN E 75 -1.28 -50.27 -11.74
CA ASN E 75 -1.55 -48.91 -12.19
C ASN E 75 -0.50 -48.52 -13.21
N LYS E 76 -0.92 -48.30 -14.45
CA LYS E 76 0.05 -47.99 -15.50
C LYS E 76 0.93 -46.81 -15.12
N GLU E 77 0.30 -45.71 -14.68
CA GLU E 77 1.07 -44.53 -14.30
C GLU E 77 1.98 -44.84 -13.12
N MET E 78 1.64 -45.85 -12.31
CA MET E 78 2.41 -46.14 -11.12
C MET E 78 3.89 -46.32 -11.43
N ILE E 79 4.21 -47.18 -12.39
CA ILE E 79 5.58 -47.28 -12.87
C ILE E 79 5.86 -46.22 -13.92
N LEU E 80 4.83 -45.83 -14.68
CA LEU E 80 5.01 -44.77 -15.67
C LEU E 80 5.65 -43.54 -15.04
N CYS E 81 5.19 -43.16 -13.86
CA CYS E 81 5.90 -42.23 -13.00
C CYS E 81 6.82 -43.00 -12.07
N ASP E 82 7.89 -42.34 -11.63
CA ASP E 82 8.79 -42.95 -10.65
C ASP E 82 7.96 -43.61 -9.55
N ARG E 83 7.14 -42.80 -8.89
CA ARG E 83 6.08 -43.24 -7.99
C ARG E 83 6.48 -44.46 -7.16
N PRO E 84 7.52 -44.37 -6.34
CA PRO E 84 7.72 -45.39 -5.32
C PRO E 84 6.41 -45.60 -4.57
N PRO E 85 5.86 -46.82 -4.63
CA PRO E 85 4.43 -46.98 -4.28
C PRO E 85 4.01 -46.24 -3.02
N ALA E 86 3.18 -45.23 -3.21
CA ALA E 86 2.79 -44.33 -2.12
C ALA E 86 2.05 -45.09 -1.03
N ILE E 87 2.46 -44.88 0.22
CA ILE E 87 1.74 -45.42 1.36
C ILE E 87 1.22 -44.26 2.19
N PRO E 88 0.47 -43.34 1.59
CA PRO E 88 -0.14 -42.25 2.39
C PRO E 88 -1.25 -42.81 3.27
N LYS E 89 -0.84 -43.52 4.31
CA LYS E 89 -1.77 -44.27 5.15
C LYS E 89 -2.93 -43.40 5.60
N THR E 90 -4.15 -43.93 5.46
CA THR E 90 -5.34 -43.20 5.86
C THR E 90 -5.21 -42.72 7.29
N THR E 91 -6.05 -41.77 7.68
CA THR E 91 -5.97 -41.17 9.01
C THR E 91 -5.74 -42.23 10.07
N PHE E 92 -4.65 -42.07 10.83
CA PHE E 92 -4.34 -42.96 11.94
C PHE E 92 -5.16 -42.67 13.17
N SER E 93 -6.28 -41.94 13.01
CA SER E 93 -7.17 -41.60 14.11
C SER E 93 -7.34 -42.78 15.05
N THR E 94 -7.49 -43.99 14.49
CA THR E 94 -7.45 -45.18 15.34
C THR E 94 -6.07 -45.33 15.97
N GLU E 95 -5.01 -45.26 15.16
CA GLU E 95 -3.66 -45.36 15.69
C GLU E 95 -3.32 -44.18 16.59
N ASN E 96 -3.81 -42.98 16.25
CA ASN E 96 -3.55 -41.81 17.09
C ASN E 96 -4.23 -41.96 18.45
N ASP E 97 -5.49 -42.40 18.46
CA ASP E 97 -6.17 -42.66 19.72
C ASP E 97 -5.48 -43.76 20.51
N MET E 98 -4.99 -44.79 19.81
CA MET E 98 -4.27 -45.86 20.48
C MET E 98 -3.01 -45.31 21.15
N GLU E 99 -2.26 -44.47 20.43
CA GLU E 99 -1.06 -43.88 21.02
C GLU E 99 -1.40 -43.00 22.22
N ILE E 100 -2.44 -42.18 22.09
CA ILE E 100 -2.82 -41.30 23.20
C ILE E 100 -3.22 -42.12 24.42
N LYS E 101 -4.03 -43.15 24.22
CA LYS E 101 -4.49 -43.98 25.32
C LYS E 101 -3.33 -44.73 25.96
N VAL E 102 -2.41 -45.25 25.14
CA VAL E 102 -1.26 -45.97 25.67
C VAL E 102 -0.39 -45.03 26.50
N GLU E 103 -0.18 -43.81 26.00
CA GLU E 103 0.60 -42.83 26.75
C GLU E 103 -0.08 -42.51 28.07
N GLU E 104 -1.40 -42.34 28.06
CA GLU E 104 -2.11 -42.05 29.30
C GLU E 104 -2.00 -43.21 30.28
N SER E 105 -2.15 -44.45 29.79
CA SER E 105 -2.06 -45.62 30.65
C SER E 105 -0.67 -45.78 31.25
N LEU E 106 0.38 -45.55 30.45
CA LEU E 106 1.72 -45.55 31.01
C LEU E 106 1.87 -44.45 32.06
N MET E 107 1.34 -43.26 31.76
CA MET E 107 1.25 -42.19 32.73
C MET E 107 0.13 -42.42 33.74
N MET E 108 -0.74 -43.40 33.49
CA MET E 108 -1.78 -43.72 34.46
C MET E 108 -1.15 -44.32 35.72
N PRO E 109 -1.48 -43.78 36.88
CA PRO E 109 -0.87 -44.29 38.12
C PRO E 109 -1.67 -45.44 38.72
N ALA E 110 -1.20 -45.96 39.86
CA ALA E 110 -1.94 -47.00 40.54
C ALA E 110 -3.33 -46.51 40.91
N VAL E 111 -4.31 -47.41 40.83
CA VAL E 111 -5.72 -47.08 41.00
C VAL E 111 -6.17 -47.54 42.37
N PHE E 112 -6.67 -46.61 43.18
CA PHE E 112 -7.27 -46.89 44.46
C PHE E 112 -8.73 -46.45 44.41
N HIS E 113 -9.64 -47.41 44.30
CA HIS E 113 -11.06 -47.23 44.10
C HIS E 113 -11.41 -46.88 42.65
N THR E 114 -10.42 -46.71 41.77
CA THR E 114 -10.66 -46.51 40.36
C THR E 114 -10.56 -47.81 39.56
N VAL E 115 -10.71 -48.95 40.24
CA VAL E 115 -10.48 -50.24 39.60
C VAL E 115 -11.49 -50.49 38.49
N ALA E 116 -12.73 -50.02 38.67
CA ALA E 116 -13.74 -50.24 37.63
C ALA E 116 -13.38 -49.51 36.34
N SER E 117 -13.02 -48.23 36.45
CA SER E 117 -12.61 -47.49 35.26
C SER E 117 -11.34 -48.09 34.66
N ARG E 118 -10.41 -48.52 35.50
CA ARG E 118 -9.18 -49.13 35.00
C ARG E 118 -9.47 -50.40 34.24
N THR E 119 -10.38 -51.24 34.75
CA THR E 119 -10.75 -52.46 34.04
C THR E 119 -11.47 -52.15 32.73
N GLN E 120 -12.33 -51.13 32.73
CA GLN E 120 -13.00 -50.74 31.49
C GLN E 120 -11.98 -50.30 30.46
N LEU E 121 -11.01 -49.46 30.85
CA LEU E 121 -9.98 -49.04 29.93
C LEU E 121 -9.11 -50.20 29.47
N ALA E 122 -8.80 -51.13 30.37
CA ALA E 122 -8.01 -52.30 29.99
C ALA E 122 -8.75 -53.17 28.99
N LEU E 123 -10.06 -53.36 29.17
CA LEU E 123 -10.84 -54.14 28.23
C LEU E 123 -10.90 -53.43 26.87
N GLU E 124 -11.10 -52.12 26.88
CA GLU E 124 -11.08 -51.37 25.63
C GLU E 124 -9.74 -51.51 24.94
N MET E 125 -8.65 -51.44 25.71
CA MET E 125 -7.32 -51.57 25.15
C MET E 125 -7.09 -52.96 24.58
N TYR E 126 -7.57 -54.00 25.27
CA TYR E 126 -7.43 -55.36 24.77
C TYR E 126 -8.22 -55.56 23.48
N GLU E 127 -9.43 -55.03 23.41
CA GLU E 127 -10.22 -55.14 22.19
C GLU E 127 -9.54 -54.39 21.04
N VAL E 128 -9.04 -53.18 21.31
CA VAL E 128 -8.37 -52.42 20.28
C VAL E 128 -7.09 -53.11 19.85
N ALA E 129 -6.38 -53.73 20.80
CA ALA E 129 -5.16 -54.45 20.48
C ALA E 129 -5.46 -55.65 19.61
N LYS E 130 -6.54 -56.37 19.91
CA LYS E 130 -6.96 -57.47 19.05
C LYS E 130 -7.34 -56.97 17.66
N LYS E 131 -8.07 -55.86 17.57
CA LYS E 131 -8.44 -55.32 16.27
C LYS E 131 -7.21 -54.91 15.47
N LEU E 132 -6.23 -54.29 16.14
CA LEU E 132 -5.00 -53.90 15.46
C LEU E 132 -4.15 -55.11 15.07
N CYS E 133 -4.12 -56.14 15.91
CA CYS E 133 -3.42 -57.36 15.54
C CYS E 133 -4.06 -58.00 14.32
N SER E 134 -5.39 -57.98 14.24
CA SER E 134 -6.07 -58.48 13.06
C SER E 134 -5.77 -57.61 11.84
N PHE E 135 -5.74 -56.29 12.01
CA PHE E 135 -5.42 -55.41 10.90
C PHE E 135 -3.99 -55.67 10.41
N CYS E 136 -3.06 -55.84 11.33
CA CYS E 136 -1.68 -56.17 10.97
C CYS E 136 -1.56 -57.55 10.35
N GLU E 137 -2.40 -58.50 10.77
CA GLU E 137 -2.42 -59.80 10.13
C GLU E 137 -2.91 -59.68 8.69
N GLY E 138 -3.96 -58.89 8.47
CA GLY E 138 -4.38 -58.58 7.12
C GLY E 138 -3.31 -57.86 6.34
N LEU E 139 -2.49 -57.05 7.03
CA LEU E 139 -1.37 -56.39 6.38
C LEU E 139 -0.30 -57.39 5.95
N VAL E 140 0.02 -58.35 6.81
CA VAL E 140 0.99 -59.38 6.43
C VAL E 140 0.44 -60.23 5.30
N HIS E 141 -0.87 -60.47 5.33
CA HIS E 141 -1.53 -61.14 4.20
C HIS E 141 -1.40 -60.31 2.94
N ASP E 142 -1.56 -58.99 3.05
CA ASP E 142 -1.42 -58.12 1.88
C ASP E 142 0.04 -58.07 1.43
N GLU E 143 0.98 -58.33 2.34
CA GLU E 143 2.38 -58.45 1.93
C GLU E 143 2.60 -59.73 1.13
N HIS E 144 2.08 -60.85 1.62
CA HIS E 144 2.06 -62.06 0.83
C HIS E 144 1.31 -61.84 -0.47
N LEU E 145 0.33 -60.94 -0.47
CA LEU E 145 -0.44 -60.63 -1.66
C LEU E 145 0.36 -59.79 -2.65
N GLN E 146 1.21 -58.90 -2.14
CA GLN E 146 2.18 -58.22 -3.00
C GLN E 146 3.16 -59.22 -3.57
N HIS E 147 3.54 -60.23 -2.78
CA HIS E 147 4.38 -61.30 -3.30
C HIS E 147 3.67 -62.07 -4.41
N GLN E 148 2.37 -62.32 -4.24
CA GLN E 148 1.60 -63.00 -5.29
C GLN E 148 1.46 -62.12 -6.52
N GLY E 149 1.25 -60.81 -6.32
CA GLY E 149 1.23 -59.89 -7.44
C GLY E 149 2.57 -59.82 -8.15
N TRP E 150 3.66 -60.00 -7.40
CA TRP E 150 4.98 -60.07 -8.03
C TRP E 150 5.13 -61.36 -8.84
N ALA E 151 4.60 -62.46 -8.32
CA ALA E 151 4.55 -63.69 -9.10
C ALA E 151 3.75 -63.48 -10.38
N ALA E 152 2.62 -62.78 -10.27
CA ALA E 152 1.81 -62.47 -11.45
C ALA E 152 2.57 -61.57 -12.42
N ILE E 153 3.33 -60.62 -11.90
CA ILE E 153 4.13 -59.76 -12.76
C ILE E 153 5.20 -60.56 -13.48
N MET E 154 5.85 -61.48 -12.77
CA MET E 154 6.84 -62.34 -13.41
C MET E 154 6.19 -63.21 -14.49
N ALA E 155 4.98 -63.72 -14.21
CA ALA E 155 4.27 -64.51 -15.20
C ALA E 155 3.91 -63.68 -16.43
N ASN E 156 3.42 -62.46 -16.21
CA ASN E 156 3.11 -61.57 -17.32
C ASN E 156 4.35 -61.22 -18.12
N LEU E 157 5.46 -60.96 -17.43
CA LEU E 157 6.73 -60.74 -18.12
C LEU E 157 7.09 -61.96 -18.96
N GLU E 158 7.02 -63.15 -18.38
CA GLU E 158 7.36 -64.35 -19.12
C GLU E 158 6.47 -64.49 -20.35
N ASP E 159 5.18 -64.23 -20.20
CA ASP E 159 4.22 -64.33 -21.29
C ASP E 159 4.53 -63.35 -22.42
N CYS E 160 4.57 -62.07 -22.10
CA CYS E 160 4.87 -61.06 -23.11
C CYS E 160 6.23 -61.34 -23.75
N SER E 161 7.18 -61.79 -22.95
CA SER E 161 8.50 -62.15 -23.45
C SER E 161 8.40 -63.32 -24.42
N ASN E 162 7.54 -64.28 -24.12
CA ASN E 162 7.37 -65.41 -25.03
C ASN E 162 6.77 -64.96 -26.34
N SER E 163 5.77 -64.07 -26.31
CA SER E 163 5.20 -63.55 -27.55
C SER E 163 6.27 -62.82 -28.36
N TYR E 164 7.00 -61.91 -27.71
CA TYR E 164 8.03 -61.13 -28.40
C TYR E 164 9.12 -62.03 -28.94
N GLN E 165 9.58 -63.00 -28.14
CA GLN E 165 10.60 -63.93 -28.59
C GLN E 165 10.10 -64.74 -29.77
N LYS E 166 8.87 -65.23 -29.70
CA LYS E 166 8.28 -65.91 -30.84
C LYS E 166 8.46 -65.09 -32.09
N LEU E 167 7.86 -63.89 -32.13
CA LEU E 167 7.90 -63.09 -33.35
C LEU E 167 9.34 -62.78 -33.77
N LEU E 168 10.13 -62.24 -32.84
CA LEU E 168 11.47 -61.79 -33.15
C LEU E 168 12.36 -62.95 -33.59
N PHE E 169 12.59 -63.92 -32.70
CA PHE E 169 13.44 -65.05 -33.04
C PHE E 169 12.93 -65.77 -34.27
N LYS E 170 11.62 -65.73 -34.54
CA LYS E 170 11.12 -66.29 -35.78
C LYS E 170 11.70 -65.57 -36.98
N PHE E 171 11.45 -64.26 -37.09
CA PHE E 171 12.00 -63.51 -38.20
C PHE E 171 13.50 -63.73 -38.29
N GLU E 172 14.17 -63.68 -37.13
CA GLU E 172 15.63 -63.78 -37.11
C GLU E 172 16.11 -65.11 -37.65
N SER E 173 15.75 -66.22 -36.98
CA SER E 173 16.20 -67.52 -37.42
C SER E 173 15.82 -67.76 -38.88
N ILE E 174 14.63 -67.32 -39.27
CA ILE E 174 14.23 -67.45 -40.67
C ILE E 174 15.26 -66.81 -41.58
N TYR E 175 15.69 -65.58 -41.23
CA TYR E 175 16.77 -64.98 -42.00
C TYR E 175 18.07 -65.77 -41.86
N SER E 176 18.25 -66.49 -40.74
CA SER E 176 19.49 -67.20 -40.50
C SER E 176 19.77 -68.20 -41.62
N ASN E 177 18.80 -69.06 -41.93
CA ASN E 177 18.91 -69.88 -43.12
C ASN E 177 18.70 -69.05 -44.36
N TYR E 178 17.98 -67.93 -44.24
CA TYR E 178 17.78 -67.04 -45.37
C TYR E 178 19.09 -66.51 -45.91
N LEU E 179 20.19 -66.68 -45.17
CA LEU E 179 21.49 -66.28 -45.68
C LEU E 179 21.78 -66.94 -47.03
N GLN E 180 21.84 -68.27 -47.06
CA GLN E 180 21.89 -68.97 -48.33
C GLN E 180 20.66 -68.64 -49.16
N SER E 181 19.50 -68.61 -48.50
CA SER E 181 18.31 -68.09 -49.15
C SER E 181 18.53 -66.67 -49.63
N ILE E 182 19.44 -65.93 -48.98
CA ILE E 182 19.81 -64.61 -49.47
C ILE E 182 20.59 -64.70 -50.78
N GLU E 183 21.46 -65.70 -50.92
CA GLU E 183 22.11 -65.91 -52.22
C GLU E 183 21.07 -66.27 -53.28
N ASP E 184 20.11 -67.11 -52.92
CA ASP E 184 19.02 -67.40 -53.85
C ASP E 184 18.27 -66.13 -54.21
N ILE E 185 18.07 -65.24 -53.22
CA ILE E 185 17.41 -63.98 -53.47
C ILE E 185 18.24 -63.11 -54.40
N LYS E 186 19.57 -63.20 -54.30
CA LYS E 186 20.44 -62.46 -55.20
C LYS E 186 20.28 -62.97 -56.63
N LEU E 187 20.26 -64.29 -56.79
CA LEU E 187 19.98 -64.86 -58.10
C LEU E 187 18.62 -64.39 -58.61
N LYS E 188 17.63 -64.36 -57.71
CA LYS E 188 16.32 -63.85 -58.05
C LYS E 188 16.35 -62.38 -58.42
N LEU E 189 17.26 -61.60 -57.85
CA LEU E 189 17.36 -60.18 -58.22
C LEU E 189 17.99 -60.02 -59.59
N THR E 190 18.96 -60.87 -59.92
CA THR E 190 19.43 -60.95 -61.30
C THR E 190 18.26 -61.27 -62.22
N HIS E 191 17.51 -62.31 -61.88
CA HIS E 191 16.31 -62.64 -62.65
C HIS E 191 15.33 -61.49 -62.65
N LEU E 192 15.39 -60.63 -61.63
CA LEU E 192 14.49 -59.50 -61.54
C LEU E 192 14.86 -58.42 -62.54
N GLY E 193 16.15 -58.13 -62.66
CA GLY E 193 16.59 -57.27 -63.74
C GLY E 193 16.23 -57.84 -65.09
N THR E 194 16.38 -59.16 -65.24
CA THR E 194 15.96 -59.83 -66.47
C THR E 194 14.48 -59.62 -66.73
N ALA E 195 13.67 -59.74 -65.67
CA ALA E 195 12.22 -59.60 -65.82
C ALA E 195 11.84 -58.16 -66.12
N VAL E 196 12.58 -57.20 -65.56
CA VAL E 196 12.35 -55.80 -65.91
C VAL E 196 12.62 -55.60 -67.39
N SER E 197 13.71 -56.18 -67.89
CA SER E 197 13.98 -56.11 -69.32
C SER E 197 12.86 -56.75 -70.13
N VAL E 198 12.38 -57.91 -69.68
CA VAL E 198 11.32 -58.60 -70.41
C VAL E 198 10.05 -57.76 -70.45
N MET E 199 9.67 -57.20 -69.30
CA MET E 199 8.48 -56.37 -69.24
C MET E 199 8.62 -55.16 -70.14
N ALA E 200 9.79 -54.53 -70.15
CA ALA E 200 10.06 -53.50 -71.14
C ALA E 200 9.84 -54.04 -72.54
N LYS E 201 10.24 -55.30 -72.76
CA LYS E 201 10.02 -55.99 -74.03
C LYS E 201 8.63 -56.58 -74.13
N ILE E 202 7.82 -56.52 -73.08
CA ILE E 202 6.47 -57.09 -73.10
C ILE E 202 5.49 -56.03 -72.61
N PRO E 203 5.35 -54.91 -73.31
CA PRO E 203 4.36 -53.91 -72.89
C PRO E 203 2.94 -54.46 -73.03
N LEU E 204 2.07 -54.01 -72.14
CA LEU E 204 0.67 -54.44 -72.16
C LEU E 204 -0.23 -53.38 -71.53
N SER E 307 -6.65 -67.05 -70.13
CA SER E 307 -7.50 -66.51 -69.08
C SER E 307 -6.70 -66.26 -67.80
N LEU E 308 -5.86 -67.23 -67.44
CA LEU E 308 -5.00 -67.06 -66.26
C LEU E 308 -4.17 -65.78 -66.38
N LEU E 309 -3.80 -65.43 -67.60
CA LEU E 309 -3.11 -64.16 -67.83
C LEU E 309 -3.93 -63.00 -67.26
N ASP E 310 -5.26 -63.09 -67.36
CA ASP E 310 -6.11 -62.04 -66.80
C ASP E 310 -5.90 -61.92 -65.29
N TRP E 311 -5.87 -63.06 -64.60
CA TRP E 311 -5.65 -63.02 -63.16
C TRP E 311 -4.28 -62.47 -62.82
N ILE E 312 -3.26 -62.85 -63.59
CA ILE E 312 -1.92 -62.34 -63.32
C ILE E 312 -1.87 -60.84 -63.51
N ASN E 313 -2.48 -60.33 -64.58
CA ASN E 313 -2.50 -58.88 -64.81
C ASN E 313 -3.26 -58.17 -63.71
N VAL E 314 -4.40 -58.73 -63.28
CA VAL E 314 -5.13 -58.14 -62.16
C VAL E 314 -4.24 -58.05 -60.94
N GLN E 315 -3.49 -59.12 -60.66
CA GLN E 315 -2.49 -59.07 -59.60
C GLN E 315 -1.46 -57.98 -59.87
N ASP E 316 -1.21 -57.67 -61.14
CA ASP E 316 -0.23 -56.64 -61.48
C ASP E 316 -0.75 -55.24 -61.16
N ARG E 317 -2.07 -55.06 -61.15
CA ARG E 317 -2.62 -53.73 -60.93
C ARG E 317 -2.21 -53.11 -59.60
N PRO E 318 -2.26 -53.82 -58.47
CA PRO E 318 -1.89 -53.20 -57.18
C PRO E 318 -0.44 -53.39 -56.80
N ASN E 319 0.40 -53.94 -57.68
CA ASN E 319 1.80 -54.19 -57.42
C ASN E 319 2.64 -53.60 -58.56
N ASP E 320 2.42 -52.32 -58.84
CA ASP E 320 2.98 -51.66 -60.01
C ASP E 320 4.49 -51.92 -60.11
N VAL E 321 5.02 -51.73 -61.31
CA VAL E 321 6.40 -52.09 -61.60
C VAL E 321 7.36 -51.27 -60.75
N GLU E 322 7.17 -49.95 -60.73
CA GLU E 322 8.04 -49.10 -59.92
C GLU E 322 7.94 -49.45 -58.44
N SER E 323 6.72 -49.74 -57.98
CA SER E 323 6.54 -50.14 -56.59
C SER E 323 7.29 -51.43 -56.29
N LEU E 324 7.22 -52.41 -57.19
CA LEU E 324 7.93 -53.67 -56.95
C LEU E 324 9.44 -53.47 -56.99
N VAL E 325 9.93 -52.64 -57.90
CA VAL E 325 11.37 -52.38 -57.97
C VAL E 325 11.84 -51.72 -56.68
N ARG E 326 11.12 -50.70 -56.23
CA ARG E 326 11.45 -50.06 -54.96
C ARG E 326 11.37 -51.06 -53.82
N LYS E 327 10.38 -51.96 -53.87
CA LYS E 327 10.23 -52.98 -52.85
C LYS E 327 11.48 -53.84 -52.77
N CYS E 328 11.92 -54.36 -53.91
CA CYS E 328 13.13 -55.19 -53.93
C CYS E 328 14.34 -54.41 -53.43
N PHE E 329 14.48 -53.17 -53.89
CA PHE E 329 15.64 -52.36 -53.52
C PHE E 329 15.68 -52.14 -52.01
N ASP E 330 14.57 -51.67 -51.44
CA ASP E 330 14.52 -51.44 -49.99
C ASP E 330 14.67 -52.74 -49.23
N SER E 331 14.05 -53.82 -49.72
CA SER E 331 14.17 -55.11 -49.08
C SER E 331 15.63 -55.51 -48.95
N MET E 332 16.40 -55.35 -50.01
CA MET E 332 17.83 -55.62 -49.94
C MET E 332 18.52 -54.66 -48.97
N SER E 333 18.25 -53.35 -49.13
CA SER E 333 18.99 -52.35 -48.37
C SER E 333 18.79 -52.54 -46.88
N ARG E 334 17.56 -52.38 -46.41
CA ARG E 334 17.29 -52.69 -45.01
C ARG E 334 17.66 -54.13 -44.71
N LEU E 335 17.62 -54.99 -45.73
CA LEU E 335 18.08 -56.37 -45.63
C LEU E 335 19.58 -56.46 -45.45
N ASP E 336 20.29 -55.32 -45.42
CA ASP E 336 21.70 -55.33 -45.12
C ASP E 336 21.91 -56.25 -43.93
N PRO E 337 22.64 -57.36 -44.11
CA PRO E 337 22.66 -58.40 -43.07
C PRO E 337 22.97 -57.84 -41.69
N ARG E 338 23.86 -56.85 -41.64
CA ARG E 338 24.09 -56.15 -40.38
C ARG E 338 22.80 -55.55 -39.84
N ILE E 339 21.94 -55.05 -40.72
CA ILE E 339 20.67 -54.49 -40.25
C ILE E 339 19.96 -55.49 -39.35
N ILE E 340 20.20 -56.78 -39.57
CA ILE E 340 19.65 -57.79 -38.67
C ILE E 340 20.63 -58.07 -37.54
N ARG E 341 21.84 -58.49 -37.87
CA ARG E 341 22.83 -58.82 -36.84
C ARG E 341 22.98 -57.69 -35.83
N PRO E 342 23.14 -56.44 -36.24
CA PRO E 342 23.00 -55.34 -35.27
C PRO E 342 21.63 -55.30 -34.64
N PHE E 343 20.57 -55.37 -35.44
CA PHE E 343 19.24 -55.49 -34.86
C PHE E 343 19.12 -56.79 -34.06
N ILE E 344 19.94 -57.79 -34.39
CA ILE E 344 19.98 -59.01 -33.59
C ILE E 344 20.47 -58.70 -32.19
N ALA E 345 21.60 -58.00 -32.10
CA ALA E 345 22.10 -57.56 -30.81
C ALA E 345 21.04 -56.72 -30.11
N GLU E 346 20.32 -55.91 -30.89
CA GLU E 346 19.29 -55.06 -30.33
C GLU E 346 18.18 -55.87 -29.69
N CYS E 347 17.68 -56.89 -30.39
CA CYS E 347 16.61 -57.72 -29.84
C CYS E 347 17.10 -58.49 -28.62
N ARG E 348 18.32 -59.04 -28.71
CA ARG E 348 18.90 -59.69 -27.55
C ARG E 348 18.99 -58.73 -26.37
N GLN E 349 19.29 -57.45 -26.64
CA GLN E 349 19.37 -56.46 -25.57
C GLN E 349 17.99 -56.18 -24.99
N THR E 350 16.97 -56.10 -25.83
CA THR E 350 15.61 -55.92 -25.32
C THR E 350 15.23 -57.08 -24.40
N ILE E 351 15.52 -58.29 -24.85
CA ILE E 351 15.27 -59.51 -24.08
C ILE E 351 15.96 -59.38 -22.73
N ALA E 352 17.26 -59.12 -22.75
CA ALA E 352 18.02 -58.96 -21.51
C ALA E 352 17.39 -57.91 -20.61
N LYS E 353 17.03 -56.76 -21.18
CA LYS E 353 16.40 -55.69 -20.43
C LYS E 353 15.23 -56.27 -19.67
N LEU E 354 14.46 -57.11 -20.35
CA LEU E 354 13.50 -57.94 -19.65
C LEU E 354 14.19 -58.83 -18.61
N ASP E 355 15.34 -59.38 -18.97
CA ASP E 355 16.00 -60.43 -18.18
C ASP E 355 16.76 -59.90 -16.96
N ASN E 356 16.06 -59.35 -15.97
CA ASN E 356 16.69 -58.95 -14.70
C ASN E 356 16.48 -60.07 -13.68
N GLN E 357 17.43 -61.01 -13.67
CA GLN E 357 17.28 -62.20 -12.82
C GLN E 357 17.22 -61.85 -11.35
N ASN E 358 18.08 -60.93 -10.89
CA ASN E 358 18.12 -60.61 -9.47
C ASN E 358 16.81 -60.01 -8.98
N MET E 359 16.10 -59.29 -9.85
CA MET E 359 14.86 -58.63 -9.44
C MET E 359 13.87 -59.65 -8.88
N LYS E 360 13.64 -60.74 -9.60
CA LYS E 360 12.71 -61.76 -9.11
C LYS E 360 13.27 -62.45 -7.87
N ALA E 361 14.49 -62.95 -7.96
CA ALA E 361 15.20 -63.51 -6.80
C ALA E 361 15.76 -62.37 -5.96
N ILE E 362 14.83 -61.61 -5.37
CA ILE E 362 15.24 -60.47 -4.54
C ILE E 362 16.01 -60.97 -3.32
N LYS E 363 15.31 -61.68 -2.43
CA LYS E 363 15.98 -62.28 -1.28
C LYS E 363 15.43 -63.66 -0.96
N GLY E 364 14.69 -64.29 -1.86
CA GLY E 364 13.84 -65.40 -1.46
C GLY E 364 12.69 -64.84 -0.66
N LEU E 365 11.86 -64.03 -1.32
CA LEU E 365 10.83 -63.26 -0.65
C LEU E 365 10.04 -64.10 0.35
N GLU E 366 9.94 -65.41 0.11
CA GLU E 366 9.32 -66.29 1.08
C GLU E 366 10.14 -66.37 2.36
N ASP E 367 11.46 -66.27 2.25
CA ASP E 367 12.31 -66.33 3.43
C ASP E 367 11.97 -65.22 4.42
N ARG E 368 11.74 -64.01 3.90
CA ARG E 368 11.38 -62.89 4.77
C ARG E 368 9.90 -62.90 5.11
N LEU E 369 9.06 -63.36 4.18
CA LEU E 369 7.63 -63.47 4.47
C LEU E 369 7.38 -64.45 5.61
N TYR E 370 8.24 -65.45 5.77
CA TYR E 370 8.13 -66.35 6.91
C TYR E 370 8.35 -65.61 8.22
N ALA E 371 9.37 -64.74 8.27
CA ALA E 371 9.59 -63.94 9.46
C ALA E 371 8.43 -62.99 9.70
N LEU E 372 7.88 -62.43 8.62
CA LEU E 372 6.72 -61.55 8.74
C LEU E 372 5.53 -62.28 9.34
N ASP E 373 5.28 -63.51 8.87
CA ASP E 373 4.19 -64.31 9.43
C ASP E 373 4.46 -64.67 10.88
N GLN E 374 5.72 -64.96 11.22
CA GLN E 374 6.05 -65.26 12.62
C GLN E 374 5.81 -64.04 13.50
N MET E 375 6.14 -62.85 13.00
CA MET E 375 5.87 -61.63 13.75
C MET E 375 4.37 -61.42 13.91
N ILE E 376 3.60 -61.70 12.86
CA ILE E 376 2.15 -61.58 12.94
C ILE E 376 1.61 -62.56 13.99
N ALA E 377 2.19 -63.76 14.03
CA ALA E 377 1.80 -64.73 15.04
C ALA E 377 2.13 -64.25 16.44
N SER E 378 3.30 -63.64 16.61
CA SER E 378 3.66 -63.08 17.92
C SER E 378 2.69 -61.98 18.32
N CYS E 379 2.28 -61.16 17.36
CA CYS E 379 1.31 -60.09 17.65
C CYS E 379 -0.04 -60.68 18.04
N GLY E 380 -0.48 -61.72 17.34
CA GLY E 380 -1.72 -62.37 17.73
C GLY E 380 -1.63 -62.99 19.11
N ARG E 381 -0.49 -63.58 19.43
CA ARG E 381 -0.29 -64.13 20.77
C ARG E 381 -0.32 -63.02 21.82
N LEU E 382 0.26 -61.86 21.50
CA LEU E 382 0.22 -60.72 22.42
C LEU E 382 -1.22 -60.25 22.62
N VAL E 383 -2.01 -60.20 21.55
CA VAL E 383 -3.42 -59.83 21.68
C VAL E 383 -4.18 -60.83 22.52
N ASN E 384 -3.91 -62.13 22.33
CA ASN E 384 -4.57 -63.16 23.14
C ASN E 384 -4.16 -63.03 24.60
N GLU E 385 -2.87 -62.73 24.86
CA GLU E 385 -2.42 -62.52 26.23
C GLU E 385 -3.08 -61.30 26.85
N GLN E 386 -3.27 -60.24 26.05
CA GLN E 386 -3.97 -59.06 26.55
C GLN E 386 -5.42 -59.39 26.89
N LYS E 387 -6.08 -60.16 26.04
CA LYS E 387 -7.44 -60.60 26.36
C LYS E 387 -7.47 -61.45 27.62
N GLU E 388 -6.49 -62.34 27.78
CA GLU E 388 -6.41 -63.17 28.98
C GLU E 388 -6.22 -62.31 30.22
N LEU E 389 -5.37 -61.28 30.12
CA LEU E 389 -5.18 -60.36 31.23
C LEU E 389 -6.42 -59.54 31.54
N ALA E 390 -7.20 -59.16 30.52
CA ALA E 390 -8.47 -58.47 30.77
C ALA E 390 -9.46 -59.38 31.47
N GLN E 391 -9.51 -60.65 31.06
CA GLN E 391 -10.37 -61.62 31.74
C GLN E 391 -9.91 -61.83 33.18
N GLY E 392 -8.59 -61.89 33.39
CA GLY E 392 -8.07 -61.93 34.75
C GLY E 392 -8.44 -60.71 35.55
N PHE E 393 -8.47 -59.55 34.89
CA PHE E 393 -8.90 -58.32 35.54
C PHE E 393 -10.37 -58.38 35.95
N LEU E 394 -11.22 -58.97 35.11
CA LEU E 394 -12.62 -59.16 35.50
C LEU E 394 -12.73 -60.12 36.68
N ALA E 395 -12.03 -61.25 36.60
CA ALA E 395 -12.02 -62.18 37.72
C ALA E 395 -11.48 -61.53 38.98
N ASN E 396 -10.55 -60.60 38.84
CA ASN E 396 -9.99 -59.88 39.98
C ASN E 396 -10.95 -58.84 40.52
N GLN E 397 -11.76 -58.22 39.66
CA GLN E 397 -12.85 -57.39 40.15
C GLN E 397 -13.81 -58.21 40.98
N LYS E 398 -14.15 -59.42 40.51
CA LYS E 398 -14.99 -60.32 41.29
C LYS E 398 -14.32 -60.67 42.62
N ARG E 399 -13.02 -60.96 42.58
CA ARG E 399 -12.30 -61.31 43.80
C ARG E 399 -12.25 -60.15 44.79
N ALA E 400 -12.08 -58.92 44.29
CA ALA E 400 -12.07 -57.76 45.17
C ALA E 400 -13.44 -57.54 45.78
N GLU E 401 -14.50 -57.74 45.00
CA GLU E 401 -15.84 -57.64 45.56
C GLU E 401 -16.08 -58.67 46.64
N ASN E 402 -15.67 -59.93 46.41
CA ASN E 402 -15.85 -60.97 47.41
C ASN E 402 -14.81 -60.86 48.53
N LEU E 403 -13.82 -59.98 48.37
CA LEU E 403 -12.67 -59.92 49.27
C LEU E 403 -12.96 -59.19 50.57
N LYS E 404 -14.19 -58.73 50.77
CA LYS E 404 -14.51 -58.00 51.99
C LYS E 404 -14.30 -58.87 53.23
N ASP E 405 -14.47 -60.18 53.08
CA ASP E 405 -14.45 -61.08 54.24
C ASP E 405 -13.26 -62.03 54.24
N ALA E 406 -13.04 -62.80 53.17
CA ALA E 406 -12.12 -63.93 53.25
C ALA E 406 -10.77 -63.67 52.60
N SER E 407 -10.58 -62.54 51.93
CA SER E 407 -9.37 -62.25 51.15
C SER E 407 -8.81 -60.88 51.53
N VAL E 408 -8.63 -60.65 52.82
CA VAL E 408 -8.41 -59.31 53.36
C VAL E 408 -6.97 -58.86 53.14
N LEU E 409 -6.22 -59.60 52.31
CA LEU E 409 -4.88 -59.13 51.96
C LEU E 409 -4.97 -57.80 51.23
N PRO E 410 -3.98 -56.91 51.45
CA PRO E 410 -4.08 -55.55 50.89
C PRO E 410 -3.39 -55.36 49.56
N ASP E 411 -3.53 -54.17 48.98
CA ASP E 411 -2.84 -53.72 47.77
C ASP E 411 -3.42 -54.30 46.49
N LEU E 412 -4.66 -54.81 46.53
CA LEU E 412 -5.23 -55.47 45.36
C LEU E 412 -5.45 -54.48 44.21
N CYS E 413 -6.07 -53.33 44.51
CA CYS E 413 -6.34 -52.35 43.46
C CYS E 413 -5.05 -51.81 42.87
N LEU E 414 -4.05 -51.55 43.72
CA LEU E 414 -2.76 -51.08 43.24
C LEU E 414 -2.12 -52.12 42.33
N SER E 415 -2.16 -53.40 42.74
CA SER E 415 -1.59 -54.45 41.91
C SER E 415 -2.30 -54.53 40.57
N HIS E 416 -3.64 -54.42 40.58
CA HIS E 416 -4.39 -54.48 39.33
C HIS E 416 -4.00 -53.33 38.40
N ALA E 417 -3.91 -52.12 38.94
CA ALA E 417 -3.53 -50.97 38.12
C ALA E 417 -2.13 -51.14 37.55
N ASN E 418 -1.19 -51.61 38.39
CA ASN E 418 0.18 -51.80 37.92
C ASN E 418 0.25 -52.85 36.82
N GLN E 419 -0.46 -53.96 36.99
CA GLN E 419 -0.47 -55.00 35.96
C GLN E 419 -1.07 -54.47 34.66
N LEU E 420 -2.15 -53.70 34.77
CA LEU E 420 -2.74 -53.10 33.58
C LEU E 420 -1.76 -52.20 32.87
N MET E 421 -1.05 -51.35 33.62
CA MET E 421 -0.08 -50.45 33.00
C MET E 421 1.06 -51.23 32.35
N ILE E 422 1.55 -52.28 33.02
CA ILE E 422 2.65 -53.06 32.46
C ILE E 422 2.23 -53.73 31.16
N MET E 423 1.05 -54.35 31.16
CA MET E 423 0.56 -54.98 29.94
C MET E 423 0.34 -53.97 28.84
N LEU E 424 -0.15 -52.77 29.19
CA LEU E 424 -0.34 -51.73 28.19
C LEU E 424 0.99 -51.32 27.58
N GLN E 425 2.04 -51.17 28.39
CA GLN E 425 3.35 -50.84 27.86
C GLN E 425 3.85 -51.95 26.94
N ASN E 426 3.69 -53.20 27.37
CA ASN E 426 4.12 -54.32 26.53
C ASN E 426 3.43 -54.29 25.18
N HIS E 427 2.10 -54.08 25.18
CA HIS E 427 1.35 -54.05 23.93
C HIS E 427 1.78 -52.87 23.06
N ARG E 428 1.94 -51.70 23.66
CA ARG E 428 2.41 -50.55 22.89
C ARG E 428 3.76 -50.84 22.25
N LYS E 429 4.60 -51.61 22.93
CA LYS E 429 5.88 -51.99 22.34
C LYS E 429 5.67 -52.68 21.00
N LEU E 430 4.81 -53.71 20.96
CA LEU E 430 4.52 -54.39 19.71
C LEU E 430 3.87 -53.44 18.71
N LEU E 431 3.08 -52.49 19.21
CA LEU E 431 2.52 -51.46 18.34
C LEU E 431 3.61 -50.74 17.57
N ASP E 432 4.80 -50.62 18.18
CA ASP E 432 5.93 -50.03 17.48
C ASP E 432 6.31 -50.84 16.24
N ILE E 433 6.50 -52.15 16.41
CA ILE E 433 6.80 -52.99 15.26
C ILE E 433 5.67 -52.94 14.25
N LYS E 434 4.44 -52.79 14.73
CA LYS E 434 3.29 -52.69 13.84
C LYS E 434 3.41 -51.48 12.94
N GLN E 435 3.69 -50.31 13.51
CA GLN E 435 3.88 -49.11 12.71
C GLN E 435 5.11 -49.23 11.81
N LYS E 436 6.16 -49.87 12.30
CA LYS E 436 7.34 -50.09 11.46
C LYS E 436 6.98 -50.90 10.23
N CYS E 437 6.14 -51.92 10.38
CA CYS E 437 5.68 -52.69 9.23
C CYS E 437 4.76 -51.85 8.35
N THR E 438 3.94 -50.99 8.96
CA THR E 438 3.11 -50.08 8.17
C THR E 438 3.96 -49.25 7.22
N THR E 439 5.10 -48.76 7.70
CA THR E 439 6.01 -48.00 6.84
C THR E 439 6.75 -48.93 5.88
N ALA E 440 7.17 -50.10 6.36
CA ALA E 440 7.84 -51.06 5.49
C ALA E 440 6.94 -51.45 4.32
N LYS E 441 5.62 -51.27 4.48
CA LYS E 441 4.73 -51.45 3.34
C LYS E 441 5.22 -50.62 2.15
N GLN E 442 5.27 -49.29 2.33
CA GLN E 442 5.75 -48.42 1.25
C GLN E 442 7.22 -48.70 0.95
N GLU E 443 7.98 -49.11 1.96
CA GLU E 443 9.39 -49.39 1.73
C GLU E 443 9.57 -50.51 0.70
N LEU E 444 9.07 -51.70 1.01
CA LEU E 444 9.12 -52.80 0.05
C LEU E 444 8.37 -52.45 -1.23
N ALA E 445 7.37 -51.57 -1.13
CA ALA E 445 6.66 -51.16 -2.32
C ALA E 445 7.59 -50.48 -3.32
N ASN E 446 8.39 -49.52 -2.85
CA ASN E 446 9.37 -48.88 -3.72
C ASN E 446 10.46 -49.87 -4.13
N ASN E 447 10.89 -50.71 -3.19
CA ASN E 447 11.91 -51.72 -3.52
C ASN E 447 11.47 -52.57 -4.70
N LEU E 448 10.18 -52.91 -4.75
CA LEU E 448 9.65 -53.66 -5.90
C LEU E 448 9.50 -52.76 -7.11
N HIS E 449 8.87 -51.60 -6.93
CA HIS E 449 8.71 -50.64 -8.03
C HIS E 449 10.01 -50.47 -8.79
N VAL E 450 11.15 -50.64 -8.13
CA VAL E 450 12.44 -50.60 -8.80
C VAL E 450 12.49 -51.62 -9.94
N ARG E 451 12.41 -52.91 -9.59
CA ARG E 451 12.50 -53.95 -10.61
C ARG E 451 11.31 -53.87 -11.55
N LEU E 452 10.17 -53.44 -11.04
CA LEU E 452 8.99 -53.16 -11.84
C LEU E 452 9.35 -52.25 -13.00
N LYS E 453 9.85 -51.06 -12.69
CA LYS E 453 10.24 -50.10 -13.72
C LYS E 453 11.31 -50.70 -14.63
N TRP E 454 12.25 -51.45 -14.06
CA TRP E 454 13.23 -52.14 -14.88
C TRP E 454 12.56 -52.92 -16.00
N CYS E 455 11.68 -53.85 -15.61
CA CYS E 455 11.00 -54.69 -16.59
C CYS E 455 10.12 -53.86 -17.50
N CYS E 456 9.47 -52.82 -16.97
CA CYS E 456 8.52 -52.03 -17.75
C CYS E 456 9.25 -51.23 -18.83
N PHE E 457 10.40 -50.64 -18.49
CA PHE E 457 11.20 -49.97 -19.49
C PHE E 457 11.73 -50.94 -20.51
N VAL E 458 12.17 -52.13 -20.06
CA VAL E 458 12.50 -53.17 -21.01
C VAL E 458 11.32 -53.41 -21.94
N MET E 459 10.11 -53.34 -21.38
CA MET E 459 8.90 -53.60 -22.14
C MET E 459 8.65 -52.51 -23.19
N LEU E 460 8.83 -51.25 -22.81
CA LEU E 460 8.60 -50.16 -23.75
C LEU E 460 9.64 -50.16 -24.86
N HIS E 461 10.91 -50.36 -24.49
CA HIS E 461 11.95 -50.49 -25.49
C HIS E 461 11.68 -51.66 -26.41
N ALA E 462 11.33 -52.82 -25.84
CA ALA E 462 10.97 -53.96 -26.68
C ALA E 462 9.65 -53.74 -27.37
N ASP E 463 8.88 -52.72 -26.98
CA ASP E 463 7.68 -52.36 -27.71
C ASP E 463 8.05 -51.64 -29.01
N GLN E 464 9.00 -50.72 -28.93
CA GLN E 464 9.62 -50.23 -30.15
C GLN E 464 10.21 -51.38 -30.94
N ASP E 465 10.91 -52.28 -30.25
CA ASP E 465 11.48 -53.45 -30.88
C ASP E 465 10.41 -54.31 -31.54
N GLY E 466 9.21 -54.36 -30.97
CA GLY E 466 8.15 -55.16 -31.54
C GLY E 466 7.46 -54.51 -32.70
N GLU E 467 7.40 -53.18 -32.72
CA GLU E 467 7.07 -52.51 -33.97
C GLU E 467 8.08 -52.88 -35.05
N LYS E 468 9.37 -52.84 -34.70
CA LYS E 468 10.40 -53.30 -35.62
C LYS E 468 10.20 -54.76 -35.99
N LEU E 469 9.69 -55.58 -35.06
CA LEU E 469 9.54 -57.01 -35.31
C LEU E 469 8.35 -57.30 -36.22
N GLN E 470 7.27 -56.52 -36.07
CA GLN E 470 6.19 -56.58 -37.04
C GLN E 470 6.68 -56.17 -38.41
N ALA E 471 7.53 -55.13 -38.46
CA ALA E 471 8.15 -54.77 -39.73
C ALA E 471 9.00 -55.92 -40.27
N LEU E 472 9.73 -56.60 -39.40
CA LEU E 472 10.59 -57.71 -39.82
C LEU E 472 9.76 -58.88 -40.35
N LEU E 473 8.65 -59.18 -39.68
CA LEU E 473 7.69 -60.13 -40.22
C LEU E 473 7.33 -59.68 -41.63
N ARG E 474 6.71 -58.50 -41.74
CA ARG E 474 6.31 -57.97 -43.05
C ARG E 474 7.42 -58.14 -44.07
N LEU E 475 8.67 -57.95 -43.64
CA LEU E 475 9.80 -57.99 -44.57
C LEU E 475 10.09 -59.41 -45.02
N VAL E 476 10.18 -60.35 -44.08
CA VAL E 476 10.42 -61.75 -44.45
C VAL E 476 9.27 -62.28 -45.30
N ILE E 477 8.04 -61.89 -44.96
CA ILE E 477 6.89 -62.22 -45.79
C ILE E 477 7.09 -61.69 -47.19
N GLU E 478 7.21 -60.37 -47.32
CA GLU E 478 7.52 -59.77 -48.61
C GLU E 478 8.54 -60.61 -49.33
N LEU E 479 9.65 -60.92 -48.68
CA LEU E 479 10.71 -61.73 -49.27
C LEU E 479 10.16 -63.01 -49.90
N LEU E 480 9.56 -63.87 -49.09
CA LEU E 480 9.20 -65.21 -49.59
C LEU E 480 7.99 -65.19 -50.51
N GLU E 481 6.91 -64.54 -50.06
CA GLU E 481 5.71 -64.46 -50.88
C GLU E 481 5.98 -63.76 -52.20
N ARG E 482 6.74 -62.67 -52.17
CA ARG E 482 7.18 -62.04 -53.41
C ARG E 482 8.03 -63.00 -54.22
N VAL E 483 8.92 -63.74 -53.58
CA VAL E 483 9.73 -64.70 -54.31
C VAL E 483 8.79 -65.47 -55.21
N LYS E 484 7.81 -66.14 -54.60
CA LYS E 484 6.90 -66.96 -55.40
C LYS E 484 6.12 -66.14 -56.41
N ILE E 485 5.26 -65.23 -55.92
CA ILE E 485 4.29 -64.55 -56.78
C ILE E 485 4.97 -63.67 -57.81
N VAL E 486 5.97 -62.89 -57.40
CA VAL E 486 6.69 -62.04 -58.33
C VAL E 486 7.59 -62.83 -59.27
N GLU E 487 8.09 -64.01 -58.87
CA GLU E 487 8.74 -64.86 -59.86
C GLU E 487 7.76 -65.23 -60.96
N ALA E 488 6.54 -65.60 -60.56
CA ALA E 488 5.49 -65.86 -61.54
C ALA E 488 5.24 -64.64 -62.42
N LEU E 489 5.04 -63.48 -61.78
CA LEU E 489 4.70 -62.26 -62.51
C LEU E 489 5.83 -61.80 -63.42
N SER E 490 7.08 -62.09 -63.05
CA SER E 490 8.26 -61.68 -63.80
C SER E 490 8.59 -62.66 -64.91
N THR E 491 8.14 -63.91 -64.78
CA THR E 491 8.28 -64.85 -65.89
C THR E 491 7.73 -64.26 -67.18
N VAL E 492 6.61 -63.55 -67.09
CA VAL E 492 6.03 -62.85 -68.22
C VAL E 492 5.78 -63.82 -69.37
#